data_9CRW
#
_entry.id   9CRW
#
_cell.length_a   83.960
_cell.length_b   104.570
_cell.length_c   118.780
_cell.angle_alpha   90.00
_cell.angle_beta   93.37
_cell.angle_gamma   90.00
#
_symmetry.space_group_name_H-M   'P 1 21 1'
#
_entity_poly.entity_id   1
_entity_poly.type   'polypeptide(L)'
_entity_poly.pdbx_seq_one_letter_code
;NKRKDLESKVFKILFESLESTRKAIAKQNQEKWKKYFILAKRKLLLSQKIETELVLEQRDDIDINSLSIASGNESESVFK
IYDLCEQLISKIEYQLPQLESQYSQPTDLDYILEDSAMQTLKRLQDEEGWTEHHSAIYRQSIQSMKREVHTDLLLYSSIL
YDNLIHDLSIFFYIPREIGNFINNISNPTSLNEANQELLYNMTLGLENLLNGEFDSAMEHYAMDYMKNKVES
;
_entity_poly.pdbx_strand_id   D,C,A,B,E,F,G,H
#
# COMPACT_ATOMS: atom_id res chain seq x y z
N ASN A 1 1.98 64.90 -13.39
CA ASN A 1 1.91 64.11 -12.17
C ASN A 1 0.49 64.04 -11.61
N LYS A 2 -0.51 64.32 -12.46
CA LYS A 2 -1.90 64.15 -12.02
C LYS A 2 -2.18 62.70 -11.64
N ARG A 3 -1.66 61.76 -12.44
CA ARG A 3 -1.69 60.33 -12.12
C ARG A 3 -0.63 59.93 -11.11
N LYS A 4 0.41 60.74 -10.88
CA LYS A 4 1.30 60.49 -9.76
C LYS A 4 0.58 60.71 -8.44
N ASP A 5 -0.05 61.88 -8.26
CA ASP A 5 -0.84 62.07 -7.05
C ASP A 5 -2.02 61.11 -7.02
N LEU A 6 -2.60 60.77 -8.18
CA LEU A 6 -3.57 59.68 -8.24
C LEU A 6 -3.04 58.40 -7.57
N GLU A 7 -1.98 57.79 -8.14
CA GLU A 7 -1.45 56.54 -7.60
C GLU A 7 -1.00 56.72 -6.15
N SER A 8 -0.31 57.82 -5.83
CA SER A 8 0.20 58.06 -4.49
C SER A 8 -0.93 58.11 -3.46
N LYS A 9 -2.01 58.81 -3.76
CA LYS A 9 -3.04 58.97 -2.75
C LYS A 9 -4.08 57.85 -2.79
N VAL A 10 -4.22 57.11 -3.91
CA VAL A 10 -5.01 55.89 -3.87
C VAL A 10 -4.26 54.81 -3.08
N PHE A 11 -2.94 54.86 -3.06
CA PHE A 11 -2.21 54.07 -2.09
C PHE A 11 -2.46 54.60 -0.67
N LYS A 12 -2.45 55.93 -0.52
CA LYS A 12 -2.61 56.54 0.80
C LYS A 12 -3.94 56.14 1.45
N ILE A 13 -5.02 56.18 0.67
CA ILE A 13 -6.34 55.80 1.19
C ILE A 13 -6.32 54.34 1.63
N LEU A 14 -5.63 53.48 0.88
CA LEU A 14 -5.51 52.06 1.24
C LEU A 14 -4.87 51.91 2.61
N PHE A 15 -3.69 52.51 2.77
CA PHE A 15 -3.00 52.50 4.05
C PHE A 15 -3.92 52.99 5.17
N GLU A 16 -4.69 54.05 4.92
CA GLU A 16 -5.41 54.64 6.05
C GLU A 16 -6.64 53.84 6.42
N SER A 17 -7.36 53.28 5.44
CA SER A 17 -8.41 52.32 5.75
C SER A 17 -7.86 51.17 6.58
N LEU A 18 -6.77 50.54 6.10
CA LEU A 18 -6.19 49.39 6.77
C LEU A 18 -5.81 49.74 8.21
N GLU A 19 -5.13 50.87 8.39
CA GLU A 19 -4.71 51.30 9.72
C GLU A 19 -5.90 51.57 10.63
N SER A 20 -7.00 52.06 10.06
CA SER A 20 -8.20 52.27 10.87
C SER A 20 -8.72 50.94 11.41
N THR A 21 -8.80 49.94 10.54
CA THR A 21 -9.17 48.60 11.01
C THR A 21 -8.20 48.13 12.10
N ARG A 22 -6.89 48.32 11.90
CA ARG A 22 -5.92 47.86 12.90
C ARG A 22 -6.18 48.48 14.28
N LYS A 23 -6.40 49.81 14.29
CA LYS A 23 -6.71 50.49 15.55
C LYS A 23 -8.01 49.98 16.18
N ALA A 24 -9.03 49.71 15.36
CA ALA A 24 -10.27 49.14 15.91
C ALA A 24 -10.06 47.73 16.45
N ILE A 25 -9.05 47.00 15.94
CA ILE A 25 -8.76 45.67 16.47
C ILE A 25 -8.11 45.78 17.84
N ALA A 26 -7.21 46.77 17.99
CA ALA A 26 -6.47 46.89 19.23
C ALA A 26 -7.39 47.10 20.43
N LYS A 27 -8.48 47.84 20.25
CA LYS A 27 -9.46 48.07 21.31
C LYS A 27 -10.54 46.99 21.23
N GLN A 28 -10.13 45.75 21.52
CA GLN A 28 -11.13 44.69 21.58
C GLN A 28 -10.78 43.67 22.66
N ASN A 29 -10.31 44.15 23.81
CA ASN A 29 -9.86 43.31 24.93
C ASN A 29 -10.97 42.49 25.59
N GLN A 30 -11.92 43.17 26.26
CA GLN A 30 -12.95 42.46 27.01
C GLN A 30 -13.60 41.38 26.17
N GLU A 31 -13.84 41.65 24.89
CA GLU A 31 -14.56 40.66 24.09
C GLU A 31 -13.64 39.50 23.71
N LYS A 32 -12.33 39.72 23.68
CA LYS A 32 -11.40 38.61 23.49
C LYS A 32 -11.38 37.69 24.71
N TRP A 33 -11.42 38.25 25.92
CA TRP A 33 -11.27 37.37 27.08
C TRP A 33 -12.35 36.28 27.16
N LYS A 34 -13.47 36.45 26.48
CA LYS A 34 -14.43 35.36 26.45
C LYS A 34 -13.86 34.17 25.70
N LYS A 35 -13.32 34.41 24.50
CA LYS A 35 -12.75 33.30 23.74
C LYS A 35 -11.51 32.71 24.43
N TYR A 36 -10.68 33.56 25.05
CA TYR A 36 -9.57 33.05 25.87
C TYR A 36 -10.07 32.01 26.86
N PHE A 37 -11.10 32.39 27.62
CA PHE A 37 -11.60 31.54 28.69
C PHE A 37 -12.18 30.24 28.14
N ILE A 38 -12.89 30.32 27.00
CA ILE A 38 -13.49 29.10 26.42
C ILE A 38 -12.41 28.09 26.01
N LEU A 39 -11.34 28.58 25.36
CA LEU A 39 -10.24 27.67 24.97
C LEU A 39 -9.55 27.05 26.19
N ALA A 40 -9.16 27.89 27.17
CA ALA A 40 -8.59 27.37 28.42
C ALA A 40 -9.52 26.34 29.08
N LYS A 41 -10.82 26.66 29.20
CA LYS A 41 -11.76 25.79 29.89
C LYS A 41 -11.91 24.45 29.16
N ARG A 42 -11.99 24.50 27.82
CA ARG A 42 -12.11 23.27 27.06
C ARG A 42 -10.93 22.34 27.33
N LYS A 43 -9.69 22.89 27.31
CA LYS A 43 -8.53 22.02 27.57
C LYS A 43 -8.56 21.46 28.99
N LEU A 44 -8.94 22.29 29.97
CA LEU A 44 -9.12 21.78 31.33
C LEU A 44 -10.12 20.62 31.38
N LEU A 45 -11.22 20.73 30.64
CA LEU A 45 -12.23 19.69 30.80
C LEU A 45 -11.84 18.42 30.06
N LEU A 46 -11.19 18.56 28.89
CA LEU A 46 -10.64 17.39 28.20
C LEU A 46 -9.63 16.63 29.06
N SER A 47 -8.83 17.37 29.83
CA SER A 47 -7.93 16.69 30.75
C SER A 47 -8.72 15.95 31.84
N GLN A 48 -9.66 16.66 32.49
CA GLN A 48 -10.48 16.06 33.56
C GLN A 48 -11.13 14.77 33.06
N LYS A 49 -11.70 14.82 31.85
CA LYS A 49 -12.33 13.66 31.25
C LYS A 49 -11.37 12.48 31.14
N ILE A 50 -10.17 12.71 30.56
CA ILE A 50 -9.24 11.58 30.36
C ILE A 50 -8.83 10.98 31.70
N GLU A 51 -8.53 11.84 32.68
CA GLU A 51 -8.10 11.33 33.97
C GLU A 51 -9.21 10.53 34.67
N THR A 52 -10.47 10.97 34.51
CA THR A 52 -11.57 10.20 35.07
C THR A 52 -11.81 8.89 34.31
N GLU A 53 -11.78 8.95 32.97
CA GLU A 53 -11.82 7.73 32.16
C GLU A 53 -10.78 6.73 32.63
N LEU A 54 -9.56 7.21 32.91
CA LEU A 54 -8.47 6.31 33.31
C LEU A 54 -8.77 5.67 34.66
N VAL A 55 -9.36 6.44 35.60
CA VAL A 55 -9.87 5.80 36.82
C VAL A 55 -10.87 4.69 36.46
N LEU A 56 -11.93 5.05 35.73
CA LEU A 56 -13.05 4.13 35.49
C LEU A 56 -12.60 2.86 34.78
N GLU A 57 -11.50 2.95 34.04
CA GLU A 57 -11.00 1.86 33.24
C GLU A 57 -10.41 0.74 34.09
N GLN A 58 -10.05 1.01 35.34
CA GLN A 58 -9.48 -0.06 36.15
C GLN A 58 -10.55 -0.88 36.85
N ARG A 59 -11.81 -0.67 36.49
CA ARG A 59 -12.94 -1.37 37.09
C ARG A 59 -13.06 -2.79 36.50
N ASP A 60 -12.74 -3.80 37.31
CA ASP A 60 -12.90 -5.20 36.89
C ASP A 60 -13.43 -5.99 38.10
N ASP A 61 -14.75 -6.04 38.23
CA ASP A 61 -15.37 -6.61 39.43
C ASP A 61 -15.25 -8.14 39.43
N ILE A 62 -14.88 -8.71 40.58
CA ILE A 62 -14.85 -10.16 40.75
C ILE A 62 -15.97 -10.55 41.71
N ASP A 63 -16.77 -11.54 41.32
CA ASP A 63 -17.87 -11.99 42.17
C ASP A 63 -17.35 -12.63 43.45
N ILE A 64 -18.06 -12.35 44.55
CA ILE A 64 -17.61 -12.83 45.85
C ILE A 64 -17.91 -14.32 45.99
N ASN A 65 -17.27 -14.94 46.96
CA ASN A 65 -17.53 -16.35 47.20
C ASN A 65 -18.51 -16.52 48.35
N SER A 66 -19.20 -17.65 48.32
CA SER A 66 -19.90 -18.17 49.49
C SER A 66 -19.00 -18.23 50.72
N LEU A 67 -17.67 -18.35 50.51
CA LEU A 67 -16.66 -18.55 51.54
C LEU A 67 -16.04 -17.25 52.04
N SER A 68 -16.33 -16.13 51.39
CA SER A 68 -15.66 -14.88 51.73
C SER A 68 -15.93 -14.50 53.17
N ILE A 69 -14.82 -14.23 53.89
CA ILE A 69 -14.85 -13.89 55.30
C ILE A 69 -14.90 -12.38 55.52
N ALA A 70 -14.63 -11.59 54.48
CA ALA A 70 -14.44 -10.14 54.58
C ALA A 70 -15.65 -9.45 55.20
N SER A 71 -15.41 -8.23 55.68
CA SER A 71 -16.43 -7.39 56.28
C SER A 71 -16.20 -5.97 55.80
N GLY A 72 -17.18 -5.11 56.00
CA GLY A 72 -17.01 -3.69 55.81
C GLY A 72 -17.88 -3.14 54.69
N ASN A 73 -17.90 -1.81 54.62
CA ASN A 73 -18.70 -1.06 53.66
C ASN A 73 -17.88 -0.58 52.47
N GLU A 74 -16.62 -1.01 52.37
CA GLU A 74 -15.71 -0.41 51.40
C GLU A 74 -16.21 -0.58 49.97
N SER A 75 -16.80 -1.73 49.66
CA SER A 75 -17.29 -1.96 48.31
C SER A 75 -18.43 -0.99 47.94
N GLU A 76 -19.28 -0.61 48.90
CA GLU A 76 -20.34 0.38 48.64
C GLU A 76 -19.75 1.73 48.28
N SER A 77 -18.77 2.19 49.08
CA SER A 77 -18.05 3.42 48.78
C SER A 77 -17.46 3.40 47.37
N VAL A 78 -16.80 2.30 47.03
CA VAL A 78 -16.15 2.23 45.72
C VAL A 78 -17.17 2.32 44.60
N PHE A 79 -18.30 1.60 44.74
CA PHE A 79 -19.29 1.67 43.68
C PHE A 79 -19.88 3.07 43.56
N LYS A 80 -20.08 3.78 44.68
CA LYS A 80 -20.57 5.15 44.54
C LYS A 80 -19.54 6.02 43.80
N ILE A 81 -18.25 5.80 44.08
CA ILE A 81 -17.20 6.56 43.37
C ILE A 81 -17.27 6.29 41.87
N TYR A 82 -17.41 5.01 41.49
CA TYR A 82 -17.55 4.70 40.06
C TYR A 82 -18.76 5.43 39.47
N ASP A 83 -19.83 5.49 40.24
CA ASP A 83 -21.01 6.19 39.76
C ASP A 83 -20.69 7.65 39.49
N LEU A 84 -20.05 8.31 40.45
CA LEU A 84 -19.71 9.72 40.30
C LEU A 84 -18.75 9.94 39.13
N CYS A 85 -17.86 8.98 38.86
CA CYS A 85 -17.00 9.07 37.67
C CYS A 85 -17.84 9.12 36.40
N GLU A 86 -18.83 8.23 36.32
CA GLU A 86 -19.73 8.24 35.14
C GLU A 86 -20.51 9.55 35.05
N GLN A 87 -20.90 10.08 36.21
CA GLN A 87 -21.65 11.34 36.20
C GLN A 87 -20.78 12.48 35.69
N LEU A 88 -19.51 12.50 36.10
CA LEU A 88 -18.58 13.53 35.63
C LEU A 88 -18.34 13.40 34.13
N ILE A 89 -18.08 12.18 33.64
CA ILE A 89 -17.90 11.99 32.21
C ILE A 89 -19.11 12.51 31.44
N SER A 90 -20.32 12.25 31.96
CA SER A 90 -21.55 12.79 31.38
C SER A 90 -21.55 14.32 31.37
N LYS A 91 -21.37 14.93 32.56
CA LYS A 91 -21.34 16.38 32.67
C LYS A 91 -20.43 16.99 31.61
N ILE A 92 -19.21 16.45 31.47
CA ILE A 92 -18.23 17.04 30.57
C ILE A 92 -18.64 16.83 29.13
N GLU A 93 -19.05 15.58 28.79
CA GLU A 93 -19.59 15.31 27.47
C GLU A 93 -20.69 16.28 27.10
N TYR A 94 -21.53 16.66 28.08
CA TYR A 94 -22.60 17.61 27.81
C TYR A 94 -22.05 19.01 27.55
N GLN A 95 -21.12 19.49 28.38
CA GLN A 95 -20.82 20.91 28.28
C GLN A 95 -19.76 21.25 27.23
N LEU A 96 -19.04 20.28 26.67
CA LEU A 96 -18.13 20.64 25.57
C LEU A 96 -18.85 21.21 24.33
N PRO A 97 -19.89 20.56 23.78
CA PRO A 97 -20.61 21.19 22.65
C PRO A 97 -21.19 22.54 23.00
N GLN A 98 -21.53 22.76 24.27
CA GLN A 98 -21.88 24.09 24.71
C GLN A 98 -20.76 25.07 24.36
N LEU A 99 -19.57 24.84 24.92
CA LEU A 99 -18.41 25.72 24.70
C LEU A 99 -18.15 25.96 23.22
N GLU A 100 -18.18 24.89 22.42
CA GLU A 100 -18.08 25.06 20.97
C GLU A 100 -19.12 26.05 20.44
N SER A 101 -20.37 25.94 20.90
CA SER A 101 -21.40 26.85 20.42
C SER A 101 -21.10 28.28 20.84
N GLN A 102 -20.67 28.47 22.08
CA GLN A 102 -20.41 29.83 22.56
C GLN A 102 -19.27 30.47 21.78
N TYR A 103 -18.19 29.71 21.54
CA TYR A 103 -17.07 30.22 20.77
C TYR A 103 -17.50 30.58 19.35
N SER A 104 -18.28 29.71 18.74
CA SER A 104 -18.84 29.93 17.42
C SER A 104 -19.76 31.17 17.32
N GLN A 105 -20.17 31.78 18.43
CA GLN A 105 -21.02 32.97 18.31
C GLN A 105 -20.20 34.16 17.77
N PRO A 106 -20.76 34.90 16.81
CA PRO A 106 -19.99 36.02 16.22
C PRO A 106 -19.91 37.22 17.15
N THR A 107 -18.74 37.87 17.16
CA THR A 107 -18.46 39.00 18.02
C THR A 107 -18.17 40.24 17.19
N ASP A 108 -18.01 41.38 17.87
CA ASP A 108 -17.74 42.60 17.12
C ASP A 108 -16.32 42.63 16.55
N LEU A 109 -15.42 41.79 17.06
CA LEU A 109 -14.23 41.47 16.29
C LEU A 109 -14.61 40.85 14.94
N ASP A 110 -15.45 39.81 14.95
CA ASP A 110 -15.95 39.25 13.69
C ASP A 110 -16.57 40.33 12.80
N TYR A 111 -17.24 41.33 13.39
CA TYR A 111 -17.94 42.32 12.57
C TYR A 111 -16.96 43.30 11.92
N ILE A 112 -15.89 43.68 12.64
CA ILE A 112 -14.87 44.54 12.04
C ILE A 112 -14.13 43.82 10.91
N LEU A 113 -13.77 42.54 11.12
CA LEU A 113 -13.02 41.85 10.07
C LEU A 113 -13.91 41.32 8.93
N GLU A 114 -15.20 41.06 9.18
CA GLU A 114 -16.05 40.44 8.18
C GLU A 114 -16.99 41.51 7.62
N ASP A 115 -18.19 41.70 8.20
CA ASP A 115 -19.16 42.63 7.62
C ASP A 115 -18.53 43.99 7.30
N SER A 116 -17.95 44.64 8.31
CA SER A 116 -17.54 46.02 8.14
C SER A 116 -16.42 46.16 7.11
N ALA A 117 -15.50 45.20 7.06
CA ALA A 117 -14.34 45.31 6.15
C ALA A 117 -14.77 45.16 4.69
N MET A 118 -15.61 44.15 4.41
CA MET A 118 -16.19 43.99 3.07
C MET A 118 -17.04 45.19 2.69
N GLN A 119 -17.64 45.88 3.68
CA GLN A 119 -18.40 47.08 3.35
C GLN A 119 -17.49 48.25 3.00
N THR A 120 -16.32 48.37 3.66
CA THR A 120 -15.37 49.42 3.27
C THR A 120 -14.74 49.14 1.90
N LEU A 121 -14.52 47.86 1.59
CA LEU A 121 -13.89 47.51 0.31
C LEU A 121 -14.72 48.01 -0.86
N LYS A 122 -16.04 47.85 -0.78
CA LYS A 122 -16.91 48.17 -1.92
C LYS A 122 -16.90 49.67 -2.21
N ARG A 123 -16.87 50.50 -1.16
CA ARG A 123 -16.74 51.93 -1.39
C ARG A 123 -15.36 52.27 -1.94
N LEU A 124 -14.32 51.55 -1.52
CA LEU A 124 -13.01 51.78 -2.12
C LEU A 124 -12.96 51.34 -3.58
N GLN A 125 -13.84 50.44 -3.99
CA GLN A 125 -13.90 49.97 -5.37
C GLN A 125 -14.58 50.94 -6.33
N ASP A 126 -15.19 52.01 -5.81
CA ASP A 126 -15.76 53.09 -6.61
C ASP A 126 -14.86 54.32 -6.60
N GLU A 127 -13.59 54.14 -6.27
CA GLU A 127 -12.61 55.19 -6.22
C GLU A 127 -11.86 55.32 -7.56
N GLU A 128 -11.34 56.52 -7.78
CA GLU A 128 -10.65 56.83 -9.03
C GLU A 128 -9.22 56.28 -8.99
N GLY A 129 -8.85 55.52 -10.02
CA GLY A 129 -7.55 54.90 -10.04
C GLY A 129 -7.43 53.67 -9.17
N TRP A 130 -8.54 53.16 -8.64
CA TRP A 130 -8.54 51.92 -7.88
C TRP A 130 -8.65 50.73 -8.84
N THR A 131 -7.94 49.64 -8.53
CA THR A 131 -7.95 48.48 -9.40
C THR A 131 -7.94 47.21 -8.55
N GLU A 132 -8.31 46.09 -9.18
CA GLU A 132 -8.47 44.85 -8.45
C GLU A 132 -7.18 44.40 -7.77
N HIS A 133 -6.02 44.91 -8.20
CA HIS A 133 -4.79 44.68 -7.46
C HIS A 133 -4.84 45.35 -6.10
N HIS A 134 -5.33 46.60 -6.06
CA HIS A 134 -5.57 47.26 -4.78
C HIS A 134 -6.48 46.40 -3.89
N SER A 135 -7.55 45.85 -4.48
CA SER A 135 -8.49 45.04 -3.72
C SER A 135 -7.84 43.77 -3.18
N ALA A 136 -6.93 43.19 -3.96
CA ALA A 136 -6.23 42.00 -3.49
C ALA A 136 -5.35 42.33 -2.28
N ILE A 137 -4.66 43.47 -2.33
CA ILE A 137 -3.87 43.88 -1.17
C ILE A 137 -4.78 44.13 0.03
N TYR A 138 -5.98 44.70 -0.20
CA TYR A 138 -6.93 44.91 0.89
C TYR A 138 -7.33 43.59 1.56
N ARG A 139 -7.88 42.66 0.76
CA ARG A 139 -8.25 41.34 1.27
C ARG A 139 -7.09 40.66 2.00
N GLN A 140 -5.87 40.75 1.44
CA GLN A 140 -4.69 40.10 2.03
C GLN A 140 -4.39 40.67 3.41
N SER A 141 -4.39 41.99 3.53
CA SER A 141 -4.11 42.61 4.82
C SER A 141 -5.18 42.26 5.85
N ILE A 142 -6.45 42.24 5.44
CA ILE A 142 -7.52 41.87 6.36
C ILE A 142 -7.31 40.45 6.86
N GLN A 143 -7.07 39.49 5.95
CA GLN A 143 -6.90 38.10 6.38
C GLN A 143 -5.66 37.94 7.28
N SER A 144 -4.64 38.75 7.04
CA SER A 144 -3.52 38.79 7.97
C SER A 144 -3.98 39.24 9.35
N MET A 145 -4.91 40.19 9.42
CA MET A 145 -5.40 40.68 10.72
C MET A 145 -6.24 39.61 11.43
N LYS A 146 -7.11 38.93 10.69
CA LYS A 146 -7.85 37.80 11.28
C LYS A 146 -6.86 36.84 11.92
N ARG A 147 -5.77 36.54 11.18
CA ARG A 147 -4.78 35.57 11.67
C ARG A 147 -4.04 36.08 12.90
N GLU A 148 -3.72 37.38 12.94
CA GLU A 148 -3.13 37.96 14.15
C GLU A 148 -4.03 37.76 15.37
N VAL A 149 -5.32 38.03 15.19
CA VAL A 149 -6.31 37.78 16.24
C VAL A 149 -6.24 36.33 16.70
N HIS A 150 -6.28 35.40 15.75
CA HIS A 150 -6.17 33.99 16.09
C HIS A 150 -4.93 33.71 16.92
N THR A 151 -3.82 34.38 16.59
CA THR A 151 -2.59 34.11 17.31
C THR A 151 -2.72 34.53 18.76
N ASP A 152 -3.20 35.76 18.96
CA ASP A 152 -3.64 36.24 20.28
C ASP A 152 -4.47 35.19 21.01
N LEU A 153 -5.44 34.62 20.31
CA LEU A 153 -6.32 33.66 20.97
C LEU A 153 -5.54 32.46 21.49
N LEU A 154 -4.75 31.83 20.60
CA LEU A 154 -4.04 30.61 20.99
C LEU A 154 -3.02 30.90 22.09
N LEU A 155 -2.28 31.99 21.93
CA LEU A 155 -1.25 32.36 22.90
C LEU A 155 -1.84 32.65 24.27
N TYR A 156 -2.80 33.58 24.35
CA TYR A 156 -3.28 33.98 25.67
C TYR A 156 -4.08 32.87 26.31
N SER A 157 -4.80 32.03 25.53
CA SER A 157 -5.50 30.93 26.16
C SER A 157 -4.53 29.91 26.73
N SER A 158 -3.39 29.71 26.07
CA SER A 158 -2.40 28.78 26.61
C SER A 158 -1.81 29.30 27.91
N ILE A 159 -1.49 30.59 27.95
CA ILE A 159 -0.94 31.16 29.17
C ILE A 159 -1.96 31.09 30.30
N LEU A 160 -3.23 31.39 29.98
CA LEU A 160 -4.25 31.36 31.02
C LEU A 160 -4.42 29.95 31.56
N TYR A 161 -4.38 28.96 30.68
CA TYR A 161 -4.46 27.58 31.15
C TYR A 161 -3.30 27.26 32.10
N ASP A 162 -2.08 27.67 31.73
CA ASP A 162 -0.91 27.43 32.57
C ASP A 162 -1.06 28.02 33.95
N ASN A 163 -1.73 29.18 34.05
CA ASN A 163 -1.95 29.78 35.36
C ASN A 163 -3.11 29.11 36.10
N LEU A 164 -4.20 28.81 35.37
CA LEU A 164 -5.34 28.15 35.98
C LEU A 164 -4.93 26.84 36.63
N ILE A 165 -4.03 26.08 35.98
CA ILE A 165 -3.78 24.74 36.47
C ILE A 165 -3.14 24.79 37.86
N HIS A 166 -2.47 25.90 38.21
CA HIS A 166 -2.04 26.10 39.59
C HIS A 166 -3.17 26.63 40.45
N ASP A 167 -3.88 27.66 39.95
CA ASP A 167 -5.02 28.18 40.71
C ASP A 167 -5.95 27.05 41.16
N LEU A 168 -6.18 26.10 40.28
CA LEU A 168 -7.18 25.07 40.53
C LEU A 168 -6.59 23.84 41.24
N SER A 169 -5.34 23.91 41.71
CA SER A 169 -4.64 22.80 42.36
C SER A 169 -5.48 22.05 43.41
N ILE A 170 -6.33 22.77 44.14
CA ILE A 170 -7.03 22.12 45.25
C ILE A 170 -8.00 21.05 44.77
N PHE A 171 -8.60 21.22 43.58
CA PHE A 171 -9.53 20.26 43.00
C PHE A 171 -8.86 19.00 42.44
N PHE A 172 -7.54 18.99 42.26
CA PHE A 172 -6.86 17.82 41.69
C PHE A 172 -6.74 16.72 42.75
N TYR A 173 -7.90 16.13 43.04
CA TYR A 173 -8.09 15.29 44.22
C TYR A 173 -7.25 14.03 44.18
N ILE A 174 -6.80 13.62 43.01
CA ILE A 174 -6.36 12.24 42.86
C ILE A 174 -4.84 12.10 43.08
N PRO A 175 -3.98 13.01 42.57
CA PRO A 175 -2.62 13.07 43.13
C PRO A 175 -2.62 13.43 44.60
N ARG A 176 -3.52 14.34 45.00
CA ARG A 176 -3.56 14.76 46.39
C ARG A 176 -3.92 13.61 47.30
N GLU A 177 -4.80 12.74 46.84
CA GLU A 177 -5.19 11.66 47.71
C GLU A 177 -4.16 10.55 47.72
N ILE A 178 -3.52 10.27 46.57
CA ILE A 178 -2.43 9.31 46.67
C ILE A 178 -1.34 9.83 47.61
N GLY A 179 -1.07 11.13 47.54
CA GLY A 179 -0.28 11.77 48.58
C GLY A 179 -0.71 11.39 49.98
N ASN A 180 -1.85 11.93 50.44
CA ASN A 180 -2.29 11.72 51.83
C ASN A 180 -2.24 10.26 52.23
N PHE A 181 -2.51 9.36 51.28
CA PHE A 181 -2.46 7.94 51.59
C PHE A 181 -1.06 7.50 51.93
N ILE A 182 -0.12 7.77 51.01
CA ILE A 182 1.28 7.40 51.21
C ILE A 182 1.83 7.99 52.50
N ASN A 183 1.45 9.23 52.80
CA ASN A 183 1.93 9.87 54.02
C ASN A 183 1.36 9.21 55.27
N ASN A 184 0.13 8.70 55.21
CA ASN A 184 -0.42 8.01 56.38
C ASN A 184 0.23 6.66 56.59
N ILE A 185 0.50 5.93 55.51
CA ILE A 185 0.99 4.56 55.62
C ILE A 185 2.29 4.45 56.44
N SER A 186 3.17 5.45 56.34
CA SER A 186 4.45 5.41 57.07
C SER A 186 4.23 5.34 58.59
N ASN A 187 3.18 5.97 59.09
CA ASN A 187 2.72 5.71 60.43
C ASN A 187 1.85 4.46 60.42
N PRO A 188 2.36 3.27 60.80
CA PRO A 188 1.54 2.03 60.67
C PRO A 188 0.27 2.02 61.51
N THR A 189 -0.37 0.87 61.72
CA THR A 189 -1.70 0.72 62.31
C THR A 189 -2.82 1.65 61.84
N SER A 190 -2.50 2.71 61.12
CA SER A 190 -3.51 3.60 60.56
C SER A 190 -3.95 3.18 59.17
N LEU A 191 -3.68 1.95 58.74
CA LEU A 191 -3.88 1.61 57.33
C LEU A 191 -5.36 1.64 56.98
N ASN A 192 -6.18 0.92 57.75
CA ASN A 192 -7.62 0.93 57.49
C ASN A 192 -8.19 2.34 57.61
N GLU A 193 -7.74 3.11 58.62
CA GLU A 193 -8.11 4.51 58.70
C GLU A 193 -7.81 5.26 57.40
N ALA A 194 -6.63 4.98 56.81
CA ALA A 194 -6.21 5.68 55.59
C ALA A 194 -7.08 5.30 54.40
N ASN A 195 -7.39 4.00 54.25
CA ASN A 195 -8.37 3.61 53.23
C ASN A 195 -9.66 4.41 53.36
N GLN A 196 -10.17 4.55 54.60
CA GLN A 196 -11.42 5.31 54.78
C GLN A 196 -11.22 6.76 54.34
N GLU A 197 -10.11 7.38 54.77
CA GLU A 197 -9.84 8.76 54.38
C GLU A 197 -9.76 8.90 52.86
N LEU A 198 -9.20 7.90 52.19
CA LEU A 198 -9.05 7.99 50.74
C LEU A 198 -10.40 7.85 50.04
N LEU A 199 -11.18 6.81 50.40
CA LEU A 199 -12.50 6.68 49.77
C LEU A 199 -13.33 7.94 50.00
N TYR A 200 -13.26 8.49 51.21
CA TYR A 200 -14.06 9.66 51.55
C TYR A 200 -13.63 10.87 50.72
N ASN A 201 -12.30 11.07 50.58
CA ASN A 201 -11.79 12.25 49.90
C ASN A 201 -11.96 12.15 48.38
N MET A 202 -11.83 10.95 47.81
CA MET A 202 -12.19 10.77 46.41
C MET A 202 -13.65 11.12 46.18
N THR A 203 -14.55 10.58 47.01
CA THR A 203 -15.96 10.91 46.88
C THR A 203 -16.15 12.43 46.89
N LEU A 204 -15.57 13.11 47.89
CA LEU A 204 -15.74 14.55 47.99
C LEU A 204 -15.24 15.27 46.73
N GLY A 205 -13.97 14.99 46.32
CA GLY A 205 -13.38 15.71 45.20
C GLY A 205 -14.11 15.46 43.88
N LEU A 206 -14.59 14.24 43.69
CA LEU A 206 -15.50 13.98 42.58
C LEU A 206 -16.73 14.86 42.68
N GLU A 207 -17.32 14.98 43.88
CA GLU A 207 -18.52 15.81 44.00
C GLU A 207 -18.20 17.27 43.67
N ASN A 208 -17.05 17.77 44.13
CA ASN A 208 -16.66 19.14 43.85
C ASN A 208 -16.41 19.36 42.35
N LEU A 209 -16.00 18.32 41.63
CA LEU A 209 -15.89 18.52 40.19
C LEU A 209 -17.26 18.50 39.54
N LEU A 210 -18.18 17.71 40.12
CA LEU A 210 -19.50 17.49 39.56
C LEU A 210 -20.45 18.66 39.83
N ASN A 211 -20.38 19.24 41.03
CA ASN A 211 -21.46 20.08 41.56
C ASN A 211 -21.32 21.55 41.17
N GLY A 212 -20.38 21.89 40.30
CA GLY A 212 -20.31 23.25 39.78
C GLY A 212 -19.38 24.17 40.52
N GLU A 213 -18.86 23.75 41.68
CA GLU A 213 -17.84 24.57 42.35
C GLU A 213 -16.60 24.68 41.49
N PHE A 214 -16.21 23.59 40.82
CA PHE A 214 -15.03 23.64 39.97
C PHE A 214 -15.20 24.63 38.82
N ASP A 215 -16.38 24.63 38.19
CA ASP A 215 -16.62 25.60 37.12
C ASP A 215 -16.64 27.05 37.66
N SER A 216 -17.20 27.25 38.86
CA SER A 216 -17.17 28.58 39.47
C SER A 216 -15.74 29.04 39.71
N ALA A 217 -14.95 28.20 40.38
CA ALA A 217 -13.56 28.53 40.67
C ALA A 217 -12.80 28.85 39.40
N MET A 218 -13.08 28.10 38.32
CA MET A 218 -12.41 28.34 37.05
C MET A 218 -12.71 29.73 36.51
N GLU A 219 -13.99 30.09 36.44
CA GLU A 219 -14.39 31.41 35.94
C GLU A 219 -13.85 32.53 36.84
N HIS A 220 -13.91 32.31 38.15
CA HIS A 220 -13.43 33.32 39.10
C HIS A 220 -11.93 33.59 38.90
N TYR A 221 -11.12 32.53 38.86
CA TYR A 221 -9.68 32.73 38.67
C TYR A 221 -9.37 33.36 37.32
N ALA A 222 -10.08 32.94 36.27
CA ALA A 222 -9.84 33.55 34.97
C ALA A 222 -10.11 35.06 35.00
N MET A 223 -11.18 35.48 35.67
CA MET A 223 -11.45 36.91 35.84
C MET A 223 -10.30 37.63 36.54
N ASP A 224 -9.86 37.05 37.67
CA ASP A 224 -8.77 37.68 38.42
C ASP A 224 -7.54 37.87 37.54
N TYR A 225 -7.25 36.91 36.65
CA TYR A 225 -6.09 37.06 35.78
C TYR A 225 -6.35 38.10 34.70
N MET A 226 -7.59 38.19 34.21
CA MET A 226 -7.93 39.21 33.22
C MET A 226 -7.62 40.60 33.74
N LYS A 227 -8.10 40.92 34.95
CA LYS A 227 -7.82 42.21 35.58
C LYS A 227 -6.31 42.49 35.71
N ASN A 228 -5.52 41.49 36.08
CA ASN A 228 -4.05 41.65 36.14
C ASN A 228 -3.36 41.11 34.88
N LYS B 2 -0.58 50.76 -21.17
CA LYS B 2 -0.12 52.13 -20.96
C LYS B 2 0.61 52.24 -19.63
N ARG B 3 0.36 53.28 -18.83
CA ARG B 3 0.78 53.21 -17.43
C ARG B 3 -0.05 52.18 -16.66
N LYS B 4 -1.24 51.85 -17.18
CA LYS B 4 -2.03 50.76 -16.62
C LYS B 4 -1.24 49.45 -16.66
N ASP B 5 -0.61 49.15 -17.82
CA ASP B 5 0.17 47.91 -17.89
C ASP B 5 1.45 48.02 -17.07
N LEU B 6 1.96 49.24 -16.85
CA LEU B 6 3.06 49.43 -15.89
C LEU B 6 2.64 49.03 -14.49
N GLU B 7 1.46 49.50 -14.07
CA GLU B 7 0.93 49.17 -12.76
C GLU B 7 0.72 47.68 -12.62
N SER B 8 0.18 47.04 -13.66
CA SER B 8 -0.01 45.58 -13.62
C SER B 8 1.33 44.85 -13.60
N LYS B 9 2.32 45.37 -14.32
CA LYS B 9 3.66 44.78 -14.30
C LYS B 9 4.26 44.83 -12.90
N VAL B 10 4.22 46.00 -12.26
CA VAL B 10 4.82 46.15 -10.95
C VAL B 10 4.03 45.37 -9.89
N PHE B 11 2.69 45.30 -10.04
CA PHE B 11 1.87 44.51 -9.12
C PHE B 11 2.13 43.01 -9.28
N LYS B 12 2.30 42.54 -10.53
CA LYS B 12 2.61 41.14 -10.76
C LYS B 12 4.00 40.77 -10.25
N ILE B 13 4.97 41.68 -10.38
CA ILE B 13 6.30 41.40 -9.86
C ILE B 13 6.28 41.36 -8.33
N LEU B 14 5.64 42.35 -7.71
CA LEU B 14 5.43 42.36 -6.26
C LEU B 14 4.81 41.05 -5.77
N PHE B 15 3.69 40.65 -6.39
CA PHE B 15 3.06 39.39 -6.02
C PHE B 15 4.01 38.20 -6.17
N GLU B 16 4.74 38.12 -7.30
CA GLU B 16 5.52 36.90 -7.55
C GLU B 16 6.73 36.80 -6.63
N SER B 17 7.34 37.93 -6.29
CA SER B 17 8.38 37.87 -5.27
C SER B 17 7.81 37.41 -3.93
N LEU B 18 6.63 37.92 -3.54
CA LEU B 18 6.02 37.47 -2.29
C LEU B 18 5.73 35.97 -2.32
N GLU B 19 5.20 35.48 -3.44
CA GLU B 19 4.83 34.07 -3.55
C GLU B 19 6.07 33.18 -3.51
N SER B 20 7.15 33.59 -4.17
CA SER B 20 8.41 32.89 -4.04
C SER B 20 8.79 32.79 -2.56
N THR B 21 8.72 33.91 -1.83
CA THR B 21 9.05 33.91 -0.41
C THR B 21 8.17 32.93 0.40
N ARG B 22 6.87 32.86 0.07
CA ARG B 22 5.99 31.97 0.83
C ARG B 22 6.32 30.50 0.56
N LYS B 23 6.46 30.15 -0.73
CA LYS B 23 6.93 28.80 -1.05
C LYS B 23 8.17 28.45 -0.24
N ALA B 24 9.12 29.38 -0.15
CA ALA B 24 10.35 29.11 0.61
C ALA B 24 10.04 28.85 2.09
N ILE B 25 9.15 29.64 2.70
CA ILE B 25 8.81 29.40 4.10
C ILE B 25 8.24 28.01 4.29
N ALA B 26 7.39 27.57 3.36
CA ALA B 26 6.66 26.31 3.53
C ALA B 26 7.63 25.13 3.68
N LYS B 27 8.70 25.11 2.88
CA LYS B 27 9.67 24.01 2.87
C LYS B 27 10.45 23.87 4.18
N GLN B 28 10.46 24.90 5.03
CA GLN B 28 11.26 24.88 6.25
C GLN B 28 10.55 24.03 7.32
N ASN B 29 10.47 22.75 7.02
CA ASN B 29 9.57 21.85 7.71
C ASN B 29 10.19 21.19 8.95
N GLN B 30 11.47 20.83 8.90
CA GLN B 30 12.08 20.12 10.02
C GLN B 30 12.09 20.98 11.28
N GLU B 31 12.42 22.26 11.13
CA GLU B 31 12.44 23.15 12.28
C GLU B 31 11.04 23.45 12.80
N LYS B 32 10.07 23.64 11.90
CA LYS B 32 8.70 23.87 12.35
C LYS B 32 8.20 22.70 13.18
N TRP B 33 8.54 21.46 12.78
CA TRP B 33 8.14 20.32 13.62
C TRP B 33 8.91 20.28 14.93
N LYS B 34 10.20 20.59 14.92
CA LYS B 34 10.94 20.53 16.17
C LYS B 34 10.29 21.46 17.18
N LYS B 35 9.76 22.58 16.69
CA LYS B 35 9.16 23.55 17.59
C LYS B 35 7.76 23.12 18.07
N TYR B 36 6.89 22.64 17.14
CA TYR B 36 5.64 21.98 17.54
C TYR B 36 5.87 21.04 18.70
N PHE B 37 6.87 20.18 18.53
CA PHE B 37 7.05 19.10 19.49
C PHE B 37 7.55 19.68 20.79
N ILE B 38 8.36 20.75 20.70
CA ILE B 38 8.82 21.38 21.92
C ILE B 38 7.64 21.85 22.76
N LEU B 39 6.68 22.55 22.14
CA LEU B 39 5.53 23.07 22.89
C LEU B 39 4.70 21.92 23.47
N ALA B 40 4.43 20.88 22.68
CA ALA B 40 3.63 19.77 23.21
C ALA B 40 4.34 19.14 24.41
N LYS B 41 5.66 18.99 24.32
CA LYS B 41 6.44 18.36 25.37
C LYS B 41 6.45 19.21 26.62
N ARG B 42 6.50 20.53 26.42
CA ARG B 42 6.53 21.45 27.54
C ARG B 42 5.26 21.35 28.35
N LYS B 43 4.10 21.33 27.68
CA LYS B 43 2.83 21.17 28.41
C LYS B 43 2.81 19.85 29.16
N LEU B 44 3.13 18.75 28.46
CA LEU B 44 3.14 17.44 29.10
C LEU B 44 3.97 17.49 30.37
N LEU B 45 5.11 18.16 30.32
CA LEU B 45 6.06 18.11 31.42
C LEU B 45 5.64 18.99 32.58
N LEU B 46 5.17 20.21 32.29
CA LEU B 46 4.59 21.07 33.33
C LEU B 46 3.48 20.35 34.10
N SER B 47 2.63 19.58 33.39
CA SER B 47 1.58 18.85 34.10
C SER B 47 2.17 17.72 34.94
N GLN B 48 3.23 17.07 34.43
CA GLN B 48 3.93 16.07 35.24
C GLN B 48 4.51 16.68 36.51
N LYS B 49 5.01 17.90 36.39
CA LYS B 49 5.62 18.54 37.53
C LYS B 49 4.57 18.86 38.58
N ILE B 50 3.44 19.44 38.18
CA ILE B 50 2.44 19.80 39.18
C ILE B 50 1.89 18.54 39.83
N GLU B 51 1.60 17.51 39.04
CA GLU B 51 1.12 16.25 39.61
C GLU B 51 2.11 15.76 40.68
N THR B 52 3.40 15.73 40.33
CA THR B 52 4.39 15.18 41.26
C THR B 52 4.59 16.08 42.49
N GLU B 53 4.74 17.39 42.27
CA GLU B 53 4.79 18.34 43.41
C GLU B 53 3.57 18.19 44.35
N LEU B 54 2.34 17.96 43.81
CA LEU B 54 1.21 17.82 44.72
C LEU B 54 1.30 16.53 45.49
N VAL B 55 1.83 15.46 44.88
CA VAL B 55 1.99 14.28 45.73
C VAL B 55 3.01 14.59 46.82
N LEU B 56 3.95 15.48 46.54
CA LEU B 56 4.96 15.78 47.58
C LEU B 56 4.38 16.67 48.68
N GLU B 57 3.54 17.64 48.33
CA GLU B 57 2.96 18.54 49.32
C GLU B 57 2.27 17.79 50.44
N GLN B 58 2.01 16.49 50.27
CA GLN B 58 1.28 15.70 51.24
C GLN B 58 2.18 15.08 52.30
N ARG B 59 3.50 15.24 52.18
CA ARG B 59 4.46 14.58 53.05
C ARG B 59 4.74 15.34 54.34
N ASP B 60 4.74 14.61 55.47
CA ASP B 60 5.13 15.16 56.77
C ASP B 60 6.51 15.79 56.69
N ASP B 61 6.68 16.94 57.37
CA ASP B 61 8.01 17.53 57.50
C ASP B 61 8.95 16.52 58.14
N ILE B 62 10.16 16.43 57.59
CA ILE B 62 11.09 15.34 57.91
C ILE B 62 11.63 15.48 59.34
N ASP B 63 11.94 14.35 59.96
CA ASP B 63 12.56 14.34 61.29
C ASP B 63 13.97 14.92 61.21
N ILE B 64 14.30 15.81 62.15
CA ILE B 64 15.59 16.50 62.13
C ILE B 64 16.34 16.26 63.43
N ASN B 65 17.48 16.92 63.59
CA ASN B 65 18.32 16.98 64.80
C ASN B 65 18.00 15.96 65.90
N SER B 75 8.26 2.92 56.21
CA SER B 75 8.92 4.13 55.73
C SER B 75 10.03 3.75 54.76
N GLU B 76 9.89 2.57 54.14
CA GLU B 76 10.96 2.03 53.29
C GLU B 76 10.67 2.25 51.81
N SER B 77 9.62 1.60 51.28
CA SER B 77 9.23 1.80 49.89
C SER B 77 8.69 3.22 49.68
N VAL B 78 8.00 3.77 50.68
CA VAL B 78 7.49 5.12 50.56
C VAL B 78 8.65 6.12 50.54
N PHE B 79 9.74 5.84 51.23
CA PHE B 79 10.93 6.67 51.08
C PHE B 79 11.46 6.63 49.64
N LYS B 80 11.54 5.43 49.06
CA LYS B 80 11.99 5.30 47.66
C LYS B 80 11.14 6.16 46.75
N ILE B 81 9.80 6.08 46.93
CA ILE B 81 8.90 6.77 46.03
C ILE B 81 9.07 8.27 46.14
N TYR B 82 9.11 8.79 47.36
CA TYR B 82 9.37 10.23 47.57
C TYR B 82 10.68 10.66 46.91
N ASP B 83 11.71 9.83 47.04
CA ASP B 83 13.00 10.11 46.40
C ASP B 83 12.85 10.25 44.88
N LEU B 84 12.20 9.26 44.27
CA LEU B 84 11.91 9.33 42.84
C LEU B 84 11.17 10.62 42.47
N CYS B 85 10.13 10.98 43.23
CA CYS B 85 9.42 12.22 42.96
C CYS B 85 10.37 13.42 42.90
N GLU B 86 11.27 13.50 43.89
CA GLU B 86 12.22 14.61 43.90
C GLU B 86 13.14 14.56 42.69
N GLN B 87 13.57 13.36 42.30
CA GLN B 87 14.40 13.24 41.10
C GLN B 87 13.65 13.71 39.87
N LEU B 88 12.41 13.26 39.71
CA LEU B 88 11.66 13.62 38.52
C LEU B 88 11.46 15.13 38.46
N ILE B 89 11.24 15.75 39.61
CA ILE B 89 11.13 17.21 39.60
C ILE B 89 12.45 17.84 39.21
N SER B 90 13.57 17.26 39.65
CA SER B 90 14.87 17.79 39.19
C SER B 90 15.01 17.61 37.68
N LYS B 91 14.67 16.43 37.18
CA LYS B 91 14.74 16.20 35.73
C LYS B 91 13.93 17.25 34.99
N ILE B 92 12.70 17.52 35.44
CA ILE B 92 11.83 18.44 34.71
C ILE B 92 12.34 19.87 34.81
N GLU B 93 12.79 20.27 36.00
CA GLU B 93 13.42 21.57 36.14
C GLU B 93 14.75 21.69 35.36
N TYR B 94 15.40 20.56 35.04
CA TYR B 94 16.50 20.61 34.08
C TYR B 94 16.00 20.76 32.64
N GLN B 95 14.97 19.99 32.28
CA GLN B 95 14.54 19.92 30.88
C GLN B 95 13.96 21.25 30.40
N LEU B 96 13.19 21.93 31.25
CA LEU B 96 12.42 23.07 30.77
C LEU B 96 13.28 24.22 30.25
N PRO B 97 14.26 24.72 31.00
CA PRO B 97 15.10 25.79 30.42
C PRO B 97 15.73 25.39 29.09
N GLN B 98 16.18 24.13 28.97
CA GLN B 98 16.71 23.69 27.68
C GLN B 98 15.66 23.76 26.58
N LEU B 99 14.42 23.34 26.87
CA LEU B 99 13.38 23.35 25.86
C LEU B 99 13.11 24.77 25.37
N GLU B 100 13.08 25.73 26.29
CA GLU B 100 13.01 27.13 25.86
C GLU B 100 14.20 27.49 24.96
N SER B 101 15.40 27.07 25.34
CA SER B 101 16.57 27.45 24.54
C SER B 101 16.43 26.94 23.11
N GLN B 102 16.15 25.65 22.96
CA GLN B 102 15.96 25.09 21.63
C GLN B 102 14.80 25.77 20.90
N TYR B 103 13.75 26.18 21.64
CA TYR B 103 12.64 26.87 20.99
C TYR B 103 13.09 28.20 20.41
N SER B 104 13.92 28.94 21.13
CA SER B 104 14.38 30.22 20.63
C SER B 104 15.56 30.11 19.69
N GLN B 105 16.17 28.93 19.54
CA GLN B 105 17.32 28.72 18.67
C GLN B 105 16.96 29.20 17.26
N PRO B 106 17.70 30.18 16.72
CA PRO B 106 17.38 30.71 15.39
C PRO B 106 17.62 29.67 14.32
N THR B 107 17.03 29.91 13.16
CA THR B 107 17.10 28.92 12.11
C THR B 107 17.15 29.59 10.75
N ASP B 108 17.23 28.75 9.73
CA ASP B 108 17.29 29.26 8.36
C ASP B 108 16.03 30.03 8.01
N LEU B 109 14.89 29.70 8.65
CA LEU B 109 13.69 30.51 8.44
C LEU B 109 13.98 31.97 8.80
N ASP B 110 14.61 32.19 9.96
CA ASP B 110 15.01 33.55 10.32
C ASP B 110 15.87 34.16 9.23
N TYR B 111 16.75 33.39 8.62
CA TYR B 111 17.66 33.99 7.65
C TYR B 111 16.95 34.36 6.36
N ILE B 112 16.01 33.53 5.90
CA ILE B 112 15.15 33.91 4.77
C ILE B 112 14.38 35.18 5.11
N LEU B 113 13.79 35.24 6.33
CA LEU B 113 12.78 36.25 6.68
C LEU B 113 13.38 37.63 6.92
N GLU B 114 14.69 37.71 7.11
CA GLU B 114 15.35 38.99 7.36
C GLU B 114 16.29 39.30 6.21
N ASP B 115 17.38 38.53 6.05
CA ASP B 115 18.48 38.99 5.20
C ASP B 115 18.20 38.79 3.72
N SER B 116 17.74 37.61 3.33
CA SER B 116 17.40 37.37 1.93
C SER B 116 16.26 38.26 1.47
N ALA B 117 15.31 38.56 2.37
CA ALA B 117 14.20 39.46 2.03
C ALA B 117 14.69 40.88 1.78
N MET B 118 15.55 41.40 2.67
CA MET B 118 16.08 42.75 2.47
C MET B 118 16.91 42.87 1.20
N GLN B 119 17.63 41.80 0.84
CA GLN B 119 18.34 41.81 -0.44
C GLN B 119 17.36 41.83 -1.62
N THR B 120 16.33 40.97 -1.61
CA THR B 120 15.33 41.01 -2.67
C THR B 120 14.63 42.37 -2.74
N LEU B 121 14.50 43.07 -1.60
CA LEU B 121 13.88 44.39 -1.64
C LEU B 121 14.81 45.42 -2.29
N LYS B 122 16.10 45.39 -1.96
CA LYS B 122 17.06 46.24 -2.67
C LYS B 122 16.95 46.01 -4.18
N ARG B 123 16.92 44.74 -4.59
CA ARG B 123 16.88 44.46 -6.03
C ARG B 123 15.57 44.93 -6.66
N LEU B 124 14.47 44.73 -5.94
CA LEU B 124 13.16 45.06 -6.48
C LEU B 124 12.98 46.59 -6.58
N GLN B 125 13.43 47.32 -5.55
CA GLN B 125 13.21 48.76 -5.44
C GLN B 125 14.02 49.54 -6.48
N ASP B 126 14.77 48.80 -7.31
CA ASP B 126 15.47 49.36 -8.46
C ASP B 126 14.81 48.88 -9.75
N GLU B 127 13.50 49.10 -9.90
CA GLU B 127 12.77 48.61 -11.07
C GLU B 127 12.17 49.75 -11.88
N GLU B 128 11.19 49.44 -12.73
CA GLU B 128 10.66 50.40 -13.67
C GLU B 128 9.74 51.40 -12.98
N GLY B 129 8.61 50.92 -12.48
CA GLY B 129 7.71 51.77 -11.73
C GLY B 129 7.49 51.27 -10.31
N TRP B 130 8.59 51.10 -9.57
CA TRP B 130 8.54 50.63 -8.18
C TRP B 130 8.69 51.85 -7.29
N THR B 131 7.62 52.18 -6.58
CA THR B 131 7.58 53.32 -5.69
C THR B 131 7.74 52.85 -4.25
N GLU B 132 7.94 53.81 -3.35
CA GLU B 132 8.09 53.43 -1.95
C GLU B 132 6.81 52.90 -1.33
N HIS B 133 5.67 53.03 -1.99
CA HIS B 133 4.48 52.38 -1.49
C HIS B 133 4.51 50.86 -1.78
N HIS B 134 4.93 50.47 -2.99
CA HIS B 134 5.21 49.05 -3.26
C HIS B 134 6.19 48.49 -2.23
N SER B 135 7.19 49.29 -1.88
CA SER B 135 8.17 48.93 -0.86
C SER B 135 7.49 48.70 0.51
N ALA B 136 6.59 49.60 0.91
CA ALA B 136 5.90 49.45 2.19
C ALA B 136 5.08 48.18 2.24
N ILE B 137 4.35 47.89 1.16
CA ILE B 137 3.56 46.66 1.13
C ILE B 137 4.47 45.44 1.20
N TYR B 138 5.60 45.47 0.49
CA TYR B 138 6.54 44.33 0.54
C TYR B 138 6.99 44.08 1.98
N ARG B 139 7.39 45.14 2.69
CA ARG B 139 7.80 45.00 4.09
C ARG B 139 6.69 44.40 4.94
N GLN B 140 5.46 44.91 4.78
CA GLN B 140 4.35 44.44 5.61
C GLN B 140 4.07 42.97 5.35
N SER B 141 3.97 42.58 4.07
CA SER B 141 3.74 41.16 3.75
C SER B 141 4.82 40.27 4.38
N ILE B 142 6.09 40.71 4.37
CA ILE B 142 7.14 39.93 5.03
C ILE B 142 6.86 39.79 6.51
N GLN B 143 6.52 40.90 7.18
CA GLN B 143 6.17 40.81 8.60
C GLN B 143 5.02 39.85 8.83
N SER B 144 4.07 39.79 7.91
CA SER B 144 2.89 38.96 8.11
C SER B 144 3.24 37.48 7.99
N MET B 145 4.13 37.11 7.05
CA MET B 145 4.57 35.71 6.96
C MET B 145 5.36 35.30 8.21
N LYS B 146 6.26 36.18 8.66
CA LYS B 146 6.96 35.94 9.92
C LYS B 146 6.02 35.74 11.09
N ARG B 147 4.90 36.47 11.14
CA ARG B 147 3.94 36.26 12.23
C ARG B 147 3.14 34.98 12.04
N GLU B 148 2.83 34.66 10.78
CA GLU B 148 2.02 33.48 10.50
C GLU B 148 2.76 32.20 10.84
N VAL B 149 4.11 32.21 10.74
CA VAL B 149 4.86 31.04 11.18
C VAL B 149 4.55 30.74 12.65
N HIS B 150 4.64 31.77 13.50
CA HIS B 150 4.27 31.63 14.90
C HIS B 150 2.85 31.10 15.08
N THR B 151 1.90 31.68 14.34
CA THR B 151 0.54 31.15 14.37
C THR B 151 0.56 29.63 14.21
N ASP B 152 1.21 29.14 13.15
CA ASP B 152 1.17 27.70 12.86
C ASP B 152 1.82 26.90 13.96
N LEU B 153 2.86 27.45 14.56
CA LEU B 153 3.43 26.76 15.69
C LEU B 153 2.36 26.54 16.76
N LEU B 154 1.65 27.61 17.15
CA LEU B 154 0.64 27.48 18.21
C LEU B 154 -0.49 26.53 17.79
N LEU B 155 -0.93 26.64 16.54
CA LEU B 155 -1.98 25.76 16.04
C LEU B 155 -1.56 24.28 16.11
N TYR B 156 -0.55 23.90 15.31
CA TYR B 156 -0.13 22.51 15.20
C TYR B 156 0.39 21.94 16.52
N SER B 157 1.05 22.76 17.35
CA SER B 157 1.39 22.25 18.68
C SER B 157 0.15 21.97 19.52
N SER B 158 -0.88 22.84 19.45
CA SER B 158 -2.10 22.54 20.19
C SER B 158 -2.65 21.17 19.80
N ILE B 159 -2.80 20.95 18.48
CA ILE B 159 -3.41 19.68 18.09
C ILE B 159 -2.52 18.49 18.47
N LEU B 160 -1.19 18.61 18.23
CA LEU B 160 -0.28 17.51 18.56
C LEU B 160 -0.38 17.12 20.03
N TYR B 161 -0.47 18.11 20.93
CA TYR B 161 -0.64 17.78 22.34
C TYR B 161 -1.97 17.07 22.59
N ASP B 162 -3.07 17.61 22.04
CA ASP B 162 -4.35 16.93 22.19
C ASP B 162 -4.22 15.44 21.86
N ASN B 163 -3.43 15.11 20.82
CA ASN B 163 -3.30 13.71 20.42
C ASN B 163 -2.31 12.93 21.30
N LEU B 164 -1.22 13.59 21.70
CA LEU B 164 -0.19 12.92 22.48
C LEU B 164 -0.72 12.53 23.86
N ILE B 165 -1.61 13.34 24.43
CA ILE B 165 -2.15 13.05 25.76
C ILE B 165 -2.85 11.71 25.74
N HIS B 166 -3.50 11.35 24.61
CA HIS B 166 -4.17 10.06 24.47
C HIS B 166 -3.19 8.94 24.19
N ASP B 167 -2.28 9.15 23.23
CA ASP B 167 -1.26 8.14 22.99
C ASP B 167 -0.52 7.77 24.26
N LEU B 168 -0.16 8.77 25.06
CA LEU B 168 0.72 8.60 26.21
C LEU B 168 -0.03 8.10 27.46
N SER B 169 -1.24 7.54 27.27
CA SER B 169 -2.14 7.31 28.40
C SER B 169 -1.54 6.35 29.41
N ILE B 170 -0.77 5.36 28.95
CA ILE B 170 -0.18 4.36 29.83
C ILE B 170 0.91 4.90 30.76
N PHE B 171 1.43 6.12 30.52
CA PHE B 171 2.39 6.71 31.44
C PHE B 171 1.74 7.54 32.54
N PHE B 172 0.41 7.71 32.48
CA PHE B 172 -0.32 8.44 33.51
C PHE B 172 -0.61 7.45 34.63
N TYR B 173 0.41 7.21 35.45
CA TYR B 173 0.35 6.11 36.39
C TYR B 173 -0.51 6.44 37.61
N ILE B 174 -0.76 7.72 37.87
CA ILE B 174 -1.51 8.12 39.06
C ILE B 174 -2.99 7.80 38.95
N PRO B 175 -3.72 8.32 37.95
CA PRO B 175 -5.15 7.95 37.86
C PRO B 175 -5.34 6.47 37.75
N ARG B 176 -4.47 5.78 37.00
CA ARG B 176 -4.65 4.34 36.78
C ARG B 176 -4.38 3.57 38.06
N GLU B 177 -3.41 4.02 38.86
CA GLU B 177 -3.13 3.27 40.07
C GLU B 177 -4.17 3.55 41.15
N ILE B 178 -4.76 4.76 41.19
CA ILE B 178 -5.86 4.93 42.13
C ILE B 178 -7.08 4.11 41.69
N GLY B 179 -7.38 4.08 40.37
CA GLY B 179 -8.45 3.24 39.90
C GLY B 179 -8.23 1.79 40.28
N ASN B 180 -7.00 1.32 40.10
CA ASN B 180 -6.66 -0.07 40.40
C ASN B 180 -6.76 -0.36 41.88
N PHE B 181 -6.38 0.60 42.72
CA PHE B 181 -6.36 0.39 44.17
C PHE B 181 -7.77 0.27 44.72
N ILE B 182 -8.67 1.20 44.35
CA ILE B 182 -10.03 1.06 44.85
C ILE B 182 -10.68 -0.17 44.24
N ASN B 183 -10.29 -0.54 43.01
CA ASN B 183 -10.91 -1.74 42.42
C ASN B 183 -10.48 -3.00 43.16
N ASN B 184 -9.31 -3.02 43.79
CA ASN B 184 -9.03 -4.27 44.49
C ASN B 184 -9.08 -4.14 46.02
N ILE B 185 -9.48 -2.99 46.56
CA ILE B 185 -10.07 -3.06 47.91
C ILE B 185 -11.53 -3.50 47.82
N SER B 186 -12.26 -3.06 46.78
CA SER B 186 -13.64 -3.48 46.59
C SER B 186 -13.76 -4.99 46.34
N ASN B 187 -12.80 -5.57 45.60
CA ASN B 187 -12.77 -6.98 45.26
C ASN B 187 -12.37 -7.80 46.50
N PRO B 188 -12.52 -9.14 46.46
CA PRO B 188 -12.09 -9.96 47.61
C PRO B 188 -10.62 -9.76 48.00
N THR B 189 -9.81 -9.18 47.12
CA THR B 189 -8.39 -8.94 47.37
C THR B 189 -8.18 -8.19 48.69
N SER B 190 -7.10 -8.55 49.39
CA SER B 190 -6.88 -8.08 50.76
C SER B 190 -6.55 -6.59 50.78
N LEU B 191 -6.20 -6.09 51.96
CA LEU B 191 -5.80 -4.70 52.12
C LEU B 191 -4.31 -4.50 51.92
N ASN B 192 -3.50 -5.51 52.25
CA ASN B 192 -2.07 -5.41 51.99
C ASN B 192 -1.74 -5.63 50.53
N GLU B 193 -2.37 -6.62 49.90
CA GLU B 193 -2.14 -6.79 48.47
C GLU B 193 -2.45 -5.49 47.75
N ALA B 194 -3.50 -4.79 48.17
CA ALA B 194 -3.78 -3.46 47.64
C ALA B 194 -2.63 -2.50 47.92
N ASN B 195 -2.25 -2.35 49.19
CA ASN B 195 -1.19 -1.40 49.55
C ASN B 195 0.10 -1.69 48.75
N GLN B 196 0.53 -2.95 48.74
CA GLN B 196 1.80 -3.30 48.10
C GLN B 196 1.71 -3.14 46.58
N GLU B 197 0.56 -3.50 45.99
CA GLU B 197 0.40 -3.32 44.55
C GLU B 197 0.51 -1.84 44.18
N LEU B 198 -0.10 -0.96 44.97
CA LEU B 198 0.04 0.47 44.70
C LEU B 198 1.49 0.90 44.81
N LEU B 199 2.18 0.48 45.87
CA LEU B 199 3.56 0.91 46.04
C LEU B 199 4.40 0.50 44.82
N TYR B 200 4.35 -0.79 44.48
CA TYR B 200 5.04 -1.29 43.31
C TYR B 200 4.69 -0.47 42.07
N ASN B 201 3.41 -0.40 41.72
CA ASN B 201 3.04 0.22 40.45
C ASN B 201 3.38 1.72 40.43
N MET B 202 3.46 2.35 41.60
CA MET B 202 3.84 3.76 41.61
C MET B 202 5.31 3.92 41.35
N THR B 203 6.14 3.10 42.02
CA THR B 203 7.57 3.14 41.76
C THR B 203 7.84 2.90 40.27
N LEU B 204 7.09 1.99 39.65
CA LEU B 204 7.32 1.70 38.23
C LEU B 204 6.92 2.89 37.33
N GLY B 205 5.67 3.38 37.49
CA GLY B 205 5.26 4.55 36.72
C GLY B 205 6.26 5.70 36.83
N LEU B 206 6.74 5.94 38.05
CA LEU B 206 7.76 6.97 38.27
C LEU B 206 9.04 6.67 37.46
N GLU B 207 9.61 5.48 37.63
CA GLU B 207 10.91 5.27 36.99
C GLU B 207 10.78 5.28 35.46
N ASN B 208 9.70 4.76 34.88
CA ASN B 208 9.44 5.02 33.45
C ASN B 208 9.23 6.50 33.15
N LEU B 209 8.87 7.32 34.12
CA LEU B 209 8.89 8.74 33.76
C LEU B 209 10.31 9.28 33.78
N LEU B 210 11.19 8.63 34.53
CA LEU B 210 12.49 9.18 34.89
C LEU B 210 13.58 8.76 33.94
N ASN B 211 13.48 7.54 33.40
CA ASN B 211 14.57 6.80 32.78
C ASN B 211 14.61 6.95 31.26
N GLY B 212 13.83 7.88 30.69
CA GLY B 212 13.78 8.09 29.25
C GLY B 212 12.61 7.41 28.56
N GLU B 213 11.93 6.48 29.23
CA GLU B 213 10.91 5.68 28.56
C GLU B 213 9.74 6.55 28.08
N PHE B 214 9.35 7.53 28.89
CA PHE B 214 8.34 8.51 28.48
C PHE B 214 8.90 9.44 27.40
N ASP B 215 10.11 9.97 27.60
CA ASP B 215 10.72 10.82 26.56
C ASP B 215 10.84 10.08 25.24
N SER B 216 11.17 8.79 25.28
CA SER B 216 11.22 8.04 24.03
C SER B 216 9.83 7.82 23.44
N ALA B 217 8.84 7.47 24.27
CA ALA B 217 7.51 7.29 23.70
C ALA B 217 7.06 8.58 23.04
N MET B 218 7.32 9.71 23.68
CA MET B 218 6.82 10.95 23.13
C MET B 218 7.49 11.23 21.81
N GLU B 219 8.83 11.14 21.75
CA GLU B 219 9.54 11.26 20.48
C GLU B 219 8.93 10.36 19.40
N HIS B 220 8.74 9.07 19.73
CA HIS B 220 8.24 8.09 18.77
C HIS B 220 6.87 8.49 18.21
N TYR B 221 5.88 8.76 19.08
CA TYR B 221 4.55 9.12 18.60
C TYR B 221 4.58 10.39 17.77
N ALA B 222 5.21 11.44 18.28
CA ALA B 222 5.18 12.69 17.55
C ALA B 222 5.83 12.53 16.19
N MET B 223 6.93 11.79 16.12
CA MET B 223 7.60 11.57 14.84
C MET B 223 6.70 10.78 13.89
N ASP B 224 5.92 9.84 14.43
CA ASP B 224 4.97 9.12 13.59
C ASP B 224 3.88 10.06 13.05
N TYR B 225 3.48 11.07 13.83
CA TYR B 225 2.45 11.98 13.33
C TYR B 225 2.92 12.73 12.08
N MET B 226 4.10 13.30 12.13
CA MET B 226 4.71 13.77 10.89
C MET B 226 4.93 12.60 9.94
N LYS B 227 4.52 12.79 8.68
CA LYS B 227 4.33 11.80 7.58
C LYS B 227 2.84 11.47 7.43
N ARG C 3 38.54 -15.11 50.99
CA ARG C 3 37.53 -14.48 50.13
C ARG C 3 37.58 -12.95 50.26
N LYS C 4 38.03 -12.47 51.42
CA LYS C 4 38.10 -11.03 51.68
C LYS C 4 39.05 -10.37 50.69
N ASP C 5 40.30 -10.84 50.66
CA ASP C 5 41.25 -10.41 49.65
C ASP C 5 41.00 -11.04 48.29
N LEU C 6 40.21 -12.12 48.22
CA LEU C 6 40.02 -12.83 46.96
C LEU C 6 39.35 -11.95 45.92
N GLU C 7 38.15 -11.45 46.22
CA GLU C 7 37.45 -10.64 45.24
C GLU C 7 38.22 -9.35 44.96
N SER C 8 38.80 -8.74 46.00
CA SER C 8 39.62 -7.54 45.82
C SER C 8 40.75 -7.76 44.83
N LYS C 9 41.47 -8.87 44.95
CA LYS C 9 42.67 -9.01 44.14
C LYS C 9 42.41 -9.67 42.79
N VAL C 10 41.35 -10.46 42.64
CA VAL C 10 40.90 -10.82 41.29
C VAL C 10 40.54 -9.55 40.53
N PHE C 11 39.80 -8.65 41.19
CA PHE C 11 39.51 -7.33 40.62
C PHE C 11 40.79 -6.60 40.22
N LYS C 12 41.77 -6.55 41.13
CA LYS C 12 42.99 -5.79 40.87
C LYS C 12 43.78 -6.40 39.70
N ILE C 13 43.74 -7.72 39.54
CA ILE C 13 44.43 -8.33 38.42
C ILE C 13 43.75 -7.96 37.11
N LEU C 14 42.41 -8.04 37.08
CA LEU C 14 41.69 -7.59 35.89
C LEU C 14 42.05 -6.16 35.53
N PHE C 15 42.02 -5.26 36.53
CA PHE C 15 42.27 -3.86 36.25
C PHE C 15 43.71 -3.64 35.77
N GLU C 16 44.69 -4.29 36.39
CA GLU C 16 46.06 -4.03 35.99
C GLU C 16 46.33 -4.61 34.59
N SER C 17 45.76 -5.77 34.29
CA SER C 17 45.83 -6.28 32.92
C SER C 17 45.37 -5.20 31.93
N LEU C 18 44.14 -4.69 32.14
CA LEU C 18 43.60 -3.69 31.23
C LEU C 18 44.45 -2.42 31.16
N GLU C 19 44.98 -1.97 32.32
CA GLU C 19 45.79 -0.76 32.35
C GLU C 19 47.05 -0.91 31.51
N SER C 20 47.73 -2.06 31.63
CA SER C 20 48.90 -2.30 30.80
C SER C 20 48.52 -2.28 29.32
N THR C 21 47.40 -2.91 28.97
CA THR C 21 46.97 -2.90 27.57
C THR C 21 46.75 -1.48 27.07
N ARG C 22 46.16 -0.64 27.92
CA ARG C 22 45.98 0.77 27.56
C ARG C 22 47.32 1.46 27.33
N LYS C 23 48.31 1.19 28.19
CA LYS C 23 49.62 1.81 28.01
C LYS C 23 50.27 1.32 26.72
N ALA C 24 50.05 0.04 26.38
CA ALA C 24 50.54 -0.51 25.11
C ALA C 24 49.92 0.24 23.92
N ILE C 25 48.61 0.49 23.97
CA ILE C 25 47.96 1.26 22.92
C ILE C 25 48.64 2.61 22.75
N ALA C 26 48.94 3.29 23.86
CA ALA C 26 49.61 4.58 23.74
C ALA C 26 51.01 4.43 23.13
N LYS C 27 51.66 3.30 23.39
CA LYS C 27 52.99 3.08 22.84
C LYS C 27 52.95 2.86 21.32
N GLN C 28 51.86 2.34 20.77
CA GLN C 28 51.82 2.11 19.32
C GLN C 28 51.11 3.22 18.53
N ASN C 29 51.34 4.49 18.91
CA ASN C 29 50.86 5.65 18.15
C ASN C 29 51.77 5.88 16.94
N GLN C 30 51.70 4.96 16.00
CA GLN C 30 52.62 5.00 14.87
C GLN C 30 51.85 4.76 13.58
N GLU C 31 51.11 3.64 13.56
CA GLU C 31 50.29 3.35 12.41
C GLU C 31 49.17 4.36 12.26
N LYS C 32 48.86 5.09 13.32
CA LYS C 32 47.72 6.00 13.26
C LYS C 32 47.85 7.00 12.12
N TRP C 33 49.06 7.51 11.89
CA TRP C 33 49.24 8.52 10.86
C TRP C 33 48.88 7.99 9.47
N LYS C 34 49.12 6.71 9.22
CA LYS C 34 48.84 6.18 7.90
C LYS C 34 47.34 6.07 7.69
N LYS C 35 46.60 5.60 8.70
CA LYS C 35 45.14 5.52 8.57
C LYS C 35 44.49 6.91 8.58
N TYR C 36 45.05 7.87 9.32
CA TYR C 36 44.56 9.25 9.18
C TYR C 36 44.61 9.63 7.72
N PHE C 37 45.81 9.53 7.14
CA PHE C 37 46.05 9.98 5.77
C PHE C 37 45.15 9.24 4.78
N ILE C 38 44.96 7.94 4.96
CA ILE C 38 44.07 7.20 4.10
C ILE C 38 42.65 7.79 4.13
N LEU C 39 42.04 7.95 5.33
CA LEU C 39 40.64 8.39 5.34
C LEU C 39 40.50 9.77 4.73
N ALA C 40 41.44 10.66 5.05
CA ALA C 40 41.37 11.98 4.41
C ALA C 40 41.43 11.84 2.89
N LYS C 41 42.38 11.02 2.40
CA LYS C 41 42.69 10.98 0.98
C LYS C 41 41.53 10.37 0.20
N ARG C 42 40.97 9.30 0.74
CA ARG C 42 39.70 8.78 0.24
C ARG C 42 38.62 9.87 0.10
N LYS C 43 38.52 10.78 1.07
CA LYS C 43 37.48 11.80 0.86
C LYS C 43 37.84 12.69 -0.34
N LEU C 44 39.08 13.17 -0.35
CA LEU C 44 39.52 14.03 -1.47
C LEU C 44 39.26 13.35 -2.84
N LEU C 45 39.54 12.04 -2.93
CA LEU C 45 39.30 11.32 -4.19
C LEU C 45 37.81 11.13 -4.49
N LEU C 46 36.99 10.78 -3.49
CA LEU C 46 35.54 10.66 -3.79
C LEU C 46 35.01 11.95 -4.38
N SER C 47 35.42 13.09 -3.82
CA SER C 47 35.03 14.35 -4.44
C SER C 47 35.52 14.42 -5.89
N GLN C 48 36.82 14.17 -6.12
CA GLN C 48 37.37 14.33 -7.47
C GLN C 48 36.63 13.45 -8.48
N LYS C 49 36.47 12.17 -8.14
CA LYS C 49 35.74 11.26 -8.99
C LYS C 49 34.38 11.83 -9.33
N ILE C 50 33.61 12.28 -8.32
CA ILE C 50 32.26 12.80 -8.58
C ILE C 50 32.31 14.02 -9.51
N GLU C 51 33.24 14.96 -9.25
CA GLU C 51 33.35 16.15 -10.11
C GLU C 51 33.60 15.74 -11.55
N THR C 52 34.52 14.80 -11.72
CA THR C 52 34.91 14.38 -13.04
C THR C 52 33.75 13.66 -13.73
N GLU C 53 33.17 12.66 -13.06
CA GLU C 53 32.01 11.95 -13.57
C GLU C 53 30.95 12.93 -14.04
N LEU C 54 30.75 13.99 -13.26
CA LEU C 54 29.77 14.98 -13.64
C LEU C 54 30.15 15.62 -14.96
N VAL C 55 31.44 15.98 -15.12
CA VAL C 55 31.86 16.53 -16.41
C VAL C 55 31.58 15.55 -17.55
N LEU C 56 31.90 14.27 -17.32
CA LEU C 56 31.75 13.26 -18.36
C LEU C 56 30.28 12.99 -18.70
N GLU C 57 29.40 13.23 -17.74
CA GLU C 57 27.97 12.96 -17.87
C GLU C 57 27.25 13.93 -18.79
N GLN C 58 27.88 15.04 -19.16
CA GLN C 58 27.33 15.99 -20.10
C GLN C 58 27.59 15.63 -21.57
N ARG C 59 28.42 14.62 -21.84
CA ARG C 59 28.82 14.27 -23.20
C ARG C 59 27.62 13.72 -23.97
N ASP C 60 27.15 14.49 -24.94
CA ASP C 60 25.87 14.25 -25.62
C ASP C 60 26.00 13.38 -26.86
N ASP C 61 27.18 12.80 -27.09
CA ASP C 61 27.46 12.01 -28.29
C ASP C 61 27.52 12.90 -29.53
N ILE C 62 28.01 12.33 -30.63
CA ILE C 62 28.10 13.04 -31.90
C ILE C 62 27.20 12.31 -32.89
N ASP C 63 26.35 13.07 -33.59
CA ASP C 63 25.29 12.51 -34.41
C ASP C 63 25.28 13.18 -35.78
N ILE C 64 24.54 12.61 -36.70
CA ILE C 64 24.22 13.32 -37.94
C ILE C 64 23.58 14.66 -37.64
N ASN C 65 22.81 14.74 -36.55
CA ASN C 65 22.14 15.95 -36.17
C ASN C 65 23.02 16.91 -35.41
N SER C 66 24.22 16.51 -35.08
CA SER C 66 25.14 17.42 -34.41
C SER C 66 25.81 18.21 -35.52
N LEU C 67 25.55 19.52 -35.53
CA LEU C 67 26.26 20.39 -36.46
C LEU C 67 27.76 20.37 -36.19
N SER C 68 28.16 20.51 -34.94
CA SER C 68 29.58 20.49 -34.59
C SER C 68 30.38 21.58 -35.30
N ILE C 69 29.68 22.58 -35.84
CA ILE C 69 30.35 23.75 -36.39
C ILE C 69 31.19 24.40 -35.30
N ALA C 70 32.27 25.06 -35.74
CA ALA C 70 33.19 25.83 -34.90
C ALA C 70 34.11 24.92 -34.12
N SER C 71 34.17 23.64 -34.49
CA SER C 71 35.13 22.70 -33.92
C SER C 71 36.32 22.69 -34.87
N GLY C 72 37.39 23.41 -34.49
CA GLY C 72 38.61 23.41 -35.26
C GLY C 72 39.56 22.29 -34.85
N ASN C 73 40.68 22.69 -34.23
CA ASN C 73 41.57 21.78 -33.52
C ASN C 73 41.09 21.50 -32.10
N GLU C 74 40.03 22.20 -31.68
CA GLU C 74 39.46 21.99 -30.36
C GLU C 74 38.82 20.62 -30.23
N SER C 75 38.45 20.00 -31.35
CA SER C 75 37.81 18.68 -31.28
C SER C 75 38.74 17.65 -30.67
N GLU C 76 40.02 17.69 -31.04
CA GLU C 76 40.93 16.75 -30.43
C GLU C 76 41.27 17.15 -28.99
N SER C 77 41.33 18.45 -28.68
CA SER C 77 41.46 18.84 -27.28
C SER C 77 40.36 18.20 -26.45
N VAL C 78 39.12 18.33 -26.92
CA VAL C 78 37.94 17.86 -26.19
C VAL C 78 37.98 16.34 -26.03
N PHE C 79 38.38 15.63 -27.09
CA PHE C 79 38.41 14.18 -26.97
C PHE C 79 39.51 13.71 -26.00
N LYS C 80 40.66 14.43 -25.93
CA LYS C 80 41.65 14.11 -24.91
C LYS C 80 41.14 14.47 -23.51
N ILE C 81 40.38 15.54 -23.37
CA ILE C 81 39.78 15.84 -22.08
C ILE C 81 38.91 14.66 -21.63
N TYR C 82 38.05 14.15 -22.52
CA TYR C 82 37.21 13.00 -22.12
C TYR C 82 38.05 11.76 -21.82
N ASP C 83 39.16 11.60 -22.56
CA ASP C 83 40.07 10.47 -22.36
C ASP C 83 40.79 10.56 -21.01
N LEU C 84 41.38 11.72 -20.71
CA LEU C 84 41.91 12.02 -19.38
C LEU C 84 40.87 11.75 -18.29
N CYS C 85 39.69 12.39 -18.39
CA CYS C 85 38.65 12.18 -17.41
C CYS C 85 38.39 10.69 -17.20
N GLU C 86 38.28 9.93 -18.29
CA GLU C 86 38.02 8.50 -18.17
C GLU C 86 39.15 7.83 -17.42
N GLN C 87 40.39 8.27 -17.68
CA GLN C 87 41.54 7.68 -17.00
C GLN C 87 41.49 8.00 -15.51
N LEU C 88 41.33 9.28 -15.17
CA LEU C 88 41.18 9.71 -13.79
C LEU C 88 40.10 8.92 -13.05
N ILE C 89 38.97 8.63 -13.71
CA ILE C 89 38.00 7.78 -13.04
C ILE C 89 38.57 6.37 -12.85
N SER C 90 39.19 5.80 -13.89
CA SER C 90 39.72 4.43 -13.76
C SER C 90 40.81 4.37 -12.69
N LYS C 91 41.62 5.41 -12.61
CA LYS C 91 42.62 5.59 -11.57
C LYS C 91 41.98 5.65 -10.18
N ILE C 92 41.05 6.58 -9.97
CA ILE C 92 40.41 6.69 -8.65
C ILE C 92 39.69 5.40 -8.31
N GLU C 93 39.17 4.71 -9.33
CA GLU C 93 38.48 3.46 -9.13
C GLU C 93 39.43 2.34 -8.72
N TYR C 94 40.66 2.34 -9.25
CA TYR C 94 41.65 1.37 -8.77
C TYR C 94 42.16 1.76 -7.39
N GLN C 95 42.44 3.05 -7.21
CA GLN C 95 42.98 3.56 -5.94
C GLN C 95 42.12 3.17 -4.76
N LEU C 96 40.85 3.62 -4.77
CA LEU C 96 39.95 3.47 -3.62
C LEU C 96 40.02 2.09 -2.96
N PRO C 97 39.92 0.98 -3.70
CA PRO C 97 40.04 -0.34 -3.03
C PRO C 97 41.44 -0.65 -2.56
N GLN C 98 42.48 -0.11 -3.21
CA GLN C 98 43.78 -0.22 -2.57
C GLN C 98 43.82 0.57 -1.26
N LEU C 99 43.06 1.67 -1.17
CA LEU C 99 42.99 2.40 0.11
C LEU C 99 42.27 1.58 1.17
N GLU C 100 41.15 0.96 0.79
CA GLU C 100 40.51 0.02 1.71
C GLU C 100 41.49 -1.07 2.15
N SER C 101 42.20 -1.67 1.19
CA SER C 101 43.09 -2.77 1.49
C SER C 101 44.19 -2.35 2.44
N GLN C 102 44.74 -1.14 2.25
CA GLN C 102 45.76 -0.63 3.16
C GLN C 102 45.18 -0.40 4.56
N TYR C 103 44.11 0.41 4.66
CA TYR C 103 43.50 0.73 5.95
C TYR C 103 43.15 -0.52 6.73
N SER C 104 42.61 -1.52 6.03
CA SER C 104 42.16 -2.76 6.65
C SER C 104 43.32 -3.64 7.13
N GLN C 105 44.51 -3.49 6.57
CA GLN C 105 45.63 -4.37 6.83
C GLN C 105 45.97 -4.42 8.33
N PRO C 106 46.41 -5.59 8.83
CA PRO C 106 46.67 -5.73 10.26
C PRO C 106 47.84 -4.89 10.73
N THR C 107 47.74 -4.40 11.98
CA THR C 107 48.74 -3.50 12.52
C THR C 107 49.16 -3.96 13.91
N ASP C 108 50.15 -3.26 14.45
CA ASP C 108 50.59 -3.47 15.83
C ASP C 108 49.43 -3.29 16.79
N LEU C 109 48.64 -2.23 16.59
CA LEU C 109 47.50 -1.97 17.47
C LEU C 109 46.54 -3.13 17.48
N ASP C 110 46.19 -3.64 16.29
CA ASP C 110 45.30 -4.81 16.21
C ASP C 110 45.90 -5.98 16.97
N TYR C 111 47.21 -6.15 16.93
CA TYR C 111 47.80 -7.25 17.66
C TYR C 111 47.61 -7.06 19.16
N ILE C 112 47.82 -5.83 19.64
CA ILE C 112 47.58 -5.55 21.05
C ILE C 112 46.14 -5.88 21.44
N LEU C 113 45.17 -5.52 20.60
CA LEU C 113 43.77 -5.56 21.03
C LEU C 113 43.05 -6.87 20.67
N GLU C 114 43.69 -7.76 19.91
CA GLU C 114 42.98 -8.94 19.44
C GLU C 114 43.78 -10.15 19.91
N ASP C 115 44.69 -10.70 19.08
CA ASP C 115 45.55 -11.82 19.45
C ASP C 115 45.96 -11.79 20.91
N SER C 116 46.77 -10.78 21.25
CA SER C 116 47.39 -10.69 22.57
C SER C 116 46.36 -10.46 23.68
N ALA C 117 45.28 -9.73 23.37
CA ALA C 117 44.22 -9.52 24.36
C ALA C 117 43.55 -10.83 24.76
N MET C 118 43.16 -11.63 23.77
CA MET C 118 42.54 -12.93 24.06
C MET C 118 43.52 -13.87 24.76
N GLN C 119 44.80 -13.84 24.36
CA GLN C 119 45.85 -14.61 25.04
C GLN C 119 45.88 -14.29 26.53
N THR C 120 46.08 -13.01 26.87
CA THR C 120 46.05 -12.57 28.26
C THR C 120 44.76 -12.99 28.96
N LEU C 121 43.63 -12.93 28.25
CA LEU C 121 42.37 -13.43 28.79
C LEU C 121 42.50 -14.87 29.25
N LYS C 122 42.96 -15.77 28.37
CA LYS C 122 43.08 -17.18 28.74
C LYS C 122 44.02 -17.36 29.94
N ARG C 123 45.16 -16.64 29.97
CA ARG C 123 46.04 -16.76 31.13
C ARG C 123 45.33 -16.29 32.40
N LEU C 124 44.38 -15.36 32.25
CA LEU C 124 43.64 -14.85 33.39
C LEU C 124 42.54 -15.81 33.84
N GLN C 125 41.91 -16.54 32.91
CA GLN C 125 40.90 -17.53 33.25
C GLN C 125 41.45 -18.56 34.23
N ASP C 126 42.69 -19.00 34.00
CA ASP C 126 43.40 -19.90 34.90
C ASP C 126 43.95 -19.12 36.09
N GLU C 127 43.08 -18.35 36.75
CA GLU C 127 43.41 -17.70 38.00
C GLU C 127 42.32 -18.02 39.02
N GLU C 128 42.70 -17.88 40.30
CA GLU C 128 41.82 -18.23 41.39
C GLU C 128 40.68 -17.23 41.49
N GLY C 129 39.44 -17.72 41.53
CA GLY C 129 38.32 -16.83 41.72
C GLY C 129 38.03 -15.94 40.54
N TRP C 130 38.36 -16.40 39.33
CA TRP C 130 38.05 -15.70 38.10
C TRP C 130 36.74 -16.28 37.55
N THR C 131 35.71 -15.45 37.47
CA THR C 131 34.43 -15.89 36.93
C THR C 131 34.24 -15.37 35.51
N GLU C 132 33.16 -15.84 34.88
CA GLU C 132 32.81 -15.39 33.53
C GLU C 132 32.37 -13.94 33.51
N HIS C 133 31.91 -13.40 34.65
CA HIS C 133 31.60 -11.99 34.70
C HIS C 133 32.85 -11.14 34.51
N HIS C 134 33.92 -11.47 35.25
CA HIS C 134 35.21 -10.82 35.02
C HIS C 134 35.57 -10.81 33.53
N SER C 135 35.37 -11.94 32.85
CA SER C 135 35.75 -12.04 31.43
C SER C 135 34.82 -11.21 30.54
N ALA C 136 33.54 -11.10 30.90
CA ALA C 136 32.69 -10.14 30.21
C ALA C 136 33.21 -8.71 30.36
N ILE C 137 33.68 -8.36 31.55
CA ILE C 137 34.17 -7.00 31.78
C ILE C 137 35.44 -6.77 30.98
N TYR C 138 36.29 -7.79 30.88
CA TYR C 138 37.47 -7.73 30.03
C TYR C 138 37.07 -7.48 28.59
N ARG C 139 36.15 -8.30 28.07
CA ARG C 139 35.69 -8.12 26.69
C ARG C 139 35.16 -6.70 26.48
N GLN C 140 34.45 -6.17 27.48
CA GLN C 140 33.87 -4.84 27.37
C GLN C 140 34.95 -3.76 27.30
N SER C 141 35.83 -3.73 28.29
CA SER C 141 36.88 -2.70 28.29
C SER C 141 37.74 -2.78 27.03
N ILE C 142 38.05 -3.99 26.53
CA ILE C 142 38.81 -4.06 25.29
C ILE C 142 37.99 -3.46 24.13
N GLN C 143 36.69 -3.78 24.07
CA GLN C 143 35.89 -3.20 23.01
C GLN C 143 35.93 -1.68 23.08
N SER C 144 35.85 -1.14 24.29
CA SER C 144 35.91 0.30 24.42
C SER C 144 37.25 0.85 23.96
N MET C 145 38.33 0.12 24.19
CA MET C 145 39.61 0.65 23.73
C MET C 145 39.67 0.65 22.19
N LYS C 146 39.19 -0.42 21.55
CA LYS C 146 38.97 -0.38 20.11
C LYS C 146 38.22 0.90 19.71
N ARG C 147 37.04 1.12 20.32
CA ARG C 147 36.22 2.24 19.92
C ARG C 147 36.91 3.59 20.18
N GLU C 148 37.69 3.68 21.26
CA GLU C 148 38.48 4.88 21.50
C GLU C 148 39.50 5.11 20.37
N VAL C 149 40.12 4.02 19.87
CA VAL C 149 41.07 4.20 18.77
C VAL C 149 40.35 4.59 17.49
N HIS C 150 39.21 3.95 17.21
CA HIS C 150 38.44 4.29 16.02
C HIS C 150 38.15 5.79 16.03
N THR C 151 37.80 6.27 17.21
CA THR C 151 37.41 7.65 17.37
C THR C 151 38.56 8.59 17.08
N ASP C 152 39.75 8.28 17.61
CA ASP C 152 40.90 9.10 17.28
C ASP C 152 41.09 9.15 15.76
N LEU C 153 40.90 8.00 15.10
CA LEU C 153 41.01 7.97 13.63
C LEU C 153 40.09 8.98 12.97
N LEU C 154 38.77 8.93 13.32
CA LEU C 154 37.78 9.76 12.63
C LEU C 154 37.98 11.25 12.95
N LEU C 155 38.33 11.55 14.20
CA LEU C 155 38.49 12.93 14.59
C LEU C 155 39.67 13.57 13.85
N TYR C 156 40.87 12.99 14.02
CA TYR C 156 42.06 13.53 13.38
C TYR C 156 41.90 13.57 11.88
N SER C 157 41.29 12.55 11.27
CA SER C 157 41.20 12.57 9.81
C SER C 157 40.26 13.67 9.32
N SER C 158 39.15 13.92 10.04
CA SER C 158 38.26 14.99 9.64
C SER C 158 38.98 16.33 9.69
N ILE C 159 39.74 16.57 10.77
CA ILE C 159 40.47 17.83 10.89
C ILE C 159 41.55 17.95 9.81
N LEU C 160 42.26 16.85 9.57
CA LEU C 160 43.24 16.81 8.49
C LEU C 160 42.60 17.27 7.19
N TYR C 161 41.46 16.67 6.84
CA TYR C 161 40.74 17.02 5.62
C TYR C 161 40.38 18.50 5.59
N ASP C 162 39.79 18.99 6.68
CA ASP C 162 39.54 20.42 6.80
C ASP C 162 40.79 21.23 6.41
N ASN C 163 41.98 20.74 6.77
CA ASN C 163 43.17 21.53 6.44
C ASN C 163 43.57 21.36 4.98
N LEU C 164 43.54 20.13 4.52
CA LEU C 164 43.98 19.81 3.18
C LEU C 164 43.17 20.56 2.13
N ILE C 165 41.85 20.66 2.31
CA ILE C 165 41.09 21.38 1.28
C ILE C 165 41.59 22.81 1.13
N HIS C 166 42.11 23.42 2.21
CA HIS C 166 42.82 24.67 2.01
C HIS C 166 44.13 24.45 1.27
N ASP C 167 44.98 23.56 1.80
CA ASP C 167 46.35 23.47 1.26
C ASP C 167 46.34 23.07 -0.21
N LEU C 168 45.39 22.23 -0.64
CA LEU C 168 45.31 21.83 -2.03
C LEU C 168 44.49 22.81 -2.89
N SER C 169 44.40 24.09 -2.49
CA SER C 169 43.58 25.07 -3.23
C SER C 169 43.84 24.95 -4.73
N ILE C 170 45.10 24.73 -5.09
CA ILE C 170 45.58 24.91 -6.44
C ILE C 170 45.09 23.79 -7.35
N PHE C 171 44.90 22.58 -6.82
CA PHE C 171 44.58 21.47 -7.70
C PHE C 171 43.11 21.39 -8.07
N PHE C 172 42.27 22.27 -7.51
CA PHE C 172 40.85 22.37 -7.87
C PHE C 172 40.73 23.23 -9.12
N TYR C 173 41.10 22.62 -10.25
CA TYR C 173 41.16 23.39 -11.49
C TYR C 173 39.77 23.86 -11.93
N ILE C 174 38.71 23.07 -11.65
CA ILE C 174 37.38 23.42 -12.19
C ILE C 174 36.88 24.76 -11.67
N PRO C 175 36.86 25.02 -10.35
CA PRO C 175 36.40 26.35 -9.90
C PRO C 175 37.24 27.47 -10.47
N ARG C 176 38.56 27.32 -10.45
CA ARG C 176 39.44 28.40 -10.89
C ARG C 176 39.25 28.69 -12.38
N GLU C 177 39.06 27.64 -13.19
CA GLU C 177 38.91 27.84 -14.62
C GLU C 177 37.58 28.47 -14.95
N ILE C 178 36.53 28.20 -14.15
CA ILE C 178 35.27 28.92 -14.34
C ILE C 178 35.40 30.38 -13.93
N GLY C 179 35.99 30.64 -12.76
CA GLY C 179 36.23 32.02 -12.39
C GLY C 179 37.00 32.74 -13.47
N ASN C 180 37.97 32.05 -14.08
CA ASN C 180 38.79 32.70 -15.09
C ASN C 180 38.04 32.91 -16.39
N PHE C 181 37.27 31.90 -16.84
CA PHE C 181 36.48 32.04 -18.07
C PHE C 181 35.54 33.24 -18.01
N ILE C 182 34.81 33.41 -16.90
CA ILE C 182 33.94 34.57 -16.86
C ILE C 182 34.75 35.85 -16.74
N ASN C 183 35.85 35.83 -15.97
CA ASN C 183 36.68 37.03 -15.94
C ASN C 183 37.14 37.40 -17.35
N ASN C 184 37.42 36.39 -18.19
CA ASN C 184 37.96 36.59 -19.53
C ASN C 184 36.91 37.00 -20.55
N ILE C 185 35.63 36.78 -20.27
CA ILE C 185 34.64 37.52 -21.03
C ILE C 185 34.57 38.97 -20.52
N SER C 186 34.91 39.19 -19.25
CA SER C 186 34.89 40.56 -18.72
C SER C 186 36.03 41.42 -19.28
N ASN C 187 37.12 40.80 -19.83
CA ASN C 187 38.15 41.63 -20.47
C ASN C 187 37.78 41.93 -21.92
N PRO C 188 38.29 43.03 -22.46
CA PRO C 188 38.10 43.26 -23.91
C PRO C 188 38.92 42.30 -24.75
N THR C 189 40.18 42.07 -24.38
CA THR C 189 41.11 41.35 -25.23
C THR C 189 40.96 39.84 -25.13
N SER C 190 40.42 39.34 -24.03
CA SER C 190 40.54 37.92 -23.69
C SER C 190 39.42 37.07 -24.29
N LEU C 191 38.62 37.63 -25.21
CA LEU C 191 37.50 36.87 -25.77
C LEU C 191 37.98 35.70 -26.60
N ASN C 192 38.89 35.95 -27.55
CA ASN C 192 39.33 34.90 -28.47
C ASN C 192 40.16 33.85 -27.76
N GLU C 193 41.06 34.29 -26.87
CA GLU C 193 41.92 33.40 -26.10
C GLU C 193 41.14 32.52 -25.12
N ALA C 194 39.85 32.80 -24.93
CA ALA C 194 39.13 32.25 -23.78
C ALA C 194 38.88 30.74 -23.93
N ASN C 195 38.16 30.33 -24.98
CA ASN C 195 37.88 28.91 -25.20
C ASN C 195 39.17 28.08 -25.24
N GLN C 196 40.19 28.60 -25.93
CA GLN C 196 41.47 27.90 -26.00
C GLN C 196 42.07 27.73 -24.61
N GLU C 197 42.18 28.84 -23.87
CA GLU C 197 42.76 28.82 -22.53
C GLU C 197 42.02 27.84 -21.63
N LEU C 198 40.69 27.81 -21.71
CA LEU C 198 39.93 26.87 -20.88
C LEU C 198 40.28 25.43 -21.22
N LEU C 199 40.25 25.07 -22.52
CA LEU C 199 40.58 23.69 -22.89
C LEU C 199 41.99 23.31 -22.44
N TYR C 200 42.92 24.27 -22.49
CA TYR C 200 44.31 23.98 -22.15
C TYR C 200 44.51 23.84 -20.64
N ASN C 201 44.04 24.81 -19.85
CA ASN C 201 44.23 24.72 -18.40
C ASN C 201 43.41 23.59 -17.80
N MET C 202 42.27 23.25 -18.40
CA MET C 202 41.54 22.06 -17.99
C MET C 202 42.37 20.80 -18.21
N THR C 203 42.99 20.68 -19.40
CA THR C 203 43.88 19.55 -19.65
C THR C 203 44.99 19.52 -18.61
N LEU C 204 45.56 20.68 -18.32
CA LEU C 204 46.55 20.81 -17.25
C LEU C 204 46.04 20.24 -15.92
N GLY C 205 44.88 20.74 -15.45
CA GLY C 205 44.33 20.30 -14.19
C GLY C 205 44.10 18.80 -14.15
N LEU C 206 43.57 18.25 -15.24
CA LEU C 206 43.33 16.81 -15.28
C LEU C 206 44.64 16.03 -15.19
N GLU C 207 45.69 16.50 -15.86
CA GLU C 207 46.91 15.70 -15.77
C GLU C 207 47.62 15.90 -14.42
N ASN C 208 47.53 17.10 -13.82
CA ASN C 208 48.02 17.26 -12.46
C ASN C 208 47.36 16.27 -11.51
N LEU C 209 46.07 15.99 -11.72
CA LEU C 209 45.49 14.99 -10.86
C LEU C 209 45.97 13.60 -11.29
N LEU C 210 46.36 13.46 -12.55
CA LEU C 210 46.61 12.12 -13.08
C LEU C 210 48.06 11.66 -12.86
N ASN C 211 49.01 12.59 -12.91
CA ASN C 211 50.41 12.31 -13.17
C ASN C 211 51.23 12.03 -11.93
N GLY C 212 50.64 12.12 -10.74
CA GLY C 212 51.35 12.02 -9.48
C GLY C 212 51.51 13.33 -8.73
N GLU C 213 51.34 14.50 -9.38
CA GLU C 213 51.58 15.78 -8.71
C GLU C 213 50.66 15.96 -7.49
N PHE C 214 49.36 15.78 -7.70
CA PHE C 214 48.38 15.99 -6.64
C PHE C 214 48.62 15.01 -5.50
N ASP C 215 48.82 13.73 -5.83
CA ASP C 215 49.14 12.75 -4.79
C ASP C 215 50.33 13.20 -3.95
N SER C 216 51.39 13.66 -4.61
CA SER C 216 52.62 13.98 -3.90
C SER C 216 52.43 15.20 -3.01
N ALA C 217 51.80 16.25 -3.54
CA ALA C 217 51.53 17.43 -2.72
C ALA C 217 50.64 17.06 -1.53
N MET C 218 49.70 16.14 -1.77
CA MET C 218 48.84 15.65 -0.71
C MET C 218 49.67 15.03 0.40
N GLU C 219 50.60 14.14 0.03
CA GLU C 219 51.45 13.44 1.00
C GLU C 219 52.33 14.42 1.76
N HIS C 220 52.90 15.41 1.06
CA HIS C 220 53.68 16.45 1.72
C HIS C 220 52.84 17.15 2.76
N TYR C 221 51.80 17.89 2.32
CA TYR C 221 51.01 18.71 3.25
C TYR C 221 50.51 17.87 4.42
N ALA C 222 50.10 16.62 4.17
CA ALA C 222 49.69 15.75 5.26
C ALA C 222 50.82 15.55 6.28
N MET C 223 52.00 15.08 5.82
CA MET C 223 53.09 14.83 6.80
C MET C 223 53.50 16.11 7.52
N ASP C 224 53.51 17.24 6.82
CA ASP C 224 53.74 18.54 7.45
C ASP C 224 52.76 18.78 8.58
N TYR C 225 51.46 18.61 8.30
CA TYR C 225 50.47 18.81 9.34
C TYR C 225 50.72 17.89 10.53
N MET C 226 51.09 16.63 10.26
CA MET C 226 51.22 15.69 11.37
C MET C 226 52.42 16.03 12.24
N LYS C 227 53.54 16.41 11.63
CA LYS C 227 54.76 16.70 12.39
C LYS C 227 54.51 17.78 13.43
N ASN C 228 54.03 18.93 12.99
CA ASN C 228 53.70 20.00 13.91
C ASN C 228 52.54 19.59 14.83
N LYS D 4 27.23 -17.07 50.48
CA LYS D 4 27.94 -17.65 49.35
C LYS D 4 27.22 -17.37 48.03
N ASP D 5 28.02 -17.22 46.95
CA ASP D 5 27.53 -16.87 45.61
C ASP D 5 26.77 -15.55 45.64
N LEU D 6 27.15 -14.68 46.57
CA LEU D 6 26.64 -13.32 46.57
C LEU D 6 27.38 -12.46 45.56
N GLU D 7 28.67 -12.77 45.36
CA GLU D 7 29.46 -12.10 44.33
C GLU D 7 28.74 -12.16 42.98
N SER D 8 28.27 -13.35 42.60
CA SER D 8 27.59 -13.50 41.33
C SER D 8 26.36 -12.60 41.26
N LYS D 9 25.58 -12.55 42.34
CA LYS D 9 24.35 -11.77 42.35
C LYS D 9 24.64 -10.27 42.22
N VAL D 10 25.66 -9.77 42.95
CA VAL D 10 26.04 -8.36 42.83
C VAL D 10 26.47 -8.03 41.40
N PHE D 11 27.35 -8.88 40.83
CA PHE D 11 27.75 -8.72 39.44
C PHE D 11 26.54 -8.62 38.52
N LYS D 12 25.52 -9.47 38.73
CA LYS D 12 24.31 -9.43 37.92
C LYS D 12 23.63 -8.07 38.01
N ILE D 13 23.59 -7.50 39.21
CA ILE D 13 22.92 -6.21 39.38
C ILE D 13 23.65 -5.13 38.58
N LEU D 14 24.98 -5.08 38.72
CA LEU D 14 25.80 -4.14 37.96
C LEU D 14 25.53 -4.28 36.46
N PHE D 15 25.64 -5.51 35.96
CA PHE D 15 25.50 -5.75 34.53
C PHE D 15 24.15 -5.29 34.01
N GLU D 16 23.07 -5.65 34.70
CA GLU D 16 21.75 -5.31 34.17
C GLU D 16 21.48 -3.82 34.27
N SER D 17 22.05 -3.15 35.26
CA SER D 17 21.97 -1.69 35.30
C SER D 17 22.61 -1.07 34.07
N LEU D 18 23.87 -1.46 33.81
CA LEU D 18 24.58 -0.92 32.65
C LEU D 18 23.81 -1.19 31.34
N GLU D 19 23.21 -2.38 31.23
CA GLU D 19 22.49 -2.72 30.01
C GLU D 19 21.25 -1.86 29.82
N SER D 20 20.57 -1.52 30.93
CA SER D 20 19.44 -0.61 30.88
C SER D 20 19.86 0.74 30.35
N THR D 21 20.97 1.27 30.88
CA THR D 21 21.54 2.49 30.32
C THR D 21 21.85 2.35 28.82
N ARG D 22 22.41 1.21 28.38
CA ARG D 22 22.71 1.08 26.96
C ARG D 22 21.43 1.15 26.15
N LYS D 23 20.36 0.53 26.64
CA LYS D 23 19.12 0.54 25.88
C LYS D 23 18.53 1.94 25.83
N ALA D 24 18.63 2.68 26.93
CA ALA D 24 18.25 4.08 26.89
C ALA D 24 19.00 4.79 25.75
N ILE D 25 20.31 4.56 25.68
CA ILE D 25 21.15 5.23 24.69
C ILE D 25 20.68 4.90 23.28
N ALA D 26 20.45 3.60 23.01
CA ALA D 26 19.98 3.15 21.70
C ALA D 26 18.62 3.76 21.33
N LYS D 27 17.78 4.11 22.33
CA LYS D 27 16.51 4.72 21.95
C LYS D 27 16.60 6.17 21.50
N GLN D 28 17.75 6.83 21.63
CA GLN D 28 17.85 8.21 21.21
C GLN D 28 17.91 8.24 19.71
N ASN D 29 17.04 8.99 19.09
CA ASN D 29 17.17 8.99 17.65
C ASN D 29 17.12 10.36 17.03
N GLN D 30 16.25 11.23 17.51
CA GLN D 30 16.02 12.48 16.79
C GLN D 30 17.20 13.43 16.92
N GLU D 31 17.70 13.63 18.16
CA GLU D 31 18.81 14.53 18.36
C GLU D 31 20.10 13.94 17.78
N LYS D 32 20.28 12.61 17.89
CA LYS D 32 21.41 11.97 17.25
C LYS D 32 21.42 12.22 15.75
N TRP D 33 20.26 12.07 15.09
CA TRP D 33 20.19 12.31 13.65
C TRP D 33 20.39 13.80 13.33
N LYS D 34 19.81 14.68 14.12
CA LYS D 34 20.01 16.10 13.90
C LYS D 34 21.50 16.43 13.94
N LYS D 35 22.24 15.74 14.81
CA LYS D 35 23.67 15.99 14.92
C LYS D 35 24.46 15.38 13.75
N TYR D 36 24.18 14.13 13.37
CA TYR D 36 24.67 13.61 12.11
C TYR D 36 24.59 14.66 11.00
N PHE D 37 23.38 15.17 10.86
CA PHE D 37 23.07 16.07 9.77
C PHE D 37 23.89 17.35 9.88
N ILE D 38 24.04 17.88 11.10
CA ILE D 38 24.85 19.09 11.29
C ILE D 38 26.29 18.87 10.82
N LEU D 39 26.93 17.75 11.22
CA LEU D 39 28.31 17.53 10.83
C LEU D 39 28.45 17.45 9.30
N ALA D 40 27.61 16.65 8.65
CA ALA D 40 27.72 16.55 7.20
C ALA D 40 27.43 17.89 6.51
N LYS D 41 26.41 18.62 6.97
CA LYS D 41 26.08 19.90 6.35
C LYS D 41 27.24 20.86 6.49
N ARG D 42 27.93 20.82 7.63
CA ARG D 42 29.07 21.70 7.84
C ARG D 42 30.16 21.40 6.80
N LYS D 43 30.42 20.11 6.56
CA LYS D 43 31.40 19.78 5.52
C LYS D 43 30.97 20.33 4.13
N LEU D 44 29.70 20.11 3.77
CA LEU D 44 29.17 20.62 2.49
C LEU D 44 29.28 22.13 2.38
N LEU D 45 29.10 22.84 3.48
CA LEU D 45 29.15 24.29 3.45
C LEU D 45 30.58 24.82 3.38
N LEU D 46 31.52 24.13 3.99
CA LEU D 46 32.91 24.55 3.82
C LEU D 46 33.38 24.34 2.38
N SER D 47 32.98 23.23 1.73
CA SER D 47 33.36 23.13 0.31
C SER D 47 32.65 24.20 -0.53
N GLN D 48 31.44 24.59 -0.15
CA GLN D 48 30.77 25.63 -0.92
C GLN D 48 31.53 26.95 -0.79
N LYS D 49 31.96 27.26 0.43
CA LYS D 49 32.63 28.54 0.65
C LYS D 49 33.99 28.57 -0.05
N ILE D 50 34.65 27.42 -0.15
CA ILE D 50 35.93 27.38 -0.84
C ILE D 50 35.75 27.48 -2.35
N GLU D 51 34.79 26.73 -2.92
CA GLU D 51 34.56 26.87 -4.36
C GLU D 51 34.21 28.30 -4.72
N THR D 52 33.33 28.93 -3.94
CA THR D 52 32.93 30.28 -4.24
C THR D 52 34.07 31.27 -4.02
N GLU D 53 34.94 31.02 -3.05
CA GLU D 53 36.07 31.93 -2.89
C GLU D 53 37.06 31.79 -4.04
N LEU D 54 37.24 30.57 -4.56
CA LEU D 54 38.10 30.40 -5.72
C LEU D 54 37.55 31.17 -6.92
N VAL D 55 36.25 31.07 -7.19
CA VAL D 55 35.74 31.78 -8.37
C VAL D 55 35.68 33.30 -8.14
N LEU D 56 35.65 33.78 -6.89
CA LEU D 56 35.88 35.20 -6.68
C LEU D 56 37.31 35.57 -7.05
N GLU D 57 38.28 34.80 -6.56
CA GLU D 57 39.68 35.19 -6.69
C GLU D 57 40.04 35.48 -8.14
N GLN D 58 39.51 34.69 -9.08
CA GLN D 58 39.83 34.86 -10.48
C GLN D 58 39.32 36.14 -11.13
N ARG D 59 38.85 37.10 -10.35
CA ARG D 59 38.35 38.35 -10.92
C ARG D 59 39.42 39.42 -10.78
N ASP D 60 39.90 39.91 -11.93
CA ASP D 60 40.90 40.97 -11.93
C ASP D 60 40.25 42.28 -11.54
N ASP D 61 40.66 42.84 -10.41
CA ASP D 61 40.28 44.20 -10.07
C ASP D 61 40.88 45.10 -11.15
N ILE D 62 40.03 45.53 -12.08
CA ILE D 62 40.49 46.34 -13.20
C ILE D 62 40.80 47.73 -12.66
N ASP D 63 42.04 48.19 -12.91
CA ASP D 63 42.50 49.52 -12.50
C ASP D 63 43.17 50.16 -13.73
N ILE D 64 42.37 50.66 -14.67
CA ILE D 64 42.91 51.28 -15.88
C ILE D 64 43.77 52.48 -15.48
N ASN D 65 44.90 52.64 -16.17
CA ASN D 65 45.95 53.54 -15.76
C ASN D 65 46.63 54.17 -17.00
N SER D 66 45.85 54.94 -17.76
CA SER D 66 46.30 55.53 -19.02
C SER D 66 47.18 54.57 -19.86
N SER D 75 29.96 42.83 -18.31
CA SER D 75 28.52 43.07 -18.47
C SER D 75 27.78 42.70 -17.19
N GLU D 76 26.64 43.36 -16.96
CA GLU D 76 25.84 43.12 -15.75
C GLU D 76 25.58 41.65 -15.51
N SER D 77 25.62 40.83 -16.57
CA SER D 77 25.48 39.39 -16.40
C SER D 77 26.58 38.80 -15.53
N VAL D 78 27.78 39.42 -15.48
CA VAL D 78 28.82 38.87 -14.61
C VAL D 78 28.90 39.64 -13.29
N PHE D 79 28.56 40.93 -13.30
CA PHE D 79 28.51 41.65 -12.04
C PHE D 79 27.48 41.02 -11.11
N LYS D 80 26.36 40.55 -11.69
CA LYS D 80 25.32 39.92 -10.89
C LYS D 80 25.79 38.57 -10.34
N ILE D 81 26.55 37.82 -11.15
CA ILE D 81 27.15 36.57 -10.72
C ILE D 81 28.10 36.78 -9.55
N TYR D 82 29.01 37.75 -9.70
CA TYR D 82 29.97 38.01 -8.64
C TYR D 82 29.24 38.49 -7.37
N ASP D 83 28.12 39.18 -7.55
CA ASP D 83 27.33 39.61 -6.40
C ASP D 83 26.75 38.43 -5.63
N LEU D 84 26.10 37.52 -6.35
CA LEU D 84 25.56 36.33 -5.73
C LEU D 84 26.65 35.53 -5.02
N CYS D 85 27.83 35.42 -5.64
CA CYS D 85 28.98 34.82 -4.99
C CYS D 85 29.23 35.46 -3.62
N GLU D 86 29.36 36.78 -3.58
CA GLU D 86 29.78 37.42 -2.33
C GLU D 86 28.73 37.18 -1.24
N GLN D 87 27.46 37.24 -1.57
CA GLN D 87 26.52 37.07 -0.47
C GLN D 87 26.23 35.61 -0.13
N LEU D 88 26.57 34.67 -1.01
CA LEU D 88 26.55 33.28 -0.58
C LEU D 88 27.67 33.01 0.43
N ILE D 89 28.82 33.68 0.24
CA ILE D 89 29.82 33.66 1.30
C ILE D 89 29.21 34.20 2.60
N SER D 90 28.49 35.31 2.49
CA SER D 90 27.90 35.90 3.70
C SER D 90 26.91 34.95 4.37
N LYS D 91 26.09 34.26 3.58
CA LYS D 91 25.14 33.28 4.11
C LYS D 91 25.88 32.22 4.92
N ILE D 92 26.85 31.53 4.28
CA ILE D 92 27.60 30.48 4.96
C ILE D 92 28.22 31.02 6.24
N GLU D 93 28.73 32.25 6.19
CA GLU D 93 29.39 32.80 7.36
C GLU D 93 28.41 33.00 8.51
N TYR D 94 27.15 33.35 8.23
CA TYR D 94 26.16 33.34 9.31
C TYR D 94 25.88 31.91 9.76
N GLN D 95 25.82 30.98 8.82
CA GLN D 95 25.19 29.70 9.08
C GLN D 95 26.08 28.76 9.89
N LEU D 96 27.42 28.77 9.64
CA LEU D 96 28.35 27.90 10.36
C LEU D 96 28.36 28.10 11.89
N PRO D 97 28.36 29.32 12.43
CA PRO D 97 28.18 29.42 13.89
C PRO D 97 26.86 28.84 14.39
N GLN D 98 25.76 29.03 13.65
CA GLN D 98 24.47 28.48 14.08
C GLN D 98 24.51 26.97 14.11
N LEU D 99 25.21 26.35 13.16
CA LEU D 99 25.30 24.90 13.17
C LEU D 99 26.12 24.42 14.36
N GLU D 100 27.23 25.11 14.65
CA GLU D 100 27.99 24.84 15.86
C GLU D 100 27.11 24.90 17.11
N SER D 101 26.53 26.08 17.33
CA SER D 101 25.59 26.28 18.41
C SER D 101 24.58 25.14 18.54
N GLN D 102 23.87 24.84 17.44
CA GLN D 102 22.86 23.78 17.50
C GLN D 102 23.50 22.48 17.95
N TYR D 103 24.68 22.19 17.44
CA TYR D 103 25.36 20.94 17.73
C TYR D 103 25.65 20.79 19.21
N SER D 104 26.10 21.86 19.86
CA SER D 104 26.47 21.73 21.27
C SER D 104 25.31 21.84 22.27
N GLN D 105 24.05 21.95 21.84
CA GLN D 105 22.94 22.02 22.80
C GLN D 105 22.79 20.71 23.58
N PRO D 106 22.64 20.75 24.90
CA PRO D 106 22.45 19.51 25.66
C PRO D 106 21.16 18.77 25.28
N THR D 107 21.20 17.45 25.41
CA THR D 107 20.11 16.53 25.04
C THR D 107 19.69 15.71 26.26
N ASP D 108 18.57 15.00 26.10
CA ASP D 108 18.09 14.15 27.18
C ASP D 108 19.13 13.11 27.58
N LEU D 109 19.70 12.44 26.59
CA LEU D 109 20.75 11.46 26.83
C LEU D 109 21.82 11.99 27.80
N ASP D 110 22.25 13.24 27.63
CA ASP D 110 23.22 13.81 28.56
C ASP D 110 22.78 13.60 30.01
N TYR D 111 21.60 14.15 30.37
CA TYR D 111 21.02 13.97 31.69
C TYR D 111 20.96 12.50 32.09
N ILE D 112 20.49 11.64 31.20
CA ILE D 112 20.46 10.22 31.52
C ILE D 112 21.84 9.73 31.96
N LEU D 113 22.90 10.13 31.24
CA LEU D 113 24.24 9.62 31.53
C LEU D 113 24.95 10.33 32.69
N GLU D 114 24.51 11.54 33.06
CA GLU D 114 25.19 12.23 34.15
C GLU D 114 24.42 12.07 35.47
N ASP D 115 23.44 12.97 35.68
CA ASP D 115 22.71 13.02 36.95
C ASP D 115 21.97 11.72 37.22
N SER D 116 21.19 11.25 36.26
CA SER D 116 20.42 10.03 36.48
C SER D 116 21.33 8.84 36.75
N ALA D 117 22.44 8.71 36.01
CA ALA D 117 23.38 7.60 36.22
C ALA D 117 24.09 7.70 37.57
N MET D 118 24.49 8.91 37.99
CA MET D 118 24.97 9.11 39.36
C MET D 118 23.94 8.72 40.44
N GLN D 119 22.66 9.08 40.24
CA GLN D 119 21.62 8.67 41.18
C GLN D 119 21.52 7.15 41.28
N THR D 120 21.55 6.48 40.12
CA THR D 120 21.53 5.02 40.11
C THR D 120 22.73 4.46 40.83
N LEU D 121 23.90 5.09 40.63
CA LEU D 121 25.11 4.66 41.32
C LEU D 121 24.87 4.63 42.82
N LYS D 122 24.62 5.81 43.41
CA LYS D 122 24.32 5.92 44.84
C LYS D 122 23.38 4.81 45.36
N ARG D 123 22.26 4.59 44.68
CA ARG D 123 21.38 3.49 45.10
C ARG D 123 22.09 2.13 44.99
N LEU D 124 22.82 1.90 43.90
CA LEU D 124 23.51 0.61 43.75
C LEU D 124 24.57 0.40 44.83
N GLN D 125 25.18 1.49 45.30
CA GLN D 125 26.16 1.39 46.38
C GLN D 125 25.49 1.01 47.70
N ASP D 126 24.22 1.39 47.90
CA ASP D 126 23.60 0.93 49.14
C ASP D 126 23.20 -0.56 49.14
N GLU D 127 23.51 -1.33 48.09
CA GLU D 127 23.24 -2.76 48.11
C GLU D 127 24.31 -3.49 48.94
N GLU D 128 24.13 -4.80 49.10
CA GLU D 128 25.05 -5.62 49.88
C GLU D 128 25.99 -6.41 48.98
N GLY D 129 27.30 -6.31 49.26
CA GLY D 129 28.31 -6.89 48.42
C GLY D 129 28.90 -5.94 47.39
N TRP D 130 28.37 -4.73 47.28
CA TRP D 130 28.85 -3.74 46.32
C TRP D 130 30.07 -3.03 46.88
N THR D 131 31.22 -3.18 46.21
CA THR D 131 32.48 -2.66 46.69
C THR D 131 32.84 -1.36 45.94
N GLU D 132 33.99 -0.77 46.33
CA GLU D 132 34.48 0.37 45.57
C GLU D 132 34.93 -0.05 44.17
N HIS D 133 35.25 -1.33 43.99
CA HIS D 133 35.62 -1.82 42.66
C HIS D 133 34.41 -1.84 41.73
N HIS D 134 33.27 -2.32 42.24
CA HIS D 134 32.03 -2.29 41.44
C HIS D 134 31.70 -0.86 41.05
N SER D 135 31.89 0.09 41.96
CA SER D 135 31.67 1.47 41.58
C SER D 135 32.64 1.89 40.49
N ALA D 136 33.92 1.51 40.63
CA ALA D 136 34.91 1.88 39.63
C ALA D 136 34.50 1.38 38.26
N ILE D 137 34.07 0.11 38.20
CA ILE D 137 33.63 -0.50 36.95
C ILE D 137 32.41 0.23 36.39
N TYR D 138 31.42 0.54 37.25
CA TYR D 138 30.22 1.24 36.82
C TYR D 138 30.57 2.59 36.18
N ARG D 139 31.38 3.40 36.90
CA ARG D 139 31.81 4.70 36.40
C ARG D 139 32.57 4.58 35.08
N GLN D 140 33.48 3.62 34.99
CA GLN D 140 34.27 3.50 33.76
C GLN D 140 33.37 3.14 32.60
N SER D 141 32.35 2.29 32.83
CA SER D 141 31.42 1.96 31.77
C SER D 141 30.62 3.18 31.34
N ILE D 142 30.11 3.96 32.30
CA ILE D 142 29.33 5.13 31.90
C ILE D 142 30.20 6.13 31.14
N GLN D 143 31.45 6.32 31.57
CA GLN D 143 32.36 7.17 30.79
C GLN D 143 32.57 6.62 29.38
N SER D 144 32.64 5.29 29.26
CA SER D 144 32.82 4.72 27.95
C SER D 144 31.61 4.96 27.07
N MET D 145 30.41 4.86 27.65
CA MET D 145 29.23 5.13 26.85
C MET D 145 29.21 6.56 26.38
N LYS D 146 29.49 7.49 27.29
CA LYS D 146 29.52 8.90 26.94
C LYS D 146 30.40 9.12 25.73
N ARG D 147 31.64 8.59 25.77
CA ARG D 147 32.61 8.72 24.67
C ARG D 147 32.09 8.09 23.39
N GLU D 148 31.52 6.89 23.51
CA GLU D 148 31.05 6.22 22.32
C GLU D 148 29.92 6.97 21.63
N VAL D 149 29.15 7.80 22.36
CA VAL D 149 28.20 8.66 21.64
C VAL D 149 28.93 9.47 20.57
N HIS D 150 30.10 10.02 20.90
CA HIS D 150 30.86 10.76 19.91
C HIS D 150 31.44 9.84 18.83
N THR D 151 31.87 8.65 19.23
CA THR D 151 32.30 7.68 18.23
C THR D 151 31.24 7.52 17.16
N ASP D 152 30.00 7.30 17.62
CA ASP D 152 28.85 7.06 16.76
C ASP D 152 28.57 8.27 15.87
N LEU D 153 28.61 9.47 16.46
CA LEU D 153 28.36 10.69 15.68
C LEU D 153 29.36 10.85 14.54
N LEU D 154 30.64 10.59 14.81
CA LEU D 154 31.71 10.77 13.83
C LEU D 154 31.63 9.71 12.73
N LEU D 155 31.45 8.45 13.14
CA LEU D 155 31.20 7.38 12.17
C LEU D 155 30.06 7.69 11.20
N TYR D 156 28.82 7.79 11.71
CA TYR D 156 27.64 7.86 10.85
C TYR D 156 27.50 9.21 10.17
N SER D 157 28.07 10.29 10.71
CA SER D 157 28.09 11.48 9.86
C SER D 157 29.08 11.35 8.71
N SER D 158 30.20 10.62 8.88
CA SER D 158 31.05 10.40 7.70
C SER D 158 30.27 9.60 6.65
N ILE D 159 29.59 8.54 7.10
CA ILE D 159 28.84 7.71 6.13
C ILE D 159 27.75 8.53 5.46
N LEU D 160 27.11 9.42 6.22
CA LEU D 160 26.04 10.22 5.65
C LEU D 160 26.57 11.14 4.58
N TYR D 161 27.64 11.90 4.92
CA TYR D 161 28.25 12.81 3.95
C TYR D 161 28.61 12.07 2.66
N ASP D 162 29.18 10.88 2.78
CA ASP D 162 29.50 10.12 1.58
C ASP D 162 28.24 9.82 0.77
N ASN D 163 27.14 9.45 1.43
CA ASN D 163 25.93 9.17 0.65
C ASN D 163 25.35 10.43 0.03
N LEU D 164 25.28 11.53 0.77
CA LEU D 164 24.53 12.61 0.17
C LEU D 164 25.38 13.51 -0.70
N ILE D 165 26.69 13.26 -0.80
CA ILE D 165 27.46 13.87 -1.87
C ILE D 165 27.08 13.26 -3.22
N HIS D 166 26.74 11.97 -3.26
CA HIS D 166 26.07 11.41 -4.43
C HIS D 166 24.70 12.07 -4.63
N ASP D 167 23.85 12.07 -3.58
CA ASP D 167 22.44 12.45 -3.79
C ASP D 167 22.27 13.93 -4.16
N LEU D 168 23.19 14.81 -3.73
CA LEU D 168 23.08 16.25 -3.97
C LEU D 168 23.81 16.70 -5.21
N SER D 169 24.35 15.75 -6.02
CA SER D 169 25.09 16.03 -7.25
C SER D 169 24.52 17.18 -8.07
N ILE D 170 23.17 17.24 -8.19
CA ILE D 170 22.49 18.22 -9.02
C ILE D 170 22.85 19.64 -8.62
N PHE D 171 23.40 19.82 -7.43
CA PHE D 171 23.65 21.16 -6.92
C PHE D 171 25.06 21.63 -7.18
N PHE D 172 25.97 20.73 -7.58
CA PHE D 172 27.36 21.06 -7.93
C PHE D 172 27.39 21.60 -9.36
N TYR D 173 27.13 22.91 -9.48
CA TYR D 173 26.84 23.49 -10.78
C TYR D 173 28.10 23.78 -11.60
N ILE D 174 29.28 23.85 -10.99
CA ILE D 174 30.49 24.20 -11.74
C ILE D 174 30.97 23.01 -12.57
N PRO D 175 31.21 21.83 -11.97
CA PRO D 175 31.49 20.63 -12.80
C PRO D 175 30.48 20.43 -13.91
N ARG D 176 29.21 20.68 -13.59
CA ARG D 176 28.13 20.48 -14.55
C ARG D 176 28.23 21.47 -15.69
N GLU D 177 28.52 22.75 -15.38
CA GLU D 177 28.52 23.74 -16.43
C GLU D 177 29.75 23.61 -17.30
N ILE D 178 30.84 23.08 -16.74
CA ILE D 178 32.02 22.83 -17.53
C ILE D 178 31.81 21.64 -18.47
N GLY D 179 31.31 20.51 -17.93
CA GLY D 179 30.96 19.39 -18.81
C GLY D 179 29.99 19.79 -19.92
N ASN D 180 28.93 20.53 -19.55
CA ASN D 180 28.04 21.11 -20.54
C ASN D 180 28.81 21.90 -21.59
N PHE D 181 29.68 22.81 -21.14
CA PHE D 181 30.28 23.78 -22.04
C PHE D 181 31.30 23.14 -23.01
N ILE D 182 32.03 22.11 -22.57
CA ILE D 182 32.90 21.42 -23.53
C ILE D 182 32.10 20.44 -24.39
N ASN D 183 30.89 20.04 -23.95
CA ASN D 183 30.00 19.34 -24.87
C ASN D 183 29.44 20.31 -25.92
N ASN D 184 29.31 21.60 -25.57
CA ASN D 184 28.77 22.63 -26.46
C ASN D 184 29.75 23.04 -27.58
N ILE D 185 31.01 22.60 -27.52
CA ILE D 185 31.93 22.77 -28.65
C ILE D 185 31.52 21.87 -29.80
N SER D 186 31.29 20.59 -29.52
CA SER D 186 30.91 19.58 -30.48
C SER D 186 29.39 19.38 -30.63
N ASN D 187 28.56 20.08 -29.86
CA ASN D 187 27.10 20.01 -30.01
C ASN D 187 26.50 21.37 -29.66
N PRO D 188 26.60 22.36 -30.58
CA PRO D 188 26.17 23.75 -30.33
C PRO D 188 24.74 23.89 -29.81
N GLU D 193 23.75 30.97 -27.60
CA GLU D 193 25.21 31.08 -27.63
C GLU D 193 25.78 30.54 -26.29
N ALA D 194 26.99 29.97 -26.33
CA ALA D 194 27.46 29.13 -25.22
C ALA D 194 27.99 29.94 -24.03
N ASN D 195 28.61 31.09 -24.27
CA ASN D 195 29.07 31.93 -23.17
C ASN D 195 27.90 32.32 -22.27
N GLN D 196 26.82 32.79 -22.89
CA GLN D 196 25.66 33.26 -22.15
C GLN D 196 24.90 32.12 -21.48
N GLU D 197 24.84 30.95 -22.15
CA GLU D 197 24.31 29.73 -21.54
C GLU D 197 25.04 29.41 -20.24
N LEU D 198 26.37 29.48 -20.24
CA LEU D 198 27.10 29.23 -19.00
C LEU D 198 26.81 30.30 -17.95
N LEU D 199 26.82 31.58 -18.34
CA LEU D 199 26.52 32.62 -17.36
C LEU D 199 25.15 32.37 -16.72
N TYR D 200 24.18 31.96 -17.52
CA TYR D 200 22.84 31.75 -17.00
C TYR D 200 22.77 30.54 -16.08
N ASN D 201 23.34 29.41 -16.51
CA ASN D 201 23.30 28.25 -15.64
C ASN D 201 24.06 28.49 -14.35
N MET D 202 25.09 29.35 -14.41
CA MET D 202 25.85 29.63 -13.21
C MET D 202 25.04 30.50 -12.26
N THR D 203 24.46 31.59 -12.76
CA THR D 203 23.55 32.39 -11.94
C THR D 203 22.51 31.50 -11.26
N LEU D 204 21.88 30.61 -12.03
CA LEU D 204 20.87 29.73 -11.47
C LEU D 204 21.43 28.89 -10.34
N GLY D 205 22.47 28.09 -10.62
CA GLY D 205 23.06 27.23 -9.61
C GLY D 205 23.43 27.99 -8.35
N LEU D 206 23.94 29.22 -8.52
CA LEU D 206 24.14 30.12 -7.39
C LEU D 206 22.85 30.29 -6.61
N GLU D 207 21.80 30.74 -7.29
CA GLU D 207 20.56 31.09 -6.61
C GLU D 207 20.03 29.90 -5.81
N ASN D 208 19.96 28.73 -6.46
CA ASN D 208 19.63 27.51 -5.74
C ASN D 208 20.52 27.29 -4.52
N LEU D 209 21.78 27.73 -4.56
CA LEU D 209 22.56 27.59 -3.33
C LEU D 209 22.16 28.62 -2.29
N LEU D 210 21.66 29.77 -2.71
CA LEU D 210 21.36 30.84 -1.77
C LEU D 210 19.90 30.86 -1.31
N ASN D 211 18.99 30.39 -2.14
CA ASN D 211 17.58 30.65 -1.93
C ASN D 211 16.89 29.59 -1.09
N GLY D 212 17.66 28.76 -0.39
CA GLY D 212 17.08 27.72 0.41
C GLY D 212 16.86 26.41 -0.32
N GLU D 213 16.83 26.42 -1.66
CA GLU D 213 16.67 25.18 -2.40
C GLU D 213 17.66 24.11 -1.93
N PHE D 214 18.89 24.51 -1.58
CA PHE D 214 19.89 23.55 -1.13
C PHE D 214 19.63 23.04 0.30
N ASP D 215 19.50 23.96 1.27
CA ASP D 215 19.15 23.56 2.63
C ASP D 215 17.91 22.66 2.64
N SER D 216 16.94 22.95 1.77
CA SER D 216 15.75 22.10 1.76
C SER D 216 16.05 20.73 1.15
N ALA D 217 16.80 20.70 0.04
CA ALA D 217 17.16 19.43 -0.56
C ALA D 217 17.86 18.54 0.44
N MET D 218 18.73 19.14 1.25
CA MET D 218 19.49 18.35 2.19
C MET D 218 18.60 17.85 3.33
N GLU D 219 17.75 18.73 3.88
CA GLU D 219 16.77 18.26 4.86
C GLU D 219 16.03 17.03 4.35
N HIS D 220 15.44 17.13 3.15
CA HIS D 220 14.70 16.02 2.55
C HIS D 220 15.54 14.75 2.51
N TYR D 221 16.75 14.80 1.91
CA TYR D 221 17.53 13.58 1.69
C TYR D 221 17.87 12.91 3.01
N ALA D 222 18.44 13.65 3.94
CA ALA D 222 18.85 13.03 5.20
C ALA D 222 17.63 12.47 5.94
N MET D 223 16.51 13.21 5.94
CA MET D 223 15.29 12.69 6.54
C MET D 223 14.92 11.33 5.97
N ASP D 224 14.73 11.26 4.64
CA ASP D 224 14.48 9.98 3.97
C ASP D 224 15.40 8.88 4.49
N TYR D 225 16.69 9.19 4.60
CA TYR D 225 17.64 8.21 5.13
C TYR D 225 17.22 7.70 6.51
N MET D 226 16.67 8.58 7.36
CA MET D 226 16.38 8.18 8.74
C MET D 226 15.23 7.16 8.85
N LYS D 227 14.21 7.24 8.00
CA LYS D 227 13.06 6.33 8.03
C LYS D 227 13.42 4.85 7.84
N LYS E 4 -62.25 -41.89 -23.16
CA LYS E 4 -62.44 -41.71 -24.60
C LYS E 4 -63.00 -40.30 -24.91
N ASP E 5 -62.30 -39.56 -25.77
CA ASP E 5 -62.66 -38.19 -26.14
C ASP E 5 -62.83 -37.25 -24.95
N LEU E 6 -62.65 -37.75 -23.73
CA LEU E 6 -62.96 -36.99 -22.52
C LEU E 6 -61.73 -36.26 -21.99
N GLU E 7 -60.60 -36.96 -21.88
CA GLU E 7 -59.37 -36.28 -21.49
C GLU E 7 -58.97 -35.25 -22.54
N SER E 8 -59.28 -35.51 -23.82
CA SER E 8 -59.10 -34.49 -24.86
C SER E 8 -59.92 -33.23 -24.55
N LYS E 9 -61.16 -33.41 -24.09
CA LYS E 9 -62.01 -32.26 -23.77
C LYS E 9 -61.46 -31.50 -22.56
N VAL E 10 -61.17 -32.22 -21.47
CA VAL E 10 -60.60 -31.59 -20.27
C VAL E 10 -59.36 -30.78 -20.66
N PHE E 11 -58.41 -31.43 -21.35
CA PHE E 11 -57.21 -30.75 -21.80
C PHE E 11 -57.52 -29.47 -22.56
N LYS E 12 -58.47 -29.53 -23.52
CA LYS E 12 -58.79 -28.34 -24.30
C LYS E 12 -59.29 -27.22 -23.41
N ILE E 13 -60.05 -27.56 -22.38
CA ILE E 13 -60.60 -26.48 -21.57
C ILE E 13 -59.51 -25.85 -20.70
N LEU E 14 -58.59 -26.68 -20.20
CA LEU E 14 -57.44 -26.17 -19.46
C LEU E 14 -56.62 -25.18 -20.30
N PHE E 15 -56.29 -25.61 -21.53
CA PHE E 15 -55.52 -24.78 -22.45
C PHE E 15 -56.25 -23.50 -22.80
N GLU E 16 -57.56 -23.56 -23.01
CA GLU E 16 -58.31 -22.35 -23.32
C GLU E 16 -58.28 -21.38 -22.14
N SER E 17 -58.48 -21.88 -20.91
CA SER E 17 -58.43 -21.02 -19.72
C SER E 17 -57.07 -20.32 -19.60
N LEU E 18 -55.98 -21.09 -19.75
CA LEU E 18 -54.65 -20.49 -19.64
C LEU E 18 -54.42 -19.46 -20.73
N GLU E 19 -54.79 -19.78 -21.97
CA GLU E 19 -54.64 -18.81 -23.04
C GLU E 19 -55.43 -17.53 -22.75
N SER E 20 -56.57 -17.65 -22.09
CA SER E 20 -57.34 -16.46 -21.77
C SER E 20 -56.62 -15.61 -20.73
N THR E 21 -56.11 -16.25 -19.67
CA THR E 21 -55.26 -15.53 -18.73
C THR E 21 -54.13 -14.80 -19.48
N ARG E 22 -53.53 -15.47 -20.46
CA ARG E 22 -52.41 -14.88 -21.18
C ARG E 22 -52.84 -13.63 -21.95
N LYS E 23 -53.99 -13.72 -22.65
CA LYS E 23 -54.47 -12.55 -23.38
C LYS E 23 -54.89 -11.42 -22.44
N ALA E 24 -55.24 -11.75 -21.19
CA ALA E 24 -55.51 -10.71 -20.19
C ALA E 24 -54.24 -10.10 -19.64
N ILE E 25 -53.16 -10.88 -19.55
CA ILE E 25 -51.88 -10.30 -19.15
C ILE E 25 -51.40 -9.31 -20.21
N ALA E 26 -51.66 -9.60 -21.49
CA ALA E 26 -51.12 -8.77 -22.56
C ALA E 26 -51.71 -7.36 -22.56
N LYS E 27 -53.03 -7.23 -22.41
CA LYS E 27 -53.62 -5.89 -22.40
C LYS E 27 -53.11 -5.03 -21.25
N GLN E 28 -52.46 -5.62 -20.26
CA GLN E 28 -52.06 -4.95 -19.02
C GLN E 28 -50.63 -4.44 -19.08
N ASN E 29 -50.31 -3.67 -20.12
CA ASN E 29 -48.99 -3.08 -20.24
C ASN E 29 -48.77 -1.87 -19.33
N GLN E 30 -49.84 -1.27 -18.82
CA GLN E 30 -49.73 -0.06 -18.01
C GLN E 30 -48.76 -0.24 -16.85
N GLU E 31 -48.97 -1.27 -16.03
CA GLU E 31 -48.23 -1.41 -14.78
C GLU E 31 -46.73 -1.54 -15.03
N LYS E 32 -46.35 -2.14 -16.17
CA LYS E 32 -44.96 -2.47 -16.41
C LYS E 32 -44.12 -1.20 -16.38
N TRP E 33 -44.40 -0.26 -17.27
CA TRP E 33 -43.73 1.04 -17.31
C TRP E 33 -43.48 1.68 -15.93
N LYS E 34 -44.51 1.74 -15.10
CA LYS E 34 -44.31 2.26 -13.74
C LYS E 34 -43.26 1.45 -12.99
N LYS E 35 -43.32 0.12 -13.07
CA LYS E 35 -42.33 -0.63 -12.30
C LYS E 35 -40.92 -0.53 -12.92
N TYR E 36 -40.83 -0.43 -14.25
CA TYR E 36 -39.55 -0.11 -14.89
C TYR E 36 -38.93 1.12 -14.25
N PHE E 37 -39.74 2.20 -14.16
CA PHE E 37 -39.23 3.46 -13.62
C PHE E 37 -38.76 3.27 -12.20
N ILE E 38 -39.54 2.52 -11.41
CA ILE E 38 -39.17 2.29 -10.00
C ILE E 38 -37.81 1.63 -9.91
N LEU E 39 -37.62 0.51 -10.61
CA LEU E 39 -36.37 -0.25 -10.48
C LEU E 39 -35.15 0.56 -10.96
N ALA E 40 -35.24 1.18 -12.15
CA ALA E 40 -34.11 1.99 -12.63
C ALA E 40 -33.83 3.18 -11.69
N LYS E 41 -34.90 3.82 -11.16
CA LYS E 41 -34.73 5.03 -10.34
C LYS E 41 -34.09 4.67 -9.02
N ARG E 42 -34.54 3.56 -8.42
CA ARG E 42 -33.89 3.07 -7.21
C ARG E 42 -32.37 2.84 -7.43
N LYS E 43 -31.98 2.16 -8.54
CA LYS E 43 -30.52 2.01 -8.77
C LYS E 43 -29.84 3.38 -8.82
N LEU E 44 -30.46 4.33 -9.53
CA LEU E 44 -29.87 5.68 -9.61
C LEU E 44 -29.68 6.29 -8.23
N LEU E 45 -30.70 6.16 -7.34
CA LEU E 45 -30.61 6.84 -6.04
C LEU E 45 -29.67 6.11 -5.09
N LEU E 46 -29.58 4.79 -5.21
CA LEU E 46 -28.51 4.06 -4.52
C LEU E 46 -27.11 4.65 -4.84
N SER E 47 -26.82 4.88 -6.11
CA SER E 47 -25.48 5.41 -6.40
C SER E 47 -25.32 6.85 -5.93
N GLN E 48 -26.38 7.67 -6.07
CA GLN E 48 -26.35 9.02 -5.51
C GLN E 48 -26.03 9.00 -4.02
N LYS E 49 -26.76 8.16 -3.26
CA LYS E 49 -26.47 7.95 -1.85
C LYS E 49 -25.00 7.61 -1.62
N ILE E 50 -24.47 6.59 -2.32
CA ILE E 50 -23.09 6.19 -2.01
C ILE E 50 -22.11 7.31 -2.33
N GLU E 51 -22.27 8.01 -3.46
CA GLU E 51 -21.38 9.13 -3.76
C GLU E 51 -21.42 10.17 -2.66
N THR E 52 -22.64 10.58 -2.26
CA THR E 52 -22.75 11.65 -1.28
C THR E 52 -22.20 11.22 0.07
N GLU E 53 -22.45 9.98 0.46
CA GLU E 53 -21.86 9.42 1.68
C GLU E 53 -20.34 9.42 1.62
N LEU E 54 -19.76 9.18 0.44
CA LEU E 54 -18.30 9.18 0.43
C LEU E 54 -17.78 10.60 0.56
N VAL E 55 -18.35 11.53 -0.19
CA VAL E 55 -18.01 12.95 -0.01
C VAL E 55 -18.11 13.33 1.45
N LEU E 56 -19.17 12.85 2.11
CA LEU E 56 -19.45 13.21 3.50
C LEU E 56 -18.44 12.57 4.44
N GLU E 57 -18.06 11.32 4.18
CA GLU E 57 -17.19 10.54 5.05
C GLU E 57 -15.83 11.23 5.23
N GLN E 58 -15.55 12.24 4.42
CA GLN E 58 -14.25 12.91 4.47
C GLN E 58 -14.24 14.16 5.35
N ARG E 59 -15.42 14.64 5.80
CA ARG E 59 -15.47 15.76 6.74
C ARG E 59 -14.85 15.36 8.08
N ASP E 60 -13.87 16.14 8.53
CA ASP E 60 -13.27 15.93 9.84
C ASP E 60 -14.12 16.60 10.92
N ASP E 61 -14.05 16.06 12.13
CA ASP E 61 -14.69 16.68 13.28
C ASP E 61 -14.14 18.07 13.50
N ILE E 62 -14.98 18.98 14.00
CA ILE E 62 -14.58 20.38 14.12
C ILE E 62 -13.73 20.58 15.37
N ASP E 63 -12.52 21.08 15.17
CA ASP E 63 -11.61 21.47 16.25
C ASP E 63 -11.85 22.95 16.52
N ILE E 64 -12.13 23.29 17.77
CA ILE E 64 -12.45 24.67 18.09
C ILE E 64 -11.25 25.60 17.86
N ASN E 65 -10.04 25.07 17.76
CA ASN E 65 -8.90 25.91 17.39
C ASN E 65 -8.84 26.20 15.89
N SER E 66 -9.45 25.35 15.07
CA SER E 66 -9.39 25.50 13.61
C SER E 66 -10.03 26.83 13.19
N LEU E 67 -9.29 27.62 12.43
CA LEU E 67 -9.84 28.80 11.76
C LEU E 67 -9.06 29.11 10.51
N ASN E 73 -14.04 33.08 2.06
CA ASN E 73 -15.14 32.75 1.15
C ASN E 73 -15.41 31.26 1.17
N GLU E 74 -14.36 30.50 1.48
CA GLU E 74 -14.43 29.06 1.36
C GLU E 74 -15.25 28.46 2.50
N SER E 75 -14.84 28.74 3.75
CA SER E 75 -15.46 28.13 4.93
C SER E 75 -16.99 28.11 4.85
N GLU E 76 -17.59 29.24 4.46
CA GLU E 76 -19.04 29.30 4.33
C GLU E 76 -19.54 28.31 3.28
N SER E 77 -18.87 28.28 2.12
CA SER E 77 -19.29 27.40 1.04
C SER E 77 -19.18 25.93 1.42
N VAL E 78 -18.08 25.54 2.08
CA VAL E 78 -17.90 24.13 2.41
C VAL E 78 -18.90 23.71 3.49
N PHE E 79 -19.14 24.58 4.47
CA PHE E 79 -20.19 24.29 5.45
C PHE E 79 -21.54 24.03 4.76
N LYS E 80 -21.93 24.92 3.85
CA LYS E 80 -23.28 24.76 3.30
C LYS E 80 -23.35 23.60 2.30
N ILE E 81 -22.21 23.22 1.72
CA ILE E 81 -22.17 22.01 0.89
C ILE E 81 -22.35 20.77 1.76
N TYR E 82 -21.62 20.67 2.87
CA TYR E 82 -21.80 19.51 3.73
C TYR E 82 -23.27 19.39 4.16
N ASP E 83 -23.91 20.51 4.45
CA ASP E 83 -25.33 20.46 4.80
C ASP E 83 -26.19 19.96 3.63
N LEU E 84 -25.90 20.43 2.41
CA LEU E 84 -26.61 19.91 1.23
C LEU E 84 -26.45 18.39 1.09
N CYS E 85 -25.24 17.87 1.34
CA CYS E 85 -25.03 16.42 1.36
C CYS E 85 -25.99 15.73 2.34
N GLU E 86 -26.00 16.19 3.59
CA GLU E 86 -26.88 15.55 4.58
C GLU E 86 -28.35 15.64 4.18
N GLN E 87 -28.76 16.74 3.54
CA GLN E 87 -30.14 16.84 3.08
C GLN E 87 -30.44 15.84 1.98
N LEU E 88 -29.51 15.67 1.04
CA LEU E 88 -29.70 14.70 -0.05
C LEU E 88 -29.79 13.27 0.49
N ILE E 89 -28.95 12.95 1.49
CA ILE E 89 -29.02 11.63 2.10
C ILE E 89 -30.39 11.39 2.74
N SER E 90 -30.88 12.36 3.50
CA SER E 90 -32.20 12.14 4.12
C SER E 90 -33.28 12.02 3.05
N LYS E 91 -33.19 12.83 1.99
CA LYS E 91 -34.19 12.74 0.93
C LYS E 91 -34.19 11.34 0.34
N ILE E 92 -33.01 10.77 0.09
CA ILE E 92 -32.96 9.47 -0.54
C ILE E 92 -33.33 8.37 0.45
N GLU E 93 -32.87 8.49 1.69
CA GLU E 93 -33.23 7.52 2.73
C GLU E 93 -34.75 7.43 2.93
N TYR E 94 -35.49 8.50 2.64
CA TYR E 94 -36.93 8.24 2.68
C TYR E 94 -37.49 7.88 1.31
N GLN E 95 -36.94 8.48 0.25
CA GLN E 95 -37.39 8.22 -1.11
C GLN E 95 -37.29 6.74 -1.46
N LEU E 96 -36.34 6.02 -0.85
CA LEU E 96 -36.19 4.60 -1.17
C LEU E 96 -37.37 3.77 -0.63
N PRO E 97 -37.64 3.73 0.68
CA PRO E 97 -38.83 2.99 1.14
C PRO E 97 -40.14 3.41 0.48
N GLN E 98 -40.26 4.70 0.13
CA GLN E 98 -41.41 5.11 -0.69
C GLN E 98 -41.47 4.29 -1.97
N LEU E 99 -40.30 4.08 -2.61
CA LEU E 99 -40.23 3.38 -3.90
C LEU E 99 -40.50 1.88 -3.75
N GLU E 100 -39.92 1.23 -2.73
CA GLU E 100 -40.34 -0.14 -2.43
C GLU E 100 -41.85 -0.24 -2.31
N SER E 101 -42.45 0.61 -1.45
CA SER E 101 -43.90 0.57 -1.26
C SER E 101 -44.64 0.66 -2.59
N GLN E 102 -44.34 1.70 -3.38
CA GLN E 102 -45.01 1.84 -4.68
C GLN E 102 -44.88 0.58 -5.54
N TYR E 103 -43.70 -0.06 -5.51
CA TYR E 103 -43.50 -1.30 -6.27
C TYR E 103 -44.36 -2.45 -5.74
N SER E 104 -44.64 -2.47 -4.44
CA SER E 104 -45.41 -3.56 -3.84
C SER E 104 -46.91 -3.46 -4.03
N GLN E 105 -47.44 -2.29 -4.38
CA GLN E 105 -48.88 -2.08 -4.29
C GLN E 105 -49.63 -2.92 -5.32
N PRO E 106 -50.70 -3.61 -4.92
CA PRO E 106 -51.39 -4.52 -5.86
C PRO E 106 -51.89 -3.82 -7.12
N THR E 107 -51.97 -4.61 -8.18
CA THR E 107 -52.22 -4.17 -9.54
C THR E 107 -53.30 -5.05 -10.15
N ASP E 108 -53.86 -4.60 -11.27
CA ASP E 108 -54.83 -5.44 -11.95
C ASP E 108 -54.17 -6.70 -12.50
N LEU E 109 -52.87 -6.62 -12.81
CA LEU E 109 -52.09 -7.80 -13.18
C LEU E 109 -51.95 -8.76 -12.00
N ASP E 110 -51.52 -8.26 -10.83
CA ASP E 110 -51.50 -9.08 -9.62
C ASP E 110 -52.85 -9.76 -9.40
N TYR E 111 -53.95 -8.99 -9.50
CA TYR E 111 -55.27 -9.55 -9.29
C TYR E 111 -55.57 -10.62 -10.32
N ILE E 112 -55.38 -10.31 -11.60
CA ILE E 112 -55.66 -11.23 -12.68
C ILE E 112 -54.82 -12.52 -12.57
N LEU E 113 -53.69 -12.49 -11.83
CA LEU E 113 -52.85 -13.67 -11.70
C LEU E 113 -52.92 -14.33 -10.32
N GLU E 114 -53.56 -13.71 -9.35
CA GLU E 114 -53.80 -14.43 -8.10
C GLU E 114 -55.29 -14.73 -7.96
N ASP E 115 -56.07 -13.74 -7.49
CA ASP E 115 -57.49 -13.93 -7.19
C ASP E 115 -58.26 -14.48 -8.40
N SER E 116 -58.23 -13.75 -9.52
CA SER E 116 -58.93 -14.18 -10.73
C SER E 116 -58.57 -15.62 -11.10
N ALA E 117 -57.28 -15.95 -11.03
CA ALA E 117 -56.83 -17.28 -11.43
C ALA E 117 -57.21 -18.37 -10.44
N MET E 118 -57.23 -18.10 -9.13
CA MET E 118 -57.65 -19.14 -8.20
C MET E 118 -59.16 -19.34 -8.20
N GLN E 119 -59.94 -18.26 -8.40
CA GLN E 119 -61.37 -18.42 -8.64
C GLN E 119 -61.61 -19.37 -9.80
N THR E 120 -60.84 -19.15 -10.88
CA THR E 120 -60.97 -20.00 -12.05
C THR E 120 -60.55 -21.45 -11.75
N LEU E 121 -59.55 -21.65 -10.88
CA LEU E 121 -59.19 -23.03 -10.53
C LEU E 121 -60.35 -23.72 -9.82
N LYS E 122 -60.93 -23.04 -8.82
CA LYS E 122 -62.09 -23.61 -8.13
C LYS E 122 -63.15 -24.03 -9.13
N ARG E 123 -63.57 -23.09 -10.00
CA ARG E 123 -64.56 -23.42 -11.03
C ARG E 123 -64.15 -24.65 -11.84
N LEU E 124 -62.91 -24.68 -12.33
CA LEU E 124 -62.47 -25.75 -13.21
C LEU E 124 -62.39 -27.09 -12.49
N GLN E 125 -62.37 -27.09 -11.16
CA GLN E 125 -62.28 -28.35 -10.44
C GLN E 125 -63.59 -29.12 -10.35
N ASP E 126 -64.71 -28.55 -10.81
CA ASP E 126 -65.99 -29.26 -10.83
C ASP E 126 -66.35 -29.72 -12.24
N GLU E 127 -65.35 -30.17 -13.01
CA GLU E 127 -65.58 -30.53 -14.39
C GLU E 127 -65.32 -32.02 -14.58
N GLU E 128 -65.91 -32.56 -15.65
CA GLU E 128 -65.93 -34.01 -15.84
C GLU E 128 -64.59 -34.47 -16.40
N GLY E 129 -63.81 -35.16 -15.58
CA GLY E 129 -62.48 -35.55 -15.96
C GLY E 129 -61.39 -34.65 -15.44
N TRP E 130 -61.62 -33.97 -14.30
CA TRP E 130 -60.61 -33.08 -13.72
C TRP E 130 -59.90 -33.75 -12.55
N THR E 131 -58.78 -34.41 -12.87
CA THR E 131 -57.87 -34.90 -11.86
C THR E 131 -57.12 -33.75 -11.19
N GLU E 132 -56.51 -34.04 -10.04
CA GLU E 132 -55.61 -33.08 -9.40
C GLU E 132 -54.39 -32.79 -10.28
N HIS E 133 -53.90 -33.79 -11.01
CA HIS E 133 -52.82 -33.58 -11.98
C HIS E 133 -53.09 -32.34 -12.84
N HIS E 134 -54.34 -32.22 -13.34
CA HIS E 134 -54.77 -31.03 -14.07
C HIS E 134 -54.54 -29.76 -13.25
N SER E 135 -54.82 -29.80 -11.95
CA SER E 135 -54.67 -28.58 -11.17
C SER E 135 -53.22 -28.23 -10.93
N ALA E 136 -52.35 -29.23 -10.78
CA ALA E 136 -50.92 -28.98 -10.64
C ALA E 136 -50.37 -28.29 -11.88
N ILE E 137 -50.75 -28.83 -13.05
CA ILE E 137 -50.37 -28.18 -14.31
C ILE E 137 -50.87 -26.73 -14.35
N TYR E 138 -52.09 -26.49 -13.80
CA TYR E 138 -52.65 -25.13 -13.79
C TYR E 138 -51.84 -24.17 -12.91
N ARG E 139 -51.54 -24.59 -11.68
CA ARG E 139 -50.76 -23.73 -10.78
C ARG E 139 -49.37 -23.46 -11.36
N GLN E 140 -48.73 -24.48 -11.96
CA GLN E 140 -47.39 -24.25 -12.51
C GLN E 140 -47.45 -23.32 -13.72
N SER E 141 -48.47 -23.47 -14.59
CA SER E 141 -48.63 -22.51 -15.68
C SER E 141 -48.81 -21.07 -15.15
N ILE E 142 -49.58 -20.89 -14.07
CA ILE E 142 -49.77 -19.53 -13.54
C ILE E 142 -48.45 -18.97 -12.98
N GLN E 143 -47.74 -19.75 -12.16
CA GLN E 143 -46.48 -19.21 -11.64
C GLN E 143 -45.53 -18.87 -12.79
N SER E 144 -45.59 -19.64 -13.89
CA SER E 144 -44.76 -19.29 -15.03
C SER E 144 -45.17 -17.95 -15.63
N MET E 145 -46.47 -17.66 -15.67
CA MET E 145 -46.86 -16.35 -16.19
C MET E 145 -46.39 -15.23 -15.27
N LYS E 146 -46.42 -15.46 -13.95
CA LYS E 146 -45.79 -14.49 -13.03
C LYS E 146 -44.32 -14.28 -13.37
N ARG E 147 -43.60 -15.36 -13.61
CA ARG E 147 -42.18 -15.16 -13.82
C ARG E 147 -41.88 -14.51 -15.16
N GLU E 148 -42.75 -14.71 -16.17
CA GLU E 148 -42.60 -13.93 -17.40
C GLU E 148 -42.72 -12.44 -17.09
N VAL E 149 -43.72 -12.07 -16.26
CA VAL E 149 -43.89 -10.65 -15.94
C VAL E 149 -42.64 -10.13 -15.22
N HIS E 150 -42.14 -10.91 -14.25
CA HIS E 150 -40.98 -10.43 -13.49
C HIS E 150 -39.75 -10.28 -14.40
N THR E 151 -39.56 -11.23 -15.32
CA THR E 151 -38.45 -11.14 -16.27
C THR E 151 -38.58 -9.86 -17.06
N ASP E 152 -39.79 -9.55 -17.50
CA ASP E 152 -40.02 -8.34 -18.28
C ASP E 152 -39.56 -7.13 -17.47
N LEU E 153 -39.98 -7.09 -16.21
CA LEU E 153 -39.63 -5.96 -15.36
C LEU E 153 -38.11 -5.80 -15.27
N LEU E 154 -37.40 -6.90 -14.95
CA LEU E 154 -35.95 -6.83 -14.80
C LEU E 154 -35.24 -6.48 -16.12
N LEU E 155 -35.69 -7.09 -17.23
CA LEU E 155 -35.05 -6.80 -18.52
C LEU E 155 -35.14 -5.32 -18.84
N TYR E 156 -36.36 -4.80 -18.90
CA TYR E 156 -36.54 -3.46 -19.42
C TYR E 156 -36.11 -2.40 -18.40
N SER E 157 -36.15 -2.70 -17.10
CA SER E 157 -35.49 -1.75 -16.20
C SER E 157 -33.97 -1.73 -16.41
N SER E 158 -33.35 -2.87 -16.74
CA SER E 158 -31.90 -2.84 -16.94
C SER E 158 -31.54 -1.97 -18.13
N ILE E 159 -32.24 -2.18 -19.25
CA ILE E 159 -31.96 -1.39 -20.44
C ILE E 159 -32.25 0.09 -20.18
N LEU E 160 -33.37 0.38 -19.51
CA LEU E 160 -33.75 1.75 -19.21
C LEU E 160 -32.68 2.46 -18.38
N TYR E 161 -32.21 1.80 -17.32
CA TYR E 161 -31.10 2.37 -16.55
C TYR E 161 -29.86 2.60 -17.43
N ASP E 162 -29.49 1.60 -18.23
CA ASP E 162 -28.35 1.79 -19.11
C ASP E 162 -28.49 3.07 -19.90
N ASN E 163 -29.68 3.34 -20.43
CA ASN E 163 -29.85 4.56 -21.22
C ASN E 163 -29.88 5.80 -20.35
N LEU E 164 -30.44 5.71 -19.15
CA LEU E 164 -30.59 6.93 -18.34
C LEU E 164 -29.26 7.42 -17.82
N ILE E 165 -28.30 6.51 -17.63
CA ILE E 165 -26.96 6.91 -17.19
C ILE E 165 -26.24 7.75 -18.25
N HIS E 166 -26.62 7.66 -19.52
CA HIS E 166 -26.18 8.61 -20.52
C HIS E 166 -27.08 9.84 -20.57
N ASP E 167 -28.37 9.63 -20.79
CA ASP E 167 -29.31 10.73 -20.99
C ASP E 167 -29.23 11.75 -19.86
N LEU E 168 -28.94 11.30 -18.63
CA LEU E 168 -28.92 12.19 -17.47
C LEU E 168 -27.50 12.57 -17.05
N SER E 169 -26.54 12.52 -17.99
CA SER E 169 -25.13 12.66 -17.62
C SER E 169 -24.84 14.00 -16.96
N ILE E 170 -25.64 15.02 -17.27
CA ILE E 170 -25.35 16.37 -16.80
C ILE E 170 -25.59 16.51 -15.30
N PHE E 171 -26.30 15.57 -14.69
CA PHE E 171 -26.42 15.58 -13.24
C PHE E 171 -25.29 14.84 -12.53
N PHE E 172 -24.35 14.25 -13.28
CA PHE E 172 -23.18 13.61 -12.68
C PHE E 172 -22.12 14.70 -12.47
N TYR E 173 -22.44 15.64 -11.59
CA TYR E 173 -21.61 16.84 -11.50
C TYR E 173 -20.22 16.55 -10.92
N ILE E 174 -20.05 15.44 -10.21
CA ILE E 174 -18.84 15.33 -9.43
C ILE E 174 -17.62 14.94 -10.26
N PRO E 175 -17.68 13.96 -11.19
CA PRO E 175 -16.54 13.83 -12.11
C PRO E 175 -16.37 15.08 -12.96
N ARG E 176 -17.47 15.75 -13.30
CA ARG E 176 -17.42 16.95 -14.13
C ARG E 176 -16.59 18.05 -13.47
N GLU E 177 -16.74 18.20 -12.16
CA GLU E 177 -16.04 19.26 -11.46
C GLU E 177 -14.63 18.88 -11.10
N ILE E 178 -14.38 17.59 -10.88
CA ILE E 178 -13.00 17.10 -10.87
C ILE E 178 -12.28 17.51 -12.15
N GLY E 179 -12.95 17.30 -13.28
CA GLY E 179 -12.32 17.56 -14.56
C GLY E 179 -12.07 19.03 -14.79
N ASN E 180 -13.05 19.87 -14.47
CA ASN E 180 -12.81 21.30 -14.60
C ASN E 180 -11.73 21.77 -13.65
N PHE E 181 -11.62 21.17 -12.47
CA PHE E 181 -10.60 21.62 -11.54
C PHE E 181 -9.20 21.29 -12.05
N ILE E 182 -8.98 20.06 -12.53
CA ILE E 182 -7.62 19.76 -13.00
C ILE E 182 -7.29 20.51 -14.28
N ASN E 183 -8.27 20.74 -15.15
CA ASN E 183 -7.95 21.53 -16.33
C ASN E 183 -7.64 22.98 -15.93
N ASN E 184 -8.38 23.52 -14.97
CA ASN E 184 -8.18 24.91 -14.54
C ASN E 184 -6.80 25.08 -13.91
N ILE E 185 -6.46 24.26 -12.92
CA ILE E 185 -5.14 24.35 -12.31
C ILE E 185 -4.02 24.03 -13.29
N SER E 186 -4.35 23.43 -14.45
CA SER E 186 -3.42 23.24 -15.54
C SER E 186 -3.25 24.48 -16.41
N ASN E 187 -3.70 25.63 -15.94
CA ASN E 187 -3.67 26.88 -16.68
C ASN E 187 -3.21 27.97 -15.71
N PRO E 188 -2.75 29.13 -16.24
CA PRO E 188 -2.18 30.15 -15.34
C PRO E 188 -3.21 30.92 -14.52
N THR E 189 -4.20 31.54 -15.19
CA THR E 189 -5.17 32.39 -14.51
C THR E 189 -6.28 31.61 -13.84
N SER E 190 -6.65 30.45 -14.42
CA SER E 190 -7.76 29.68 -13.88
C SER E 190 -7.52 29.28 -12.42
N LEU E 191 -6.27 28.96 -12.07
CA LEU E 191 -5.94 28.52 -10.71
C LEU E 191 -6.50 29.46 -9.65
N ASN E 192 -6.25 30.78 -9.79
CA ASN E 192 -6.81 31.80 -8.90
C ASN E 192 -8.24 31.47 -8.48
N GLU E 193 -9.11 31.24 -9.47
CA GLU E 193 -10.53 31.05 -9.21
C GLU E 193 -10.93 29.60 -9.06
N ALA E 194 -10.01 28.67 -9.32
CA ALA E 194 -10.36 27.25 -9.35
C ALA E 194 -11.03 26.82 -8.06
N ASN E 195 -10.37 27.06 -6.93
CA ASN E 195 -10.92 26.64 -5.65
C ASN E 195 -12.24 27.31 -5.35
N GLN E 196 -12.49 28.53 -5.86
CA GLN E 196 -13.83 29.08 -5.70
C GLN E 196 -14.82 28.39 -6.63
N GLU E 197 -14.39 28.16 -7.89
CA GLU E 197 -15.35 27.83 -8.94
C GLU E 197 -15.94 26.43 -8.76
N LEU E 198 -15.11 25.44 -8.44
CA LEU E 198 -15.68 24.15 -8.12
C LEU E 198 -16.65 24.26 -6.94
N LEU E 199 -16.27 25.04 -5.92
CA LEU E 199 -17.18 25.24 -4.79
C LEU E 199 -18.56 25.67 -5.28
N TYR E 200 -18.61 26.48 -6.33
CA TYR E 200 -19.89 26.89 -6.90
C TYR E 200 -20.56 25.72 -7.62
N ASN E 201 -19.86 25.13 -8.61
CA ASN E 201 -20.52 24.16 -9.47
C ASN E 201 -20.91 22.91 -8.70
N MET E 202 -20.16 22.55 -7.66
CA MET E 202 -20.58 21.50 -6.75
C MET E 202 -21.91 21.84 -6.08
N THR E 203 -21.98 23.03 -5.47
CA THR E 203 -23.20 23.46 -4.81
C THR E 203 -24.38 23.35 -5.75
N LEU E 204 -24.27 23.99 -6.92
CA LEU E 204 -25.33 23.92 -7.91
C LEU E 204 -25.69 22.47 -8.20
N GLY E 205 -24.68 21.63 -8.36
CA GLY E 205 -24.88 20.23 -8.62
C GLY E 205 -25.74 19.64 -7.53
N LEU E 206 -25.27 19.77 -6.28
CA LEU E 206 -26.04 19.23 -5.15
C LEU E 206 -27.44 19.83 -5.07
N GLU E 207 -27.65 21.05 -5.58
CA GLU E 207 -29.00 21.57 -5.53
C GLU E 207 -29.88 20.93 -6.60
N ASN E 208 -29.34 20.72 -7.80
CA ASN E 208 -30.19 20.17 -8.86
C ASN E 208 -30.60 18.73 -8.55
N LEU E 209 -29.82 18.02 -7.75
CA LEU E 209 -30.24 16.69 -7.35
C LEU E 209 -31.29 16.72 -6.26
N LEU E 210 -31.31 17.80 -5.46
CA LEU E 210 -32.15 17.92 -4.27
C LEU E 210 -33.42 18.72 -4.53
N ASN E 211 -33.31 19.87 -5.19
CA ASN E 211 -34.46 20.72 -5.49
C ASN E 211 -35.53 20.02 -6.32
N GLY E 212 -35.18 18.96 -7.04
CA GLY E 212 -36.15 18.22 -7.83
C GLY E 212 -35.96 18.31 -9.33
N GLU E 213 -35.02 19.14 -9.80
CA GLU E 213 -34.70 19.20 -11.22
C GLU E 213 -34.35 17.83 -11.79
N PHE E 214 -33.74 16.98 -10.96
CA PHE E 214 -33.36 15.66 -11.40
C PHE E 214 -34.54 14.69 -11.40
N ASP E 215 -35.46 14.81 -10.44
CA ASP E 215 -36.64 13.94 -10.42
C ASP E 215 -37.58 14.24 -11.59
N SER E 216 -37.78 15.52 -11.87
CA SER E 216 -38.49 15.91 -13.09
C SER E 216 -37.73 15.45 -14.33
N ALA E 217 -36.40 15.62 -14.31
CA ALA E 217 -35.60 15.18 -15.45
C ALA E 217 -35.79 13.71 -15.72
N MET E 218 -35.61 12.90 -14.68
CA MET E 218 -35.76 11.46 -14.79
C MET E 218 -37.13 11.11 -15.32
N GLU E 219 -38.17 11.67 -14.68
CA GLU E 219 -39.54 11.36 -15.08
C GLU E 219 -39.79 11.65 -16.55
N HIS E 220 -39.30 12.80 -17.04
CA HIS E 220 -39.54 13.17 -18.43
C HIS E 220 -38.80 12.23 -19.39
N TYR E 221 -37.55 11.89 -19.08
CA TYR E 221 -36.85 10.93 -19.94
C TYR E 221 -37.53 9.58 -19.95
N ALA E 222 -38.12 9.19 -18.82
CA ALA E 222 -38.84 7.93 -18.81
C ALA E 222 -40.13 8.03 -19.64
N MET E 223 -40.85 9.16 -19.53
CA MET E 223 -41.99 9.43 -20.41
C MET E 223 -41.63 9.19 -21.86
N ASP E 224 -40.43 9.63 -22.27
CA ASP E 224 -40.02 9.43 -23.65
C ASP E 224 -39.71 7.96 -23.95
N TYR E 225 -39.02 7.26 -23.04
CA TYR E 225 -38.73 5.84 -23.31
C TYR E 225 -40.02 5.02 -23.46
N MET E 226 -41.07 5.36 -22.70
CA MET E 226 -42.28 4.54 -22.76
C MET E 226 -43.12 4.84 -24.00
N LYS E 227 -43.15 6.10 -24.42
CA LYS E 227 -44.07 6.57 -25.44
C LYS E 227 -44.01 5.77 -26.75
N ASP F 5 -57.99 -43.78 -14.87
CA ASP F 5 -57.62 -45.09 -14.36
C ASP F 5 -56.13 -45.26 -14.48
N LEU F 6 -55.65 -45.30 -15.73
CA LEU F 6 -54.22 -45.25 -16.03
C LEU F 6 -53.74 -43.86 -16.43
N GLU F 7 -54.66 -42.94 -16.78
CA GLU F 7 -54.25 -41.58 -17.11
C GLU F 7 -53.42 -40.98 -15.99
N SER F 8 -53.61 -41.46 -14.76
CA SER F 8 -52.70 -41.10 -13.67
C SER F 8 -51.28 -41.57 -13.96
N LYS F 9 -51.13 -42.74 -14.60
CA LYS F 9 -49.79 -43.21 -14.95
C LYS F 9 -49.10 -42.26 -15.93
N VAL F 10 -49.84 -41.80 -16.94
CA VAL F 10 -49.27 -40.95 -17.98
C VAL F 10 -48.94 -39.57 -17.40
N PHE F 11 -49.84 -39.01 -16.58
CA PHE F 11 -49.53 -37.75 -15.92
C PHE F 11 -48.32 -37.87 -15.01
N LYS F 12 -48.21 -38.97 -14.24
CA LYS F 12 -47.07 -39.12 -13.36
C LYS F 12 -45.77 -39.26 -14.15
N ILE F 13 -45.80 -39.97 -15.27
CA ILE F 13 -44.57 -40.09 -16.06
C ILE F 13 -44.15 -38.71 -16.57
N LEU F 14 -45.11 -37.92 -17.05
CA LEU F 14 -44.84 -36.54 -17.44
C LEU F 14 -44.18 -35.75 -16.31
N PHE F 15 -44.87 -35.66 -15.17
CA PHE F 15 -44.37 -34.94 -14.00
C PHE F 15 -42.95 -35.39 -13.64
N GLU F 16 -42.71 -36.70 -13.68
CA GLU F 16 -41.43 -37.22 -13.25
C GLU F 16 -40.32 -36.77 -14.19
N SER F 17 -40.56 -36.81 -15.51
CA SER F 17 -39.52 -36.37 -16.44
C SER F 17 -39.21 -34.88 -16.25
N LEU F 18 -40.25 -34.07 -16.06
CA LEU F 18 -40.03 -32.64 -15.84
C LEU F 18 -39.25 -32.38 -14.56
N GLU F 19 -39.49 -33.18 -13.52
CA GLU F 19 -38.70 -33.04 -12.31
C GLU F 19 -37.24 -33.42 -12.54
N SER F 20 -36.99 -34.43 -13.39
CA SER F 20 -35.61 -34.76 -13.77
C SER F 20 -34.88 -33.53 -14.29
N THR F 21 -35.44 -32.94 -15.34
CA THR F 21 -34.79 -31.80 -15.97
C THR F 21 -34.64 -30.62 -15.00
N ARG F 22 -35.62 -30.41 -14.09
CA ARG F 22 -35.54 -29.30 -13.15
C ARG F 22 -34.41 -29.49 -12.14
N LYS F 23 -34.30 -30.69 -11.57
CA LYS F 23 -33.17 -30.93 -10.66
C LYS F 23 -31.84 -30.81 -11.39
N ALA F 24 -31.80 -31.23 -12.66
CA ALA F 24 -30.57 -31.09 -13.44
C ALA F 24 -30.18 -29.62 -13.62
N ILE F 25 -31.14 -28.80 -14.05
CA ILE F 25 -30.89 -27.36 -14.17
C ILE F 25 -30.40 -26.80 -12.83
N ALA F 26 -31.00 -27.27 -11.74
CA ALA F 26 -30.57 -26.82 -10.42
C ALA F 26 -29.08 -27.09 -10.17
N LYS F 27 -28.59 -28.23 -10.63
CA LYS F 27 -27.19 -28.56 -10.31
C LYS F 27 -26.12 -27.79 -11.15
N GLN F 28 -26.50 -26.75 -11.88
CA GLN F 28 -25.61 -26.15 -12.86
C GLN F 28 -25.15 -24.78 -12.37
N ASN F 29 -24.40 -24.77 -11.26
CA ASN F 29 -24.12 -23.53 -10.54
C ASN F 29 -22.97 -22.70 -11.12
N GLN F 30 -21.88 -23.33 -11.58
CA GLN F 30 -20.68 -22.55 -11.88
C GLN F 30 -20.95 -21.47 -12.92
N GLU F 31 -21.50 -21.87 -14.07
CA GLU F 31 -21.80 -20.92 -15.14
C GLU F 31 -22.92 -19.95 -14.74
N LYS F 32 -23.83 -20.38 -13.86
CA LYS F 32 -24.81 -19.46 -13.30
C LYS F 32 -24.11 -18.28 -12.60
N TRP F 33 -23.21 -18.60 -11.66
CA TRP F 33 -22.51 -17.55 -10.92
C TRP F 33 -21.66 -16.70 -11.84
N LYS F 34 -21.09 -17.31 -12.88
CA LYS F 34 -20.27 -16.51 -13.78
C LYS F 34 -21.11 -15.56 -14.61
N LYS F 35 -22.29 -16.00 -15.05
CA LYS F 35 -23.14 -15.08 -15.77
C LYS F 35 -23.66 -13.95 -14.85
N TYR F 36 -23.91 -14.26 -13.56
CA TYR F 36 -24.24 -13.19 -12.60
C TYR F 36 -23.14 -12.15 -12.60
N PHE F 37 -21.90 -12.64 -12.46
CA PHE F 37 -20.74 -11.79 -12.39
C PHE F 37 -20.57 -10.99 -13.66
N ILE F 38 -20.84 -11.59 -14.80
CA ILE F 38 -20.69 -10.86 -16.04
C ILE F 38 -21.62 -9.66 -16.05
N LEU F 39 -22.92 -9.91 -15.84
CA LEU F 39 -23.90 -8.83 -15.89
C LEU F 39 -23.58 -7.70 -14.89
N ALA F 40 -23.30 -8.08 -13.64
CA ALA F 40 -22.81 -7.11 -12.66
C ALA F 40 -21.64 -6.30 -13.20
N LYS F 41 -20.52 -7.00 -13.49
CA LYS F 41 -19.27 -6.31 -13.80
C LYS F 41 -19.45 -5.41 -15.00
N ARG F 42 -20.23 -5.88 -15.98
CA ARG F 42 -20.51 -5.04 -17.14
C ARG F 42 -21.06 -3.70 -16.67
N LYS F 43 -22.07 -3.71 -15.77
CA LYS F 43 -22.68 -2.45 -15.34
C LYS F 43 -21.68 -1.56 -14.62
N LEU F 44 -20.95 -2.13 -13.66
CA LEU F 44 -19.89 -1.36 -13.00
C LEU F 44 -18.91 -0.73 -14.01
N LEU F 45 -18.59 -1.42 -15.11
CA LEU F 45 -17.60 -0.86 -16.05
C LEU F 45 -18.22 0.23 -16.91
N LEU F 46 -19.51 0.09 -17.25
CA LEU F 46 -20.18 1.16 -17.99
C LEU F 46 -20.19 2.45 -17.18
N SER F 47 -20.38 2.32 -15.87
CA SER F 47 -20.34 3.50 -15.00
C SER F 47 -18.92 4.09 -14.94
N GLN F 48 -17.93 3.25 -14.65
CA GLN F 48 -16.55 3.73 -14.70
C GLN F 48 -16.25 4.49 -16.00
N LYS F 49 -16.68 3.93 -17.12
CA LYS F 49 -16.42 4.57 -18.41
C LYS F 49 -17.02 5.96 -18.44
N ILE F 50 -18.29 6.09 -18.06
CA ILE F 50 -18.89 7.42 -18.16
C ILE F 50 -18.17 8.41 -17.26
N GLU F 51 -17.81 8.00 -16.05
CA GLU F 51 -17.02 8.86 -15.17
C GLU F 51 -15.76 9.36 -15.88
N THR F 52 -14.95 8.43 -16.36
CA THR F 52 -13.67 8.82 -16.93
C THR F 52 -13.85 9.71 -18.16
N GLU F 53 -14.78 9.33 -19.04
CA GLU F 53 -15.16 10.21 -20.14
C GLU F 53 -15.48 11.63 -19.65
N LEU F 54 -16.30 11.73 -18.60
CA LEU F 54 -16.71 13.05 -18.14
C LEU F 54 -15.52 13.86 -17.68
N VAL F 55 -14.55 13.24 -17.00
CA VAL F 55 -13.40 14.06 -16.60
C VAL F 55 -12.61 14.50 -17.83
N LEU F 56 -12.49 13.63 -18.85
CA LEU F 56 -11.68 14.02 -20.00
C LEU F 56 -12.36 15.11 -20.83
N GLU F 57 -13.70 15.18 -20.79
CA GLU F 57 -14.39 16.23 -21.53
C GLU F 57 -14.01 17.63 -21.04
N GLN F 58 -13.47 17.75 -19.82
CA GLN F 58 -13.14 19.05 -19.26
C GLN F 58 -11.71 19.49 -19.58
N ARG F 59 -10.89 18.63 -20.20
CA ARG F 59 -9.56 19.05 -20.62
C ARG F 59 -9.65 19.97 -21.83
N ASP F 60 -8.88 21.06 -21.79
CA ASP F 60 -8.86 21.97 -22.93
C ASP F 60 -8.11 21.34 -24.10
N ASP F 61 -8.38 21.87 -25.29
CA ASP F 61 -7.78 21.36 -26.51
C ASP F 61 -6.41 21.96 -26.76
N ILE F 62 -5.83 21.57 -27.90
CA ILE F 62 -4.41 21.71 -28.19
C ILE F 62 -4.27 22.39 -29.55
N ASP F 63 -3.57 23.51 -29.56
CA ASP F 63 -3.41 24.28 -30.79
C ASP F 63 -2.04 24.94 -30.80
N ILE F 64 -1.78 25.69 -31.87
CA ILE F 64 -0.54 26.45 -32.02
C ILE F 64 -0.53 27.52 -30.94
N ASN F 65 0.40 27.41 -30.00
CA ASN F 65 0.45 28.43 -28.96
C ASN F 65 1.86 28.57 -28.40
N SER F 66 1.98 29.42 -27.39
CA SER F 66 3.28 29.60 -26.75
C SER F 66 3.76 28.33 -26.08
N LEU F 67 2.91 27.30 -25.99
CA LEU F 67 3.21 26.08 -25.24
C LEU F 67 3.47 26.40 -23.77
N SER F 68 2.81 27.45 -23.28
CA SER F 68 2.99 27.99 -21.94
C SER F 68 4.47 28.13 -21.58
N GLY F 72 5.50 24.06 -15.23
CA GLY F 72 5.02 23.68 -13.92
C GLY F 72 5.02 22.18 -13.65
N ASN F 73 5.08 21.82 -12.36
CA ASN F 73 5.00 20.42 -11.98
C ASN F 73 3.57 19.88 -12.13
N GLU F 74 2.59 20.74 -11.84
CA GLU F 74 1.19 20.35 -11.98
C GLU F 74 0.96 19.76 -13.37
N SER F 75 1.43 20.46 -14.41
CA SER F 75 1.22 20.00 -15.78
C SER F 75 1.70 18.56 -15.96
N GLU F 76 2.85 18.23 -15.39
CA GLU F 76 3.29 16.84 -15.33
C GLU F 76 2.18 15.96 -14.73
N SER F 77 1.76 16.27 -13.49
CA SER F 77 0.76 15.43 -12.81
C SER F 77 -0.56 15.34 -13.59
N VAL F 78 -1.04 16.46 -14.09
CA VAL F 78 -2.34 16.55 -14.74
C VAL F 78 -2.34 15.81 -16.07
N PHE F 79 -1.25 15.93 -16.85
CA PHE F 79 -1.21 15.22 -18.13
C PHE F 79 -0.95 13.73 -17.95
N LYS F 80 -0.27 13.33 -16.87
CA LYS F 80 -0.22 11.91 -16.57
C LYS F 80 -1.59 11.36 -16.20
N ILE F 81 -2.42 12.14 -15.51
CA ILE F 81 -3.77 11.68 -15.22
C ILE F 81 -4.59 11.56 -16.51
N TYR F 82 -4.54 12.59 -17.37
CA TYR F 82 -5.27 12.50 -18.61
C TYR F 82 -4.88 11.23 -19.39
N ASP F 83 -3.60 10.86 -19.34
CA ASP F 83 -3.18 9.67 -20.09
C ASP F 83 -3.67 8.39 -19.44
N LEU F 84 -3.62 8.30 -18.10
CA LEU F 84 -4.27 7.19 -17.41
C LEU F 84 -5.75 7.09 -17.78
N CYS F 85 -6.42 8.22 -17.94
CA CYS F 85 -7.81 8.21 -18.31
C CYS F 85 -8.02 7.52 -19.64
N GLU F 86 -7.23 7.92 -20.65
CA GLU F 86 -7.35 7.29 -21.97
C GLU F 86 -7.01 5.81 -21.88
N GLN F 87 -6.11 5.45 -20.97
CA GLN F 87 -5.79 4.05 -20.76
C GLN F 87 -7.01 3.27 -20.29
N LEU F 88 -7.59 3.70 -19.14
CA LEU F 88 -8.81 3.11 -18.57
C LEU F 88 -9.92 2.94 -19.60
N ILE F 89 -10.16 3.99 -20.38
CA ILE F 89 -11.18 3.90 -21.42
C ILE F 89 -10.85 2.79 -22.40
N SER F 90 -9.56 2.65 -22.78
CA SER F 90 -9.20 1.58 -23.70
C SER F 90 -9.39 0.20 -23.06
N LYS F 91 -8.94 0.04 -21.82
CA LYS F 91 -9.20 -1.19 -21.08
C LYS F 91 -10.70 -1.55 -21.11
N ILE F 92 -11.59 -0.59 -20.78
CA ILE F 92 -13.01 -0.92 -20.70
C ILE F 92 -13.57 -1.24 -22.09
N GLU F 93 -13.21 -0.45 -23.10
CA GLU F 93 -13.65 -0.74 -24.46
C GLU F 93 -13.11 -2.09 -24.94
N TYR F 94 -12.01 -2.58 -24.38
CA TYR F 94 -11.63 -3.95 -24.69
C TYR F 94 -12.48 -4.97 -23.93
N GLN F 95 -12.76 -4.72 -22.66
CA GLN F 95 -13.35 -5.77 -21.81
C GLN F 95 -14.85 -5.98 -22.09
N LEU F 96 -15.60 -4.90 -22.35
CA LEU F 96 -17.04 -5.04 -22.59
C LEU F 96 -17.37 -6.07 -23.67
N PRO F 97 -16.80 -6.00 -24.89
CA PRO F 97 -17.12 -7.04 -25.88
C PRO F 97 -16.68 -8.41 -25.44
N GLN F 98 -15.54 -8.51 -24.74
CA GLN F 98 -15.19 -9.80 -24.16
C GLN F 98 -16.27 -10.29 -23.23
N LEU F 99 -16.78 -9.40 -22.38
CA LEU F 99 -17.78 -9.84 -21.40
C LEU F 99 -19.06 -10.29 -22.10
N GLU F 100 -19.44 -9.60 -23.16
CA GLU F 100 -20.60 -10.02 -23.92
C GLU F 100 -20.38 -11.40 -24.54
N SER F 101 -19.18 -11.62 -25.10
CA SER F 101 -18.93 -12.88 -25.79
C SER F 101 -18.81 -14.03 -24.81
N GLN F 102 -18.25 -13.76 -23.63
CA GLN F 102 -18.28 -14.74 -22.55
C GLN F 102 -19.70 -15.09 -22.12
N TYR F 103 -20.63 -14.12 -22.17
CA TYR F 103 -22.00 -14.41 -21.75
C TYR F 103 -22.74 -15.23 -22.83
N SER F 104 -22.52 -14.92 -24.11
CA SER F 104 -23.21 -15.64 -25.17
C SER F 104 -22.80 -17.11 -25.25
N GLN F 105 -21.61 -17.46 -24.76
CA GLN F 105 -21.08 -18.80 -24.90
C GLN F 105 -22.07 -19.84 -24.37
N PRO F 106 -22.32 -20.92 -25.11
CA PRO F 106 -23.30 -21.91 -24.66
C PRO F 106 -22.73 -22.83 -23.58
N THR F 107 -23.64 -23.45 -22.83
CA THR F 107 -23.30 -24.25 -21.66
C THR F 107 -23.98 -25.62 -21.76
N ASP F 108 -23.65 -26.50 -20.83
CA ASP F 108 -24.35 -27.78 -20.80
C ASP F 108 -25.85 -27.57 -20.62
N LEU F 109 -26.22 -26.53 -19.89
CA LEU F 109 -27.63 -26.18 -19.71
C LEU F 109 -28.34 -26.09 -21.06
N ASP F 110 -27.75 -25.37 -22.02
CA ASP F 110 -28.30 -25.32 -23.37
C ASP F 110 -28.65 -26.73 -23.86
N TYR F 111 -27.73 -27.68 -23.71
CA TYR F 111 -27.95 -29.01 -24.25
C TYR F 111 -29.08 -29.73 -23.51
N ILE F 112 -29.12 -29.59 -22.19
CA ILE F 112 -30.13 -30.23 -21.37
C ILE F 112 -31.52 -29.73 -21.73
N LEU F 113 -31.61 -28.49 -22.21
CA LEU F 113 -32.89 -27.88 -22.49
C LEU F 113 -33.21 -27.79 -23.97
N GLU F 114 -32.41 -28.43 -24.83
CA GLU F 114 -32.73 -28.49 -26.24
C GLU F 114 -32.60 -29.93 -26.72
N ASP F 115 -31.38 -30.36 -27.10
CA ASP F 115 -31.19 -31.69 -27.66
C ASP F 115 -31.67 -32.77 -26.69
N SER F 116 -31.17 -32.75 -25.46
CA SER F 116 -31.52 -33.81 -24.52
C SER F 116 -33.02 -33.86 -24.29
N ALA F 117 -33.69 -32.70 -24.31
CA ALA F 117 -35.11 -32.67 -24.03
C ALA F 117 -35.93 -33.20 -25.21
N MET F 118 -35.68 -32.68 -26.41
CA MET F 118 -36.35 -33.21 -27.60
C MET F 118 -36.20 -34.73 -27.69
N GLN F 119 -34.97 -35.20 -27.45
CA GLN F 119 -34.69 -36.63 -27.40
C GLN F 119 -35.60 -37.34 -26.40
N THR F 120 -35.62 -36.83 -25.17
CA THR F 120 -36.49 -37.40 -24.14
C THR F 120 -37.93 -37.50 -24.65
N LEU F 121 -38.50 -36.40 -25.15
CA LEU F 121 -39.91 -36.43 -25.56
C LEU F 121 -40.14 -37.42 -26.68
N LYS F 122 -39.17 -37.57 -27.60
CA LYS F 122 -39.32 -38.62 -28.61
C LYS F 122 -39.38 -40.00 -27.95
N ARG F 123 -38.62 -40.21 -26.88
CA ARG F 123 -38.74 -41.48 -26.16
C ARG F 123 -40.12 -41.59 -25.49
N LEU F 124 -40.66 -40.48 -25.01
CA LEU F 124 -41.93 -40.54 -24.26
C LEU F 124 -43.14 -40.63 -25.17
N GLN F 125 -42.99 -40.28 -26.45
CA GLN F 125 -44.04 -40.40 -27.44
C GLN F 125 -44.19 -41.82 -27.96
N ASP F 126 -43.46 -42.78 -27.36
CA ASP F 126 -43.55 -44.19 -27.70
C ASP F 126 -44.32 -44.99 -26.67
N GLU F 127 -44.96 -44.32 -25.73
CA GLU F 127 -45.55 -44.97 -24.57
C GLU F 127 -47.07 -45.03 -24.71
N GLU F 128 -47.66 -45.99 -23.98
CA GLU F 128 -49.10 -46.16 -23.92
C GLU F 128 -49.74 -45.02 -23.13
N GLY F 129 -50.87 -44.53 -23.63
CA GLY F 129 -51.60 -43.46 -23.01
C GLY F 129 -51.13 -42.07 -23.38
N TRP F 130 -49.99 -41.95 -24.05
CA TRP F 130 -49.36 -40.65 -24.30
C TRP F 130 -50.01 -39.95 -25.49
N THR F 131 -50.30 -38.67 -25.33
CA THR F 131 -51.03 -37.91 -26.32
C THR F 131 -50.21 -36.72 -26.78
N GLU F 132 -50.66 -36.10 -27.87
CA GLU F 132 -50.05 -34.86 -28.27
C GLU F 132 -50.31 -33.73 -27.29
N HIS F 133 -51.33 -33.85 -26.45
CA HIS F 133 -51.54 -32.80 -25.45
C HIS F 133 -50.48 -32.87 -24.35
N HIS F 134 -50.09 -34.09 -23.94
CA HIS F 134 -48.94 -34.25 -23.06
C HIS F 134 -47.66 -33.73 -23.72
N SER F 135 -47.49 -33.96 -25.02
CA SER F 135 -46.34 -33.40 -25.72
C SER F 135 -46.37 -31.88 -25.69
N ALA F 136 -47.56 -31.27 -25.86
CA ALA F 136 -47.67 -29.82 -25.77
C ALA F 136 -47.32 -29.32 -24.38
N ILE F 137 -47.73 -30.05 -23.35
CA ILE F 137 -47.37 -29.64 -22.00
C ILE F 137 -45.86 -29.81 -21.77
N TYR F 138 -45.26 -30.86 -22.33
CA TYR F 138 -43.83 -31.05 -22.18
C TYR F 138 -43.05 -29.91 -22.80
N ARG F 139 -43.40 -29.55 -24.04
CA ARG F 139 -42.73 -28.42 -24.67
C ARG F 139 -42.94 -27.12 -23.86
N GLN F 140 -44.18 -26.87 -23.39
CA GLN F 140 -44.47 -25.65 -22.64
C GLN F 140 -43.63 -25.56 -21.37
N SER F 141 -43.51 -26.68 -20.65
CA SER F 141 -42.73 -26.67 -19.41
C SER F 141 -41.26 -26.47 -19.70
N ILE F 142 -40.72 -27.15 -20.72
CA ILE F 142 -39.32 -26.95 -21.08
C ILE F 142 -39.09 -25.48 -21.42
N GLN F 143 -39.99 -24.92 -22.22
CA GLN F 143 -39.81 -23.53 -22.66
C GLN F 143 -39.83 -22.60 -21.47
N SER F 144 -40.67 -22.89 -20.48
CA SER F 144 -40.65 -22.01 -19.34
C SER F 144 -39.40 -22.17 -18.49
N MET F 145 -38.90 -23.38 -18.30
CA MET F 145 -37.62 -23.49 -17.58
C MET F 145 -36.49 -22.78 -18.35
N LYS F 146 -36.55 -22.85 -19.67
CA LYS F 146 -35.65 -22.07 -20.53
C LYS F 146 -35.73 -20.58 -20.19
N ARG F 147 -36.95 -20.03 -20.13
CA ARG F 147 -37.13 -18.61 -19.79
C ARG F 147 -36.70 -18.30 -18.35
N GLU F 148 -37.03 -19.19 -17.43
CA GLU F 148 -36.79 -18.93 -16.02
C GLU F 148 -35.30 -18.92 -15.70
N VAL F 149 -34.47 -19.66 -16.46
CA VAL F 149 -33.02 -19.45 -16.33
C VAL F 149 -32.72 -17.97 -16.47
N HIS F 150 -33.20 -17.37 -17.57
CA HIS F 150 -32.88 -15.97 -17.82
C HIS F 150 -33.34 -15.11 -16.66
N THR F 151 -34.59 -15.35 -16.22
CA THR F 151 -35.13 -14.63 -15.06
C THR F 151 -34.18 -14.68 -13.88
N ASP F 152 -33.69 -15.88 -13.58
CA ASP F 152 -32.77 -16.05 -12.47
C ASP F 152 -31.50 -15.24 -12.68
N LEU F 153 -31.01 -15.20 -13.92
CA LEU F 153 -29.81 -14.40 -14.21
C LEU F 153 -30.07 -12.93 -13.93
N LEU F 154 -31.18 -12.40 -14.45
CA LEU F 154 -31.53 -11.00 -14.23
C LEU F 154 -31.64 -10.70 -12.75
N LEU F 155 -32.28 -11.59 -12.00
CA LEU F 155 -32.58 -11.27 -10.60
C LEU F 155 -31.31 -11.28 -9.77
N TYR F 156 -30.52 -12.34 -9.86
CA TYR F 156 -29.37 -12.40 -8.98
C TYR F 156 -28.22 -11.53 -9.46
N SER F 157 -28.20 -11.13 -10.74
CA SER F 157 -27.26 -10.08 -11.10
C SER F 157 -27.68 -8.72 -10.52
N SER F 158 -28.98 -8.42 -10.49
CA SER F 158 -29.40 -7.17 -9.85
C SER F 158 -28.97 -7.13 -8.39
N ILE F 159 -29.30 -8.19 -7.65
CA ILE F 159 -28.91 -8.22 -6.24
C ILE F 159 -27.39 -8.13 -6.09
N LEU F 160 -26.63 -8.92 -6.87
CA LEU F 160 -25.18 -8.89 -6.77
C LEU F 160 -24.67 -7.47 -6.93
N TYR F 161 -25.10 -6.80 -8.01
CA TYR F 161 -24.61 -5.45 -8.26
C TYR F 161 -24.88 -4.55 -7.09
N ASP F 162 -26.12 -4.60 -6.53
CA ASP F 162 -26.43 -3.74 -5.39
C ASP F 162 -25.51 -3.99 -4.22
N ASN F 163 -25.07 -5.23 -4.03
CA ASN F 163 -24.05 -5.47 -2.99
C ASN F 163 -22.68 -4.91 -3.39
N LEU F 164 -22.23 -5.22 -4.61
CA LEU F 164 -20.84 -4.91 -4.99
C LEU F 164 -20.63 -3.41 -5.00
N ILE F 165 -21.66 -2.65 -5.36
CA ILE F 165 -21.50 -1.21 -5.38
C ILE F 165 -21.22 -0.67 -3.97
N HIS F 166 -21.49 -1.45 -2.92
CA HIS F 166 -21.00 -1.11 -1.60
C HIS F 166 -19.62 -1.67 -1.31
N ASP F 167 -19.41 -2.97 -1.50
CA ASP F 167 -18.13 -3.54 -1.10
C ASP F 167 -16.97 -2.93 -1.88
N LEU F 168 -17.20 -2.48 -3.11
CA LEU F 168 -16.17 -1.86 -3.93
C LEU F 168 -16.04 -0.37 -3.67
N SER F 169 -16.56 0.11 -2.54
CA SER F 169 -16.64 1.54 -2.27
C SER F 169 -15.26 2.20 -2.31
N ILE F 170 -14.22 1.43 -1.94
CA ILE F 170 -12.90 2.02 -1.79
C ILE F 170 -12.29 2.43 -3.13
N PHE F 171 -12.74 1.84 -4.24
CA PHE F 171 -12.23 2.19 -5.55
C PHE F 171 -12.93 3.41 -6.16
N PHE F 172 -14.01 3.90 -5.55
CA PHE F 172 -14.71 5.08 -6.08
C PHE F 172 -13.91 6.29 -5.66
N TYR F 173 -12.91 6.61 -6.46
CA TYR F 173 -11.91 7.57 -6.02
C TYR F 173 -12.39 9.01 -6.22
N ILE F 174 -13.19 9.26 -7.27
CA ILE F 174 -13.62 10.64 -7.51
C ILE F 174 -14.35 11.25 -6.33
N PRO F 175 -15.43 10.65 -5.80
CA PRO F 175 -16.13 11.28 -4.66
C PRO F 175 -15.25 11.39 -3.43
N ARG F 176 -14.48 10.33 -3.15
CA ARG F 176 -13.61 10.35 -1.99
C ARG F 176 -12.62 11.51 -2.07
N GLU F 177 -12.05 11.76 -3.25
CA GLU F 177 -11.04 12.80 -3.31
C GLU F 177 -11.65 14.19 -3.37
N ILE F 178 -12.82 14.36 -3.98
CA ILE F 178 -13.44 15.68 -3.90
C ILE F 178 -13.83 16.01 -2.46
N GLY F 179 -14.20 15.00 -1.69
CA GLY F 179 -14.51 15.24 -0.28
C GLY F 179 -13.27 15.55 0.53
N ASN F 180 -12.21 14.76 0.33
CA ASN F 180 -10.91 15.05 0.92
C ASN F 180 -10.46 16.46 0.61
N PHE F 181 -10.60 16.88 -0.66
CA PHE F 181 -10.23 18.22 -1.08
C PHE F 181 -10.98 19.28 -0.30
N ILE F 182 -12.32 19.24 -0.34
CA ILE F 182 -13.01 20.34 0.32
C ILE F 182 -12.80 20.30 1.83
N ASN F 183 -12.53 19.11 2.40
CA ASN F 183 -12.18 19.05 3.82
C ASN F 183 -10.86 19.75 4.10
N ASN F 184 -9.86 19.57 3.22
CA ASN F 184 -8.55 20.18 3.46
C ASN F 184 -8.62 21.70 3.41
N ILE F 185 -9.14 22.26 2.31
CA ILE F 185 -9.23 23.71 2.19
C ILE F 185 -10.17 24.27 3.27
N SER F 186 -10.06 25.58 3.50
CA SER F 186 -10.75 26.31 4.57
C SER F 186 -10.21 25.90 5.95
N ASN F 187 -10.03 24.61 6.18
CA ASN F 187 -9.37 24.09 7.37
C ASN F 187 -7.86 24.19 7.16
N PRO F 188 -7.05 23.83 8.16
CA PRO F 188 -5.60 23.79 7.95
C PRO F 188 -5.22 22.92 6.76
N THR F 189 -4.41 23.49 5.86
CA THR F 189 -3.97 22.82 4.63
C THR F 189 -5.14 22.34 3.79
N LEU F 191 -4.02 24.99 1.77
CA LEU F 191 -3.32 25.62 0.66
C LEU F 191 -3.17 24.62 -0.48
N ASN F 192 -2.05 24.69 -1.21
CA ASN F 192 -1.84 23.77 -2.34
C ASN F 192 -1.36 22.39 -1.92
N GLU F 193 -1.10 22.16 -0.62
CA GLU F 193 -1.01 20.79 -0.11
C GLU F 193 -2.19 19.97 -0.60
N ALA F 194 -3.40 20.55 -0.54
CA ALA F 194 -4.60 19.85 -0.99
C ALA F 194 -4.58 19.61 -2.49
N ASN F 195 -4.11 20.59 -3.28
CA ASN F 195 -4.00 20.36 -4.71
C ASN F 195 -3.11 19.17 -5.00
N GLN F 196 -1.94 19.11 -4.34
CA GLN F 196 -1.08 17.92 -4.51
C GLN F 196 -1.83 16.67 -4.10
N GLU F 197 -2.53 16.72 -2.97
CA GLU F 197 -3.21 15.53 -2.46
C GLU F 197 -4.21 15.02 -3.47
N LEU F 198 -4.93 15.94 -4.12
CA LEU F 198 -5.83 15.59 -5.20
C LEU F 198 -5.09 14.89 -6.35
N LEU F 199 -4.03 15.50 -6.84
CA LEU F 199 -3.35 14.89 -7.99
C LEU F 199 -2.81 13.50 -7.66
N TYR F 200 -2.17 13.36 -6.51
CA TYR F 200 -1.60 12.07 -6.13
C TYR F 200 -2.70 11.01 -5.98
N ASN F 201 -3.77 11.33 -5.21
CA ASN F 201 -4.80 10.34 -4.94
C ASN F 201 -5.62 10.01 -6.18
N MET F 202 -5.79 10.98 -7.07
CA MET F 202 -6.45 10.66 -8.32
C MET F 202 -5.61 9.69 -9.14
N THR F 203 -4.29 9.96 -9.20
CA THR F 203 -3.39 9.07 -9.92
C THR F 203 -3.47 7.65 -9.38
N LEU F 204 -3.42 7.51 -8.06
CA LEU F 204 -3.46 6.16 -7.49
C LEU F 204 -4.82 5.48 -7.71
N GLY F 205 -5.92 6.24 -7.66
CA GLY F 205 -7.23 5.66 -7.94
C GLY F 205 -7.33 5.12 -9.37
N LEU F 206 -6.87 5.93 -10.33
CA LEU F 206 -6.87 5.45 -11.72
C LEU F 206 -6.00 4.21 -11.89
N GLU F 207 -4.84 4.17 -11.22
CA GLU F 207 -3.98 3.01 -11.38
C GLU F 207 -4.62 1.77 -10.75
N ASN F 208 -5.27 1.92 -9.60
CA ASN F 208 -5.94 0.77 -9.01
C ASN F 208 -7.12 0.31 -9.85
N LEU F 209 -7.71 1.23 -10.62
CA LEU F 209 -8.67 0.78 -11.62
C LEU F 209 -7.99 0.12 -12.82
N LEU F 210 -6.71 0.43 -13.05
CA LEU F 210 -6.04 -0.08 -14.24
C LEU F 210 -5.21 -1.31 -13.99
N ASN F 211 -4.72 -1.49 -12.78
CA ASN F 211 -3.71 -2.49 -12.48
C ASN F 211 -4.28 -3.88 -12.21
N GLY F 212 -5.59 -4.02 -12.06
CA GLY F 212 -6.18 -5.28 -11.71
C GLY F 212 -6.66 -5.37 -10.29
N GLU F 213 -6.25 -4.44 -9.42
CA GLU F 213 -6.76 -4.45 -8.05
C GLU F 213 -8.28 -4.43 -8.05
N PHE F 214 -8.89 -3.66 -8.94
CA PHE F 214 -10.34 -3.60 -8.98
C PHE F 214 -10.94 -4.87 -9.56
N ASP F 215 -10.36 -5.39 -10.65
CA ASP F 215 -10.83 -6.67 -11.19
C ASP F 215 -10.59 -7.81 -10.20
N SER F 216 -9.45 -7.77 -9.49
CA SER F 216 -9.16 -8.78 -8.48
C SER F 216 -10.12 -8.67 -7.30
N ALA F 217 -10.50 -7.43 -6.94
CA ALA F 217 -11.43 -7.23 -5.82
C ALA F 217 -12.79 -7.76 -6.18
N MET F 218 -13.23 -7.50 -7.41
CA MET F 218 -14.54 -7.99 -7.84
C MET F 218 -14.56 -9.51 -7.86
N GLU F 219 -13.52 -10.11 -8.43
CA GLU F 219 -13.44 -11.55 -8.50
C GLU F 219 -13.34 -12.18 -7.12
N HIS F 220 -12.88 -11.42 -6.11
CA HIS F 220 -12.88 -11.95 -4.75
C HIS F 220 -14.24 -11.80 -4.06
N TYR F 221 -14.84 -10.60 -4.15
CA TYR F 221 -16.12 -10.35 -3.50
C TYR F 221 -17.22 -11.29 -4.01
N ALA F 222 -17.48 -11.26 -5.32
CA ALA F 222 -18.55 -12.11 -5.85
C ALA F 222 -18.28 -13.61 -5.57
N MET F 223 -17.00 -14.06 -5.64
CA MET F 223 -16.57 -15.32 -4.97
C MET F 223 -17.21 -15.53 -3.62
N ASP F 224 -16.81 -14.74 -2.62
CA ASP F 224 -17.44 -14.80 -1.27
C ASP F 224 -18.96 -14.99 -1.32
N TYR F 225 -19.69 -14.05 -1.97
CA TYR F 225 -21.16 -14.18 -2.14
C TYR F 225 -21.56 -15.57 -2.65
N MET F 226 -20.72 -16.19 -3.49
CA MET F 226 -21.00 -17.57 -3.90
C MET F 226 -20.77 -18.57 -2.76
N LYS F 227 -19.62 -18.50 -2.11
CA LYS F 227 -19.31 -19.45 -1.03
C LYS F 227 -20.38 -19.46 0.06
N ASN F 228 -20.98 -18.30 0.39
CA ASN F 228 -22.16 -18.24 1.27
C ASN F 228 -23.24 -19.24 0.83
N LYS F 229 -23.66 -19.14 -0.43
CA LYS F 229 -24.79 -19.94 -0.93
C LYS F 229 -24.43 -21.43 -1.01
N VAL F 230 -23.15 -21.76 -1.11
CA VAL F 230 -22.72 -23.15 -1.11
C VAL F 230 -22.92 -23.79 0.27
N LYS G 2 31.61 4.86 -28.83
CA LYS G 2 32.25 4.85 -27.51
C LYS G 2 31.65 3.73 -26.67
N ARG G 3 30.88 4.16 -25.66
CA ARG G 3 30.18 3.25 -24.76
C ARG G 3 28.75 2.98 -25.23
N LYS G 4 28.22 3.81 -26.12
CA LYS G 4 27.06 3.38 -26.90
C LYS G 4 27.38 2.08 -27.63
N ASP G 5 28.57 2.01 -28.22
CA ASP G 5 28.95 0.77 -28.89
C ASP G 5 29.35 -0.31 -27.89
N LEU G 6 29.92 0.06 -26.73
CA LEU G 6 30.13 -0.94 -25.67
C LEU G 6 28.81 -1.59 -25.28
N GLU G 7 27.77 -0.77 -25.09
CA GLU G 7 26.45 -1.29 -24.69
C GLU G 7 25.87 -2.16 -25.78
N SER G 8 25.92 -1.68 -27.03
CA SER G 8 25.54 -2.51 -28.17
C SER G 8 26.23 -3.87 -28.11
N LYS G 9 27.53 -3.89 -27.81
CA LYS G 9 28.27 -5.15 -27.86
C LYS G 9 27.93 -6.06 -26.68
N VAL G 10 27.79 -5.51 -25.46
CA VAL G 10 27.52 -6.38 -24.31
C VAL G 10 26.13 -6.98 -24.41
N PHE G 11 25.14 -6.17 -24.85
CA PHE G 11 23.85 -6.77 -25.17
C PHE G 11 23.97 -7.75 -26.35
N LYS G 12 24.83 -7.44 -27.33
CA LYS G 12 25.04 -8.34 -28.46
C LYS G 12 25.53 -9.70 -27.97
N ILE G 13 26.48 -9.71 -27.02
CA ILE G 13 27.04 -10.98 -26.54
C ILE G 13 26.02 -11.74 -25.71
N LEU G 14 25.24 -11.05 -24.86
CA LEU G 14 24.18 -11.77 -24.14
C LEU G 14 23.22 -12.42 -25.13
N PHE G 15 22.73 -11.65 -26.11
CA PHE G 15 21.86 -12.18 -27.16
C PHE G 15 22.43 -13.45 -27.79
N GLU G 16 23.66 -13.36 -28.35
CA GLU G 16 24.19 -14.47 -29.14
C GLU G 16 24.50 -15.68 -28.27
N SER G 17 25.02 -15.47 -27.05
CA SER G 17 25.20 -16.57 -26.11
C SER G 17 23.89 -17.31 -25.88
N LEU G 18 22.84 -16.55 -25.55
CA LEU G 18 21.57 -17.18 -25.25
C LEU G 18 20.99 -17.89 -26.48
N GLU G 19 21.18 -17.32 -27.68
CA GLU G 19 20.66 -17.95 -28.89
C GLU G 19 21.43 -19.23 -29.23
N SER G 20 22.73 -19.26 -28.92
CA SER G 20 23.47 -20.52 -29.01
C SER G 20 22.81 -21.58 -28.15
N THR G 21 22.52 -21.25 -26.89
CA THR G 21 21.86 -22.22 -26.02
C THR G 21 20.47 -22.63 -26.54
N ARG G 22 19.73 -21.69 -27.16
CA ARG G 22 18.45 -22.05 -27.78
C ARG G 22 18.64 -23.11 -28.86
N LYS G 23 19.56 -22.84 -29.80
CA LYS G 23 19.75 -23.75 -30.92
C LYS G 23 20.25 -25.10 -30.44
N ALA G 24 21.05 -25.11 -29.38
CA ALA G 24 21.38 -26.37 -28.71
C ALA G 24 20.11 -27.11 -28.30
N ILE G 25 19.21 -26.41 -27.61
CA ILE G 25 18.00 -27.05 -27.07
C ILE G 25 17.12 -27.61 -28.18
N ALA G 26 16.97 -26.87 -29.28
CA ALA G 26 16.12 -27.34 -30.39
C ALA G 26 16.51 -28.73 -30.85
N LYS G 27 17.77 -28.86 -31.27
CA LYS G 27 18.22 -30.10 -31.87
C LYS G 27 18.33 -31.21 -30.82
N GLN G 28 18.82 -30.89 -29.61
CA GLN G 28 18.89 -31.93 -28.58
C GLN G 28 17.52 -32.29 -28.00
N ASN G 29 16.49 -31.48 -28.30
CA ASN G 29 15.11 -31.80 -27.94
C ASN G 29 14.54 -32.81 -28.91
N GLN G 30 14.89 -32.70 -30.20
CA GLN G 30 14.47 -33.74 -31.15
C GLN G 30 14.93 -35.14 -30.70
N GLU G 31 15.94 -35.23 -29.82
CA GLU G 31 16.35 -36.50 -29.23
C GLU G 31 15.44 -36.90 -28.07
N LYS G 32 15.16 -35.97 -27.14
CA LYS G 32 14.41 -36.30 -25.92
C LYS G 32 12.97 -36.58 -26.30
N TRP G 33 12.76 -37.82 -26.75
CA TRP G 33 11.46 -38.38 -27.04
C TRP G 33 11.00 -39.33 -25.96
N LYS G 34 11.90 -39.75 -25.08
CA LYS G 34 11.58 -40.77 -24.10
C LYS G 34 10.69 -40.20 -23.01
N LYS G 35 11.06 -39.04 -22.47
CA LYS G 35 10.29 -38.37 -21.43
C LYS G 35 8.80 -38.28 -21.77
N TYR G 36 8.49 -37.82 -23.00
CA TYR G 36 7.13 -37.85 -23.53
C TYR G 36 6.52 -39.21 -23.26
N PHE G 37 7.18 -40.22 -23.82
CA PHE G 37 6.64 -41.56 -23.83
C PHE G 37 6.47 -42.11 -22.41
N ILE G 38 7.39 -41.76 -21.51
CA ILE G 38 7.33 -42.21 -20.13
C ILE G 38 6.09 -41.65 -19.45
N LEU G 39 5.90 -40.32 -19.52
CA LEU G 39 4.75 -39.68 -18.87
C LEU G 39 3.44 -40.22 -19.44
N ALA G 40 3.37 -40.37 -20.77
CA ALA G 40 2.18 -40.98 -21.36
C ALA G 40 1.94 -42.39 -20.83
N LYS G 41 3.00 -43.20 -20.74
CA LYS G 41 2.88 -44.56 -20.25
C LYS G 41 2.31 -44.54 -18.84
N ARG G 42 2.95 -43.81 -17.93
CA ARG G 42 2.46 -43.57 -16.58
C ARG G 42 0.94 -43.33 -16.55
N LYS G 43 0.44 -42.40 -17.38
CA LYS G 43 -1.00 -42.16 -17.38
C LYS G 43 -1.79 -43.39 -17.85
N LEU G 44 -1.29 -44.08 -18.91
CA LEU G 44 -1.93 -45.30 -19.40
C LEU G 44 -2.04 -46.34 -18.29
N LEU G 45 -0.96 -46.55 -17.57
CA LEU G 45 -0.90 -47.59 -16.56
C LEU G 45 -1.78 -47.27 -15.37
N LEU G 46 -1.80 -46.00 -14.91
CA LEU G 46 -2.68 -45.72 -13.76
C LEU G 46 -4.16 -45.81 -14.14
N SER G 47 -4.52 -45.43 -15.37
CA SER G 47 -5.86 -45.72 -15.87
C SER G 47 -6.17 -47.23 -15.78
N GLN G 48 -5.25 -48.05 -16.31
CA GLN G 48 -5.38 -49.51 -16.25
C GLN G 48 -5.58 -49.99 -14.82
N LYS G 49 -4.77 -49.47 -13.90
CA LYS G 49 -4.82 -49.89 -12.51
C LYS G 49 -6.19 -49.62 -11.91
N ILE G 50 -6.75 -48.43 -12.13
CA ILE G 50 -8.03 -48.13 -11.49
C ILE G 50 -9.14 -49.02 -12.06
N GLU G 51 -9.10 -49.28 -13.38
CA GLU G 51 -10.18 -50.10 -13.97
C GLU G 51 -10.12 -51.53 -13.43
N THR G 52 -8.91 -52.11 -13.40
CA THR G 52 -8.73 -53.44 -12.81
C THR G 52 -9.13 -53.45 -11.33
N GLU G 53 -8.65 -52.46 -10.56
CA GLU G 53 -9.06 -52.32 -9.17
C GLU G 53 -10.56 -52.47 -9.04
N LEU G 54 -11.30 -51.64 -9.78
CA LEU G 54 -12.74 -51.61 -9.54
C LEU G 54 -13.43 -52.90 -9.97
N VAL G 55 -12.92 -53.61 -10.99
CA VAL G 55 -13.53 -54.91 -11.24
C VAL G 55 -13.24 -55.86 -10.08
N LEU G 56 -12.01 -55.83 -9.55
CA LEU G 56 -11.67 -56.65 -8.38
C LEU G 56 -12.53 -56.28 -7.17
N GLU G 57 -12.76 -54.98 -6.95
CA GLU G 57 -13.55 -54.47 -5.83
C GLU G 57 -14.92 -55.11 -5.76
N GLN G 58 -15.32 -55.82 -6.80
CA GLN G 58 -16.55 -56.59 -6.76
C GLN G 58 -16.27 -58.04 -6.36
N ARG G 59 -15.76 -58.17 -5.15
CA ARG G 59 -15.63 -59.45 -4.44
C ARG G 59 -16.45 -59.36 -3.16
N ASP G 60 -17.58 -60.07 -3.12
CA ASP G 60 -18.42 -60.14 -1.93
C ASP G 60 -18.30 -61.44 -1.18
N ASP G 61 -17.91 -62.53 -1.85
CA ASP G 61 -17.83 -63.87 -1.26
C ASP G 61 -19.08 -64.14 -0.42
N ILE G 62 -20.22 -64.20 -1.12
CA ILE G 62 -21.47 -64.52 -0.42
C ILE G 62 -21.33 -65.91 0.18
N ASP G 63 -21.40 -65.98 1.50
CA ASP G 63 -21.35 -67.28 2.14
C ASP G 63 -22.65 -68.02 1.86
N ILE G 64 -22.52 -69.29 1.47
CA ILE G 64 -23.68 -70.11 1.15
C ILE G 64 -23.96 -71.02 2.34
N ASN G 65 -24.98 -71.88 2.24
CA ASN G 65 -25.34 -72.73 3.36
C ASN G 65 -25.61 -74.16 2.86
N SER G 66 -25.94 -75.07 3.80
CA SER G 66 -26.09 -76.48 3.46
C SER G 66 -27.26 -76.72 2.52
N LEU G 67 -28.12 -75.72 2.27
CA LEU G 67 -29.31 -75.89 1.45
C LEU G 67 -28.95 -75.73 -0.03
N SER G 68 -27.99 -76.58 -0.43
CA SER G 68 -27.34 -76.67 -1.76
C SER G 68 -27.35 -75.36 -2.54
N SER G 77 -12.57 -71.08 -12.64
CA SER G 77 -12.29 -70.28 -13.83
C SER G 77 -12.26 -68.79 -13.48
N VAL G 78 -13.32 -68.31 -12.83
CA VAL G 78 -13.37 -66.93 -12.36
C VAL G 78 -12.17 -66.62 -11.48
N PHE G 79 -11.83 -67.56 -10.59
CA PHE G 79 -10.66 -67.37 -9.73
C PHE G 79 -9.40 -67.11 -10.55
N LYS G 80 -9.20 -67.88 -11.63
CA LYS G 80 -8.09 -67.62 -12.53
C LYS G 80 -8.07 -66.15 -12.94
N ILE G 81 -9.22 -65.60 -13.30
CA ILE G 81 -9.25 -64.21 -13.75
C ILE G 81 -8.92 -63.26 -12.62
N TYR G 82 -9.64 -63.34 -11.48
CA TYR G 82 -9.35 -62.52 -10.31
C TYR G 82 -7.85 -62.52 -9.99
N ASP G 83 -7.23 -63.68 -10.19
CA ASP G 83 -5.76 -63.78 -10.10
C ASP G 83 -5.09 -62.90 -11.14
N LEU G 84 -5.46 -63.05 -12.42
CA LEU G 84 -4.87 -62.21 -13.47
C LEU G 84 -5.00 -60.74 -13.11
N CYS G 85 -6.18 -60.35 -12.59
CA CYS G 85 -6.45 -59.01 -12.08
C CYS G 85 -5.38 -58.56 -11.10
N GLU G 86 -5.21 -59.30 -9.99
CA GLU G 86 -4.23 -58.84 -9.02
C GLU G 86 -2.79 -58.99 -9.54
N GLN G 87 -2.54 -59.90 -10.49
CA GLN G 87 -1.24 -59.98 -11.14
C GLN G 87 -0.92 -58.69 -11.88
N LEU G 88 -1.94 -58.11 -12.52
CA LEU G 88 -1.74 -56.88 -13.25
C LEU G 88 -1.61 -55.70 -12.30
N ILE G 89 -2.42 -55.67 -11.24
CA ILE G 89 -2.23 -54.66 -10.20
C ILE G 89 -0.79 -54.69 -9.72
N SER G 90 -0.24 -55.89 -9.57
CA SER G 90 1.17 -56.07 -9.24
C SER G 90 2.06 -55.43 -10.32
N LYS G 91 2.11 -56.03 -11.52
CA LYS G 91 2.95 -55.51 -12.61
C LYS G 91 2.97 -53.99 -12.61
N ILE G 92 1.79 -53.38 -12.39
CA ILE G 92 1.67 -51.93 -12.42
C ILE G 92 2.36 -51.29 -11.21
N GLU G 93 2.11 -51.82 -9.99
CA GLU G 93 2.76 -51.22 -8.82
C GLU G 93 4.28 -51.38 -8.88
N TYR G 94 4.78 -52.45 -9.52
CA TYR G 94 6.20 -52.49 -9.84
C TYR G 94 6.54 -51.33 -10.76
N GLN G 95 5.88 -51.29 -11.92
CA GLN G 95 6.34 -50.49 -13.04
C GLN G 95 6.30 -49.00 -12.77
N LEU G 96 5.47 -48.55 -11.83
CA LEU G 96 5.35 -47.09 -11.65
C LEU G 96 6.61 -46.48 -11.05
N PRO G 97 7.10 -46.90 -9.87
CA PRO G 97 8.38 -46.34 -9.39
C PRO G 97 9.52 -46.53 -10.38
N GLN G 98 9.55 -47.66 -11.10
CA GLN G 98 10.51 -47.81 -12.18
C GLN G 98 10.44 -46.60 -13.11
N LEU G 99 9.24 -46.31 -13.63
CA LEU G 99 9.10 -45.23 -14.60
C LEU G 99 9.48 -43.88 -14.00
N GLU G 100 9.14 -43.64 -12.72
CA GLU G 100 9.51 -42.36 -12.12
C GLU G 100 11.03 -42.20 -12.03
N SER G 101 11.74 -43.27 -11.63
CA SER G 101 13.19 -43.22 -11.64
C SER G 101 13.71 -42.97 -13.06
N GLN G 102 13.11 -43.64 -14.05
CA GLN G 102 13.49 -43.41 -15.44
C GLN G 102 13.27 -41.96 -15.83
N TYR G 103 12.22 -41.34 -15.30
CA TYR G 103 11.95 -39.94 -15.57
C TYR G 103 12.92 -39.00 -14.88
N SER G 104 13.43 -39.36 -13.69
CA SER G 104 14.24 -38.36 -12.99
C SER G 104 15.69 -38.27 -13.49
N GLN G 105 16.15 -39.18 -14.34
CA GLN G 105 17.56 -39.24 -14.69
C GLN G 105 17.99 -37.95 -15.38
N PRO G 106 19.21 -37.46 -15.11
CA PRO G 106 19.70 -36.29 -15.84
C PRO G 106 20.12 -36.66 -17.28
N THR G 107 19.83 -35.75 -18.21
CA THR G 107 20.11 -35.95 -19.63
C THR G 107 20.99 -34.80 -20.13
N ASP G 108 21.13 -34.73 -21.47
CA ASP G 108 21.95 -33.69 -22.08
C ASP G 108 21.39 -32.30 -21.79
N LEU G 109 20.07 -32.14 -21.88
CA LEU G 109 19.46 -30.84 -21.66
C LEU G 109 19.74 -30.34 -20.25
N ASP G 110 19.43 -31.18 -19.25
CA ASP G 110 19.68 -30.84 -17.84
C ASP G 110 21.10 -30.33 -17.63
N TYR G 111 22.05 -30.77 -18.46
CA TYR G 111 23.40 -30.26 -18.38
C TYR G 111 23.55 -28.97 -19.17
N ILE G 112 22.90 -28.88 -20.32
CA ILE G 112 23.03 -27.70 -21.15
C ILE G 112 22.46 -26.48 -20.45
N LEU G 113 21.52 -26.69 -19.53
CA LEU G 113 20.89 -25.58 -18.80
C LEU G 113 21.30 -25.52 -17.33
N GLU G 114 22.12 -26.46 -16.85
CA GLU G 114 22.80 -26.32 -15.56
C GLU G 114 24.27 -25.97 -15.77
N ASP G 115 25.08 -26.94 -16.23
CA ASP G 115 26.54 -26.78 -16.20
C ASP G 115 27.06 -25.96 -17.37
N SER G 116 26.77 -26.40 -18.61
CA SER G 116 27.24 -25.68 -19.78
C SER G 116 26.75 -24.25 -19.81
N ALA G 117 25.64 -23.96 -19.13
CA ALA G 117 25.17 -22.60 -18.94
C ALA G 117 25.88 -21.89 -17.81
N MET G 118 25.97 -22.51 -16.63
CA MET G 118 26.54 -21.80 -15.47
C MET G 118 28.04 -21.58 -15.59
N GLN G 119 28.71 -22.27 -16.52
CA GLN G 119 30.14 -22.10 -16.75
C GLN G 119 30.40 -20.99 -17.77
N THR G 120 29.73 -21.08 -18.92
CA THR G 120 29.72 -19.96 -19.84
C THR G 120 29.24 -18.68 -19.17
N LEU G 121 28.53 -18.79 -18.05
CA LEU G 121 28.29 -17.63 -17.20
C LEU G 121 29.59 -16.99 -16.75
N LYS G 122 30.38 -17.69 -15.92
CA LYS G 122 31.68 -17.17 -15.48
C LYS G 122 32.45 -16.55 -16.63
N ARG G 123 32.44 -17.23 -17.78
CA ARG G 123 33.11 -16.67 -18.96
C ARG G 123 32.52 -15.31 -19.33
N LEU G 124 31.19 -15.19 -19.32
CA LEU G 124 30.53 -13.92 -19.67
C LEU G 124 30.81 -12.84 -18.63
N GLN G 125 30.95 -13.24 -17.37
CA GLN G 125 31.30 -12.31 -16.30
C GLN G 125 32.69 -11.73 -16.52
N ASP G 126 33.62 -12.57 -17.00
CA ASP G 126 34.97 -12.09 -17.30
C ASP G 126 34.96 -10.93 -18.29
N GLU G 127 33.91 -10.80 -19.11
CA GLU G 127 33.86 -9.74 -20.10
C GLU G 127 33.76 -8.38 -19.43
N GLU G 128 34.36 -7.38 -20.08
CA GLU G 128 34.34 -6.02 -19.57
C GLU G 128 33.02 -5.34 -19.88
N GLY G 129 32.60 -4.44 -18.98
CA GLY G 129 31.31 -3.79 -19.07
C GLY G 129 30.13 -4.63 -18.61
N TRP G 130 30.40 -5.81 -18.05
CA TRP G 130 29.38 -6.81 -17.76
C TRP G 130 29.12 -6.84 -16.26
N THR G 131 27.94 -6.33 -15.84
CA THR G 131 27.55 -6.14 -14.46
C THR G 131 26.61 -7.26 -13.99
N GLU G 132 26.09 -7.13 -12.77
CA GLU G 132 25.24 -8.15 -12.15
C GLU G 132 23.79 -8.13 -12.66
N HIS G 133 23.37 -7.03 -13.29
CA HIS G 133 22.06 -7.03 -13.92
C HIS G 133 22.03 -7.95 -15.15
N HIS G 134 23.11 -7.98 -15.95
CA HIS G 134 23.19 -8.98 -17.01
C HIS G 134 23.24 -10.38 -16.44
N SER G 135 23.86 -10.55 -15.28
CA SER G 135 23.89 -11.86 -14.63
C SER G 135 22.48 -12.32 -14.26
N ALA G 136 21.66 -11.40 -13.75
CA ALA G 136 20.26 -11.72 -13.42
C ALA G 136 19.44 -12.02 -14.68
N ILE G 137 19.59 -11.21 -15.74
CA ILE G 137 18.91 -11.51 -17.02
C ILE G 137 19.30 -12.90 -17.51
N TYR G 138 20.59 -13.22 -17.45
CA TYR G 138 21.07 -14.55 -17.85
C TYR G 138 20.34 -15.64 -17.07
N ARG G 139 20.46 -15.62 -15.73
CA ARG G 139 19.83 -16.67 -14.92
C ARG G 139 18.33 -16.81 -15.25
N GLN G 140 17.65 -15.69 -15.45
CA GLN G 140 16.20 -15.76 -15.65
C GLN G 140 15.86 -16.32 -17.02
N SER G 141 16.65 -15.98 -18.05
CA SER G 141 16.43 -16.60 -19.35
C SER G 141 16.69 -18.10 -19.30
N ILE G 142 17.62 -18.54 -18.44
CA ILE G 142 17.87 -19.97 -18.35
C ILE G 142 16.69 -20.68 -17.68
N GLN G 143 16.13 -20.07 -16.64
CA GLN G 143 14.95 -20.67 -16.01
C GLN G 143 13.75 -20.69 -16.96
N SER G 144 13.61 -19.66 -17.80
CA SER G 144 12.55 -19.67 -18.79
C SER G 144 12.75 -20.79 -19.81
N MET G 145 14.00 -21.04 -20.22
CA MET G 145 14.29 -22.18 -21.09
C MET G 145 13.96 -23.51 -20.42
N LYS G 146 14.38 -23.65 -19.17
CA LYS G 146 14.03 -24.83 -18.38
C LYS G 146 12.52 -25.06 -18.38
N ARG G 147 11.75 -24.00 -18.07
CA ARG G 147 10.31 -24.13 -18.03
C ARG G 147 9.72 -24.39 -19.41
N GLU G 148 10.35 -23.89 -20.47
CA GLU G 148 9.84 -24.17 -21.81
C GLU G 148 10.05 -25.63 -22.18
N VAL G 149 11.20 -26.19 -21.79
CA VAL G 149 11.41 -27.62 -21.96
C VAL G 149 10.39 -28.41 -21.16
N HIS G 150 10.13 -28.01 -19.93
CA HIS G 150 9.11 -28.70 -19.14
C HIS G 150 7.74 -28.62 -19.82
N THR G 151 7.42 -27.46 -20.42
CA THR G 151 6.18 -27.27 -21.15
C THR G 151 6.05 -28.31 -22.25
N ASP G 152 6.99 -28.26 -23.19
CA ASP G 152 7.25 -29.29 -24.19
C ASP G 152 6.96 -30.68 -23.63
N LEU G 153 7.55 -31.00 -22.50
CA LEU G 153 7.39 -32.33 -21.91
C LEU G 153 5.91 -32.65 -21.72
N LEU G 154 5.22 -31.81 -20.91
CA LEU G 154 3.82 -32.06 -20.57
C LEU G 154 2.92 -32.03 -21.79
N LEU G 155 3.17 -31.08 -22.69
CA LEU G 155 2.46 -30.85 -23.94
C LEU G 155 2.39 -32.11 -24.77
N TYR G 156 3.57 -32.56 -25.21
CA TYR G 156 3.61 -33.63 -26.19
C TYR G 156 3.35 -34.98 -25.55
N SER G 157 3.67 -35.15 -24.25
CA SER G 157 3.16 -36.33 -23.56
C SER G 157 1.64 -36.39 -23.59
N SER G 158 0.96 -35.25 -23.38
CA SER G 158 -0.50 -35.22 -23.48
C SER G 158 -0.99 -35.63 -24.87
N ILE G 159 -0.47 -34.98 -25.91
CA ILE G 159 -0.96 -35.30 -27.25
C ILE G 159 -0.69 -36.76 -27.58
N LEU G 160 0.51 -37.25 -27.20
CA LEU G 160 0.87 -38.65 -27.41
C LEU G 160 -0.16 -39.57 -26.78
N TYR G 161 -0.46 -39.37 -25.49
CA TYR G 161 -1.52 -40.14 -24.83
C TYR G 161 -2.82 -40.13 -25.65
N ASP G 162 -3.27 -38.92 -26.05
CA ASP G 162 -4.54 -38.81 -26.78
C ASP G 162 -4.52 -39.60 -28.09
N ASN G 163 -3.34 -39.80 -28.68
CA ASN G 163 -3.30 -40.68 -29.85
C ASN G 163 -3.28 -42.15 -29.45
N LEU G 164 -2.48 -42.46 -28.42
CA LEU G 164 -2.27 -43.86 -28.07
C LEU G 164 -3.57 -44.53 -27.71
N ILE G 165 -4.49 -43.79 -27.10
CA ILE G 165 -5.79 -44.36 -26.74
C ILE G 165 -6.48 -44.95 -27.98
N HIS G 166 -6.34 -44.28 -29.13
CA HIS G 166 -6.92 -44.83 -30.36
C HIS G 166 -6.07 -45.96 -30.91
N ASP G 167 -4.74 -45.82 -30.82
CA ASP G 167 -3.84 -46.84 -31.38
C ASP G 167 -4.00 -48.19 -30.67
N LEU G 168 -4.13 -48.18 -29.34
CA LEU G 168 -4.32 -49.39 -28.56
C LEU G 168 -5.80 -49.69 -28.31
N SER G 169 -6.68 -49.39 -29.26
CA SER G 169 -8.11 -49.64 -29.06
C SER G 169 -8.39 -51.13 -28.85
N ILE G 170 -7.56 -52.02 -29.42
CA ILE G 170 -7.87 -53.45 -29.39
C ILE G 170 -7.62 -54.06 -28.02
N PHE G 171 -6.59 -53.60 -27.29
CA PHE G 171 -6.30 -54.12 -25.96
C PHE G 171 -7.31 -53.71 -24.91
N PHE G 172 -8.23 -52.78 -25.21
CA PHE G 172 -9.26 -52.38 -24.24
C PHE G 172 -10.33 -53.44 -24.11
N TYR G 173 -9.94 -54.59 -23.60
CA TYR G 173 -10.77 -55.79 -23.69
C TYR G 173 -12.10 -55.62 -22.96
N ILE G 174 -12.15 -54.79 -21.92
CA ILE G 174 -13.24 -54.90 -20.96
C ILE G 174 -14.52 -54.27 -21.51
N PRO G 175 -14.50 -53.04 -22.07
CA PRO G 175 -15.69 -52.61 -22.80
C PRO G 175 -16.01 -53.50 -23.99
N ARG G 176 -14.98 -54.00 -24.69
CA ARG G 176 -15.19 -54.91 -25.81
C ARG G 176 -16.03 -56.12 -25.38
N GLU G 177 -15.70 -56.69 -24.24
CA GLU G 177 -16.34 -57.94 -23.87
C GLU G 177 -17.68 -57.74 -23.20
N ILE G 178 -17.88 -56.62 -22.49
CA ILE G 178 -19.26 -56.35 -22.07
C ILE G 178 -20.14 -56.08 -23.28
N GLY G 179 -19.59 -55.40 -24.30
CA GLY G 179 -20.36 -55.19 -25.52
C GLY G 179 -20.70 -56.48 -26.23
N ASN G 180 -19.73 -57.41 -26.30
CA ASN G 180 -19.99 -58.70 -26.91
C ASN G 180 -21.01 -59.49 -26.11
N PHE G 181 -20.96 -59.40 -24.78
CA PHE G 181 -21.92 -60.15 -23.97
C PHE G 181 -23.33 -59.61 -24.18
N ILE G 182 -23.50 -58.29 -24.17
CA ILE G 182 -24.83 -57.77 -24.43
C ILE G 182 -25.24 -58.01 -25.88
N ASN G 183 -24.27 -58.14 -26.80
CA ASN G 183 -24.59 -58.47 -28.18
C ASN G 183 -25.05 -59.91 -28.31
N ASN G 184 -24.42 -60.81 -27.56
CA ASN G 184 -24.75 -62.23 -27.60
C ASN G 184 -26.01 -62.54 -26.78
N ILE G 185 -26.40 -61.64 -25.86
CA ILE G 185 -27.70 -61.77 -25.20
C ILE G 185 -28.81 -61.12 -26.02
N SER G 186 -28.48 -60.10 -26.82
CA SER G 186 -29.45 -59.49 -27.74
C SER G 186 -30.02 -60.51 -28.73
N ASN G 187 -29.21 -61.49 -29.16
CA ASN G 187 -29.64 -62.61 -30.01
C ASN G 187 -29.38 -63.91 -29.26
N PRO G 188 -30.39 -64.42 -28.48
CA PRO G 188 -30.17 -65.59 -27.59
C PRO G 188 -29.30 -66.73 -28.15
N THR G 189 -28.10 -66.88 -27.60
CA THR G 189 -27.14 -67.89 -28.07
C THR G 189 -26.43 -68.51 -26.87
N SER G 190 -25.80 -69.66 -27.12
CA SER G 190 -25.04 -70.39 -26.11
C SER G 190 -25.84 -70.63 -24.83
N ASN G 195 -21.40 -66.04 -22.08
CA ASN G 195 -20.87 -66.18 -20.72
C ASN G 195 -19.48 -66.83 -20.74
N GLN G 196 -19.38 -68.01 -21.34
CA GLN G 196 -18.08 -68.68 -21.44
C GLN G 196 -17.14 -67.91 -22.35
N GLU G 197 -17.67 -67.38 -23.45
CA GLU G 197 -16.89 -66.55 -24.35
C GLU G 197 -16.39 -65.30 -23.63
N LEU G 198 -17.19 -64.78 -22.69
CA LEU G 198 -16.76 -63.67 -21.84
C LEU G 198 -15.48 -64.02 -21.11
N LEU G 199 -15.53 -65.07 -20.29
CA LEU G 199 -14.39 -65.41 -19.46
C LEU G 199 -13.16 -65.73 -20.31
N TYR G 200 -13.37 -66.39 -21.44
CA TYR G 200 -12.25 -66.72 -22.32
C TYR G 200 -11.62 -65.47 -22.92
N ASN G 201 -12.44 -64.63 -23.58
CA ASN G 201 -11.92 -63.42 -24.22
C ASN G 201 -11.28 -62.49 -23.19
N MET G 202 -11.88 -62.37 -22.01
CA MET G 202 -11.29 -61.46 -21.05
C MET G 202 -9.98 -62.02 -20.50
N THR G 203 -9.93 -63.32 -20.17
CA THR G 203 -8.65 -63.96 -19.84
C THR G 203 -7.59 -63.64 -20.90
N LEU G 204 -7.96 -63.77 -22.18
CA LEU G 204 -7.07 -63.45 -23.30
C LEU G 204 -6.54 -62.02 -23.21
N GLY G 205 -7.45 -61.07 -22.98
CA GLY G 205 -7.02 -59.67 -22.88
C GLY G 205 -6.11 -59.40 -21.69
N LEU G 206 -6.43 -60.01 -20.54
CA LEU G 206 -5.57 -59.87 -19.36
C LEU G 206 -4.16 -60.36 -19.67
N GLU G 207 -4.04 -61.52 -20.35
CA GLU G 207 -2.70 -61.98 -20.71
C GLU G 207 -2.03 -61.07 -21.74
N ASN G 208 -2.81 -60.44 -22.62
CA ASN G 208 -2.22 -59.45 -23.53
C ASN G 208 -1.63 -58.26 -22.77
N LEU G 209 -2.26 -57.89 -21.66
CA LEU G 209 -1.73 -56.80 -20.84
C LEU G 209 -0.60 -57.24 -19.91
N LEU G 210 -0.46 -58.55 -19.63
CA LEU G 210 0.61 -59.08 -18.79
C LEU G 210 1.85 -59.53 -19.58
N ASN G 211 1.66 -60.23 -20.70
CA ASN G 211 2.78 -60.82 -21.42
C ASN G 211 3.68 -59.80 -22.09
N GLY G 212 3.27 -58.53 -22.16
CA GLY G 212 4.09 -57.50 -22.75
C GLY G 212 3.80 -57.19 -24.21
N GLU G 213 2.76 -57.77 -24.80
CA GLU G 213 2.31 -57.26 -26.10
C GLU G 213 1.86 -55.82 -25.99
N PHE G 214 1.32 -55.46 -24.83
CA PHE G 214 0.84 -54.09 -24.60
C PHE G 214 1.99 -53.11 -24.48
N ASP G 215 2.93 -53.36 -23.55
CA ASP G 215 4.07 -52.46 -23.41
C ASP G 215 4.81 -52.30 -24.74
N SER G 216 4.94 -53.39 -25.50
CA SER G 216 5.70 -53.38 -26.75
C SER G 216 4.93 -52.71 -27.89
N ALA G 217 3.64 -53.05 -28.06
CA ALA G 217 2.82 -52.35 -29.05
C ALA G 217 2.75 -50.87 -28.74
N MET G 218 2.70 -50.52 -27.46
CA MET G 218 2.75 -49.13 -27.04
C MET G 218 4.04 -48.44 -27.47
N GLU G 219 5.19 -49.09 -27.22
CA GLU G 219 6.48 -48.53 -27.66
C GLU G 219 6.53 -48.40 -29.19
N HIS G 220 6.03 -49.42 -29.90
CA HIS G 220 6.07 -49.39 -31.35
C HIS G 220 5.22 -48.25 -31.87
N TYR G 221 4.03 -48.05 -31.29
CA TYR G 221 3.14 -46.99 -31.73
C TYR G 221 3.69 -45.61 -31.36
N ALA G 222 4.35 -45.48 -30.20
CA ALA G 222 4.98 -44.21 -29.86
C ALA G 222 6.07 -43.84 -30.86
N MET G 223 7.04 -44.74 -31.06
CA MET G 223 8.08 -44.52 -32.08
C MET G 223 7.47 -44.28 -33.45
N ASP G 224 6.49 -45.11 -33.83
CA ASP G 224 5.87 -45.06 -35.14
C ASP G 224 5.14 -43.74 -35.36
N TYR G 225 4.56 -43.19 -34.29
CA TYR G 225 3.92 -41.88 -34.34
C TYR G 225 4.96 -40.77 -34.49
N MET G 226 6.03 -40.82 -33.71
CA MET G 226 7.05 -39.76 -33.77
C MET G 226 7.95 -39.88 -35.00
N LYS G 227 7.62 -40.80 -35.91
CA LYS G 227 8.20 -40.84 -37.24
C LYS G 227 7.17 -40.32 -38.27
N LYS H 4 26.61 4.60 -16.05
CA LYS H 4 26.73 4.24 -14.65
C LYS H 4 25.37 4.07 -13.98
N ASP H 5 25.00 5.04 -13.15
CA ASP H 5 23.70 5.00 -12.48
C ASP H 5 22.57 4.92 -13.48
N LEU H 6 22.71 5.56 -14.64
CA LEU H 6 21.67 5.51 -15.65
C LEU H 6 21.40 4.08 -16.08
N GLU H 7 22.47 3.30 -16.30
CA GLU H 7 22.31 1.91 -16.71
C GLU H 7 21.60 1.10 -15.63
N SER H 8 22.05 1.20 -14.38
CA SER H 8 21.44 0.46 -13.29
C SER H 8 19.99 0.85 -13.11
N LYS H 9 19.67 2.13 -13.27
CA LYS H 9 18.31 2.62 -13.08
C LYS H 9 17.40 2.17 -14.22
N VAL H 10 17.88 2.24 -15.45
CA VAL H 10 17.06 1.76 -16.57
C VAL H 10 16.84 0.25 -16.44
N PHE H 11 17.82 -0.48 -15.91
CA PHE H 11 17.59 -1.89 -15.58
C PHE H 11 16.52 -2.04 -14.50
N LYS H 12 16.59 -1.20 -13.47
CA LYS H 12 15.63 -1.31 -12.37
C LYS H 12 14.22 -0.99 -12.85
N ILE H 13 14.09 -0.07 -13.81
CA ILE H 13 12.79 0.26 -14.38
C ILE H 13 12.26 -0.89 -15.23
N LEU H 14 13.12 -1.46 -16.08
CA LEU H 14 12.77 -2.67 -16.81
C LEU H 14 12.26 -3.77 -15.87
N PHE H 15 13.05 -4.09 -14.84
CA PHE H 15 12.69 -5.17 -13.91
C PHE H 15 11.39 -4.88 -13.17
N GLU H 16 11.18 -3.63 -12.74
CA GLU H 16 9.99 -3.31 -11.96
C GLU H 16 8.74 -3.36 -12.83
N SER H 17 8.81 -2.88 -14.08
CA SER H 17 7.69 -3.07 -15.00
C SER H 17 7.39 -4.56 -15.20
N LEU H 18 8.43 -5.36 -15.48
CA LEU H 18 8.19 -6.78 -15.70
C LEU H 18 7.56 -7.44 -14.47
N GLU H 19 7.96 -7.03 -13.27
CA GLU H 19 7.43 -7.70 -12.08
C GLU H 19 6.04 -7.18 -11.71
N SER H 20 5.71 -5.96 -12.13
CA SER H 20 4.31 -5.54 -12.13
C SER H 20 3.47 -6.50 -12.96
N THR H 21 3.91 -6.78 -14.19
CA THR H 21 3.16 -7.72 -15.00
C THR H 21 3.04 -9.08 -14.30
N ARG H 22 4.16 -9.58 -13.77
CA ARG H 22 4.19 -10.77 -12.91
C ARG H 22 3.05 -10.81 -11.88
N LYS H 23 2.98 -9.78 -11.02
CA LYS H 23 1.99 -9.77 -9.95
C LYS H 23 0.57 -9.62 -10.50
N ALA H 24 0.42 -9.07 -11.71
CA ALA H 24 -0.90 -9.06 -12.35
C ALA H 24 -1.35 -10.48 -12.70
N ILE H 25 -0.50 -11.22 -13.43
CA ILE H 25 -0.86 -12.60 -13.77
C ILE H 25 -1.10 -13.42 -12.50
N ALA H 26 -0.44 -13.06 -11.40
CA ALA H 26 -0.62 -13.83 -10.19
C ALA H 26 -2.08 -13.86 -9.75
N LYS H 27 -2.83 -12.77 -9.99
CA LYS H 27 -4.15 -12.57 -9.42
C LYS H 27 -5.30 -13.10 -10.29
N GLN H 28 -5.01 -13.82 -11.37
CA GLN H 28 -6.03 -14.27 -12.33
C GLN H 28 -6.33 -15.75 -12.13
N ASN H 29 -6.87 -16.09 -10.96
CA ASN H 29 -7.08 -17.49 -10.60
C ASN H 29 -8.35 -18.07 -11.22
N GLN H 30 -9.38 -17.26 -11.44
CA GLN H 30 -10.64 -17.78 -11.93
C GLN H 30 -10.46 -18.45 -13.30
N GLU H 31 -9.95 -17.70 -14.27
CA GLU H 31 -9.82 -18.26 -15.62
C GLU H 31 -8.74 -19.33 -15.66
N LYS H 32 -7.72 -19.23 -14.81
CA LYS H 32 -6.81 -20.35 -14.60
C LYS H 32 -7.57 -21.65 -14.34
N TRP H 33 -8.42 -21.66 -13.27
CA TRP H 33 -9.14 -22.88 -12.89
C TRP H 33 -10.17 -23.29 -13.90
N LYS H 34 -10.78 -22.33 -14.58
CA LYS H 34 -11.64 -22.65 -15.71
C LYS H 34 -10.89 -23.51 -16.72
N LYS H 35 -9.68 -23.11 -17.08
CA LYS H 35 -8.93 -23.86 -18.08
C LYS H 35 -8.36 -25.17 -17.51
N TYR H 36 -7.90 -25.19 -16.24
CA TYR H 36 -7.56 -26.46 -15.60
C TYR H 36 -8.68 -27.45 -15.80
N PHE H 37 -9.87 -27.01 -15.40
CA PHE H 37 -11.07 -27.81 -15.44
C PHE H 37 -11.38 -28.29 -16.86
N ILE H 38 -11.36 -27.36 -17.81
CA ILE H 38 -11.66 -27.69 -19.20
C ILE H 38 -10.73 -28.81 -19.69
N LEU H 39 -9.42 -28.66 -19.47
CA LEU H 39 -8.50 -29.71 -19.94
C LEU H 39 -8.79 -31.05 -19.27
N ALA H 40 -8.94 -31.04 -17.94
CA ALA H 40 -9.22 -32.29 -17.23
C ALA H 40 -10.45 -32.96 -17.81
N LYS H 41 -11.52 -32.17 -18.01
CA LYS H 41 -12.81 -32.68 -18.45
C LYS H 41 -12.72 -33.23 -19.84
N ARG H 42 -11.93 -32.57 -20.70
CA ARG H 42 -11.74 -33.05 -22.06
C ARG H 42 -11.12 -34.45 -22.04
N LYS H 43 -10.06 -34.64 -21.24
CA LYS H 43 -9.47 -35.97 -21.14
C LYS H 43 -10.51 -37.00 -20.69
N LEU H 44 -11.24 -36.66 -19.61
CA LEU H 44 -12.26 -37.56 -19.08
C LEU H 44 -13.25 -37.94 -20.16
N LEU H 45 -13.86 -36.93 -20.79
CA LEU H 45 -14.87 -37.17 -21.78
C LEU H 45 -14.32 -37.97 -22.96
N LEU H 46 -13.03 -37.80 -23.29
CA LEU H 46 -12.45 -38.56 -24.40
C LEU H 46 -12.40 -40.04 -24.07
N SER H 47 -11.86 -40.38 -22.90
CA SER H 47 -11.85 -41.78 -22.51
C SER H 47 -13.27 -42.34 -22.44
N GLN H 48 -14.22 -41.53 -21.98
CA GLN H 48 -15.61 -41.97 -21.91
C GLN H 48 -16.16 -42.28 -23.30
N LYS H 49 -15.86 -41.41 -24.27
CA LYS H 49 -16.34 -41.60 -25.63
C LYS H 49 -15.78 -42.87 -26.25
N ILE H 50 -14.48 -43.10 -26.08
CA ILE H 50 -13.90 -44.28 -26.71
C ILE H 50 -14.45 -45.55 -26.07
N GLU H 51 -14.64 -45.56 -24.75
CA GLU H 51 -15.30 -46.71 -24.12
C GLU H 51 -16.68 -46.94 -24.73
N THR H 52 -17.47 -45.88 -24.86
CA THR H 52 -18.85 -46.10 -25.29
C THR H 52 -18.90 -46.51 -26.76
N GLU H 53 -18.00 -45.95 -27.58
CA GLU H 53 -17.92 -46.39 -28.97
C GLU H 53 -17.51 -47.84 -29.07
N LEU H 54 -16.66 -48.32 -28.17
CA LEU H 54 -16.26 -49.72 -28.23
C LEU H 54 -17.38 -50.64 -27.79
N VAL H 55 -18.22 -50.17 -26.85
CA VAL H 55 -19.44 -50.91 -26.54
C VAL H 55 -20.34 -50.95 -27.76
N LEU H 56 -20.46 -49.83 -28.48
CA LEU H 56 -21.38 -49.78 -29.61
C LEU H 56 -20.89 -50.63 -30.79
N GLU H 57 -19.57 -50.69 -31.01
CA GLU H 57 -19.02 -51.45 -32.12
C GLU H 57 -19.38 -52.93 -32.11
N GLN H 58 -19.94 -53.44 -31.01
CA GLN H 58 -20.45 -54.81 -31.00
C GLN H 58 -21.98 -54.81 -30.91
N ARG H 59 -22.65 -54.04 -31.77
CA ARG H 59 -24.10 -54.03 -31.80
C ARG H 59 -24.69 -54.99 -32.80
N ASP H 60 -23.90 -55.39 -33.82
CA ASP H 60 -24.34 -56.30 -34.86
C ASP H 60 -25.48 -55.68 -35.67
N ASP H 61 -25.13 -55.12 -36.83
CA ASP H 61 -26.06 -54.44 -37.72
C ASP H 61 -27.34 -55.25 -37.92
N ILE H 62 -28.47 -54.66 -37.54
CA ILE H 62 -29.80 -55.25 -37.74
C ILE H 62 -30.46 -54.54 -38.92
N ASP H 63 -31.28 -55.28 -39.71
CA ASP H 63 -32.17 -54.71 -40.73
C ASP H 63 -33.44 -55.53 -40.95
N ILE H 64 -33.72 -55.95 -42.18
CA ILE H 64 -34.88 -56.84 -42.41
C ILE H 64 -34.53 -58.24 -41.91
N ASN H 65 -35.04 -58.62 -40.72
CA ASN H 65 -34.70 -59.91 -40.09
C ASN H 65 -35.81 -60.58 -39.24
N SER H 66 -35.42 -61.12 -38.09
CA SER H 66 -36.27 -62.00 -37.30
C SER H 66 -36.83 -61.25 -36.08
N LEU H 67 -38.13 -60.98 -36.11
CA LEU H 67 -38.81 -60.29 -35.01
C LEU H 67 -38.80 -61.10 -33.72
N ASN H 73 -38.57 -57.85 -23.07
CA ASN H 73 -37.70 -58.31 -21.99
C ASN H 73 -36.23 -57.93 -22.24
N GLU H 74 -35.72 -58.23 -23.43
CA GLU H 74 -34.36 -57.88 -23.82
C GLU H 74 -34.28 -56.64 -24.71
N SER H 75 -35.38 -56.27 -25.38
CA SER H 75 -35.44 -54.97 -26.03
C SER H 75 -35.09 -53.86 -25.05
N GLU H 76 -35.62 -53.95 -23.83
CA GLU H 76 -35.27 -53.01 -22.77
C GLU H 76 -33.91 -53.30 -22.16
N SER H 77 -33.33 -54.44 -22.48
CA SER H 77 -32.05 -54.78 -21.96
C SER H 77 -30.93 -54.58 -22.96
N VAL H 78 -31.22 -54.53 -24.26
CA VAL H 78 -30.08 -54.21 -25.12
C VAL H 78 -30.35 -52.93 -25.92
N PHE H 79 -31.57 -52.75 -26.42
CA PHE H 79 -31.84 -51.61 -27.27
C PHE H 79 -31.74 -50.29 -26.51
N LYS H 80 -32.29 -50.23 -25.30
CA LYS H 80 -32.22 -48.99 -24.53
C LYS H 80 -30.77 -48.59 -24.32
N ILE H 81 -29.88 -49.56 -24.13
CA ILE H 81 -28.51 -49.23 -23.82
C ILE H 81 -27.77 -48.81 -25.09
N TYR H 82 -28.02 -49.49 -26.20
CA TYR H 82 -27.41 -49.06 -27.46
C TYR H 82 -27.87 -47.65 -27.81
N ASP H 83 -29.12 -47.31 -27.50
CA ASP H 83 -29.59 -45.95 -27.69
C ASP H 83 -28.84 -44.99 -26.77
N LEU H 84 -28.89 -45.25 -25.45
CA LEU H 84 -28.20 -44.42 -24.48
C LEU H 84 -26.74 -44.22 -24.84
N CYS H 85 -26.11 -45.21 -25.46
CA CYS H 85 -24.77 -45.04 -26.00
C CYS H 85 -24.79 -44.06 -27.16
N GLU H 86 -25.72 -44.22 -28.11
CA GLU H 86 -25.80 -43.27 -29.22
C GLU H 86 -25.98 -41.84 -28.71
N GLN H 87 -26.72 -41.67 -27.62
CA GLN H 87 -26.98 -40.34 -27.08
C GLN H 87 -25.81 -39.79 -26.30
N LEU H 88 -25.18 -40.60 -25.45
CA LEU H 88 -23.96 -40.17 -24.78
C LEU H 88 -22.91 -39.78 -25.81
N ILE H 89 -22.83 -40.52 -26.93
CA ILE H 89 -21.95 -40.13 -28.02
C ILE H 89 -22.36 -38.76 -28.58
N SER H 90 -23.67 -38.55 -28.77
CA SER H 90 -24.17 -37.24 -29.20
C SER H 90 -23.72 -36.14 -28.24
N LYS H 91 -23.99 -36.34 -26.95
CA LYS H 91 -23.71 -35.33 -25.94
C LYS H 91 -22.23 -35.03 -25.90
N ILE H 92 -21.39 -36.05 -25.88
CA ILE H 92 -19.95 -35.84 -25.87
C ILE H 92 -19.51 -35.10 -27.13
N GLU H 93 -20.05 -35.49 -28.30
CA GLU H 93 -19.69 -34.78 -29.52
C GLU H 93 -20.10 -33.31 -29.46
N TYR H 94 -21.20 -33.00 -28.73
CA TYR H 94 -21.58 -31.60 -28.47
C TYR H 94 -20.62 -30.90 -27.51
N GLN H 95 -20.24 -31.59 -26.43
CA GLN H 95 -19.46 -30.94 -25.38
C GLN H 95 -18.05 -30.58 -25.82
N LEU H 96 -17.36 -31.52 -26.51
CA LEU H 96 -15.94 -31.29 -26.82
C LEU H 96 -15.70 -29.94 -27.50
N PRO H 97 -16.33 -29.67 -28.65
CA PRO H 97 -16.02 -28.39 -29.31
C PRO H 97 -16.43 -27.18 -28.48
N GLN H 98 -17.48 -27.32 -27.66
CA GLN H 98 -17.80 -26.24 -26.73
C GLN H 98 -16.63 -25.98 -25.80
N LEU H 99 -15.98 -27.05 -25.33
CA LEU H 99 -14.82 -26.89 -24.46
C LEU H 99 -13.67 -26.22 -25.20
N GLU H 100 -13.52 -26.50 -26.50
CA GLU H 100 -12.43 -25.85 -27.23
C GLU H 100 -12.76 -24.40 -27.56
N SER H 101 -14.05 -24.06 -27.66
CA SER H 101 -14.42 -22.67 -27.80
C SER H 101 -14.21 -21.93 -26.49
N GLN H 102 -14.46 -22.62 -25.39
CA GLN H 102 -14.32 -22.02 -24.07
C GLN H 102 -12.86 -21.78 -23.73
N TYR H 103 -12.00 -22.76 -24.04
CA TYR H 103 -10.57 -22.63 -23.76
C TYR H 103 -9.95 -21.50 -24.58
N SER H 104 -10.34 -21.40 -25.85
CA SER H 104 -9.86 -20.32 -26.71
C SER H 104 -10.48 -18.96 -26.42
N GLN H 105 -11.45 -18.84 -25.50
CA GLN H 105 -12.02 -17.52 -25.18
C GLN H 105 -10.92 -16.59 -24.68
N PRO H 106 -10.77 -15.40 -25.26
CA PRO H 106 -9.87 -14.40 -24.67
C PRO H 106 -10.28 -14.03 -23.26
N THR H 107 -9.34 -13.40 -22.55
CA THR H 107 -9.51 -13.08 -21.15
C THR H 107 -8.81 -11.76 -20.87
N ASP H 108 -9.08 -11.20 -19.68
CA ASP H 108 -8.27 -10.09 -19.18
C ASP H 108 -6.79 -10.43 -19.27
N LEU H 109 -6.46 -11.70 -19.08
CA LEU H 109 -5.06 -12.14 -19.06
C LEU H 109 -4.37 -11.83 -20.39
N ASP H 110 -4.99 -12.25 -21.50
CA ASP H 110 -4.50 -11.86 -22.81
C ASP H 110 -4.26 -10.36 -22.89
N TYR H 111 -5.22 -9.57 -22.40
CA TYR H 111 -5.07 -8.12 -22.39
C TYR H 111 -3.78 -7.71 -21.68
N ILE H 112 -3.57 -8.25 -20.47
CA ILE H 112 -2.36 -7.97 -19.70
C ILE H 112 -1.13 -8.24 -20.54
N LEU H 113 -1.15 -9.35 -21.29
CA LEU H 113 0.05 -9.83 -21.97
C LEU H 113 0.21 -9.34 -23.40
N GLU H 114 -0.70 -8.51 -23.91
CA GLU H 114 -0.65 -8.08 -25.31
C GLU H 114 -0.86 -6.58 -25.45
N ASP H 115 -2.12 -6.12 -25.50
CA ASP H 115 -2.40 -4.70 -25.66
C ASP H 115 -1.75 -3.88 -24.53
N SER H 116 -1.98 -4.29 -23.28
CA SER H 116 -1.39 -3.58 -22.15
C SER H 116 0.13 -3.64 -22.17
N ALA H 117 0.69 -4.82 -22.42
CA ALA H 117 2.14 -4.95 -22.45
C ALA H 117 2.75 -4.09 -23.55
N MET H 118 2.07 -3.98 -24.69
CA MET H 118 2.65 -3.17 -25.76
C MET H 118 2.48 -1.67 -25.50
N GLN H 119 1.38 -1.27 -24.87
CA GLN H 119 1.24 0.12 -24.44
C GLN H 119 2.37 0.51 -23.49
N THR H 120 2.57 -0.29 -22.43
CA THR H 120 3.67 0.04 -21.51
C THR H 120 5.01 0.05 -22.24
N LEU H 121 5.26 -0.90 -23.15
CA LEU H 121 6.51 -0.92 -23.91
C LEU H 121 6.73 0.40 -24.64
N LYS H 122 5.75 0.80 -25.46
CA LYS H 122 5.81 2.09 -26.12
C LYS H 122 6.14 3.20 -25.11
N ARG H 123 5.51 3.16 -23.93
CA ARG H 123 5.77 4.19 -22.92
C ARG H 123 7.17 4.08 -22.30
N LEU H 124 7.81 2.93 -22.40
CA LEU H 124 9.20 2.82 -21.94
C LEU H 124 10.18 3.23 -23.02
N GLN H 125 9.78 3.12 -24.29
CA GLN H 125 10.61 3.48 -25.43
C GLN H 125 10.96 4.97 -25.47
N ASP H 126 10.32 5.79 -24.66
CA ASP H 126 10.70 7.19 -24.54
C ASP H 126 11.05 7.53 -23.10
N GLU H 127 11.79 6.63 -22.46
CA GLU H 127 12.51 6.95 -21.24
C GLU H 127 13.94 7.33 -21.61
N GLU H 128 14.69 7.81 -20.62
CA GLU H 128 16.07 8.19 -20.85
C GLU H 128 16.96 6.96 -20.98
N GLY H 129 17.73 6.91 -22.06
CA GLY H 129 18.65 5.81 -22.26
C GLY H 129 17.97 4.46 -22.34
N TRP H 130 16.91 4.39 -23.15
CA TRP H 130 16.23 3.13 -23.42
C TRP H 130 16.63 2.67 -24.82
N THR H 131 17.17 1.46 -24.91
CA THR H 131 17.79 0.95 -26.13
C THR H 131 16.93 -0.16 -26.71
N GLU H 132 16.94 -0.30 -28.05
CA GLU H 132 16.18 -1.38 -28.71
C GLU H 132 16.46 -2.73 -28.08
N HIS H 133 17.56 -2.84 -27.34
CA HIS H 133 17.90 -4.09 -26.67
C HIS H 133 17.08 -4.26 -25.41
N HIS H 134 16.89 -3.17 -24.65
CA HIS H 134 15.91 -3.19 -23.57
C HIS H 134 14.54 -3.65 -24.07
N SER H 135 14.09 -3.11 -25.21
CA SER H 135 12.79 -3.47 -25.77
C SER H 135 12.74 -4.94 -26.16
N ALA H 136 13.82 -5.47 -26.75
CA ALA H 136 13.82 -6.89 -27.08
C ALA H 136 13.83 -7.76 -25.82
N ILE H 137 14.57 -7.34 -24.79
CA ILE H 137 14.49 -8.01 -23.49
C ILE H 137 13.05 -8.02 -22.98
N TYR H 138 12.39 -6.86 -23.08
CA TYR H 138 11.01 -6.74 -22.61
C TYR H 138 10.12 -7.73 -23.34
N ARG H 139 10.19 -7.75 -24.66
CA ARG H 139 9.29 -8.62 -25.39
C ARG H 139 9.61 -10.08 -25.10
N GLN H 140 10.89 -10.42 -24.92
CA GLN H 140 11.26 -11.78 -24.54
C GLN H 140 10.65 -12.16 -23.20
N SER H 141 10.72 -11.27 -22.21
CA SER H 141 10.15 -11.61 -20.89
C SER H 141 8.63 -11.70 -20.94
N ILE H 142 7.97 -10.89 -21.78
CA ILE H 142 6.52 -11.02 -21.96
C ILE H 142 6.19 -12.40 -22.55
N GLN H 143 6.89 -12.78 -23.63
CA GLN H 143 6.62 -14.08 -24.24
C GLN H 143 6.95 -15.21 -23.26
N SER H 144 7.87 -14.94 -22.34
CA SER H 144 8.20 -15.95 -21.34
C SER H 144 7.05 -16.14 -20.37
N MET H 145 6.53 -15.04 -19.83
CA MET H 145 5.38 -15.12 -18.92
C MET H 145 4.19 -15.77 -19.61
N LYS H 146 4.02 -15.47 -20.91
CA LYS H 146 2.95 -16.07 -21.68
C LYS H 146 3.14 -17.57 -21.80
N ARG H 147 4.40 -18.04 -21.93
CA ARG H 147 4.67 -19.46 -22.02
C ARG H 147 4.47 -20.15 -20.66
N GLU H 148 4.88 -19.48 -19.60
CA GLU H 148 4.77 -20.08 -18.27
C GLU H 148 3.32 -20.19 -17.81
N VAL H 149 2.43 -19.26 -18.20
CA VAL H 149 1.03 -19.46 -17.84
C VAL H 149 0.47 -20.72 -18.49
N HIS H 150 0.88 -20.97 -19.75
CA HIS H 150 0.63 -22.29 -20.35
C HIS H 150 1.12 -23.41 -19.45
N THR H 151 2.43 -23.45 -19.17
CA THR H 151 3.00 -24.46 -18.27
C THR H 151 2.13 -24.70 -17.03
N ASP H 152 1.72 -23.62 -16.36
CA ASP H 152 0.86 -23.68 -15.18
C ASP H 152 -0.43 -24.46 -15.48
N LEU H 153 -1.09 -24.10 -16.60
CA LEU H 153 -2.23 -24.85 -17.08
C LEU H 153 -1.94 -26.35 -17.20
N LEU H 154 -0.94 -26.73 -18.02
CA LEU H 154 -0.65 -28.15 -18.27
C LEU H 154 -0.38 -28.92 -16.97
N LEU H 155 0.48 -28.36 -16.12
CA LEU H 155 0.84 -29.02 -14.87
C LEU H 155 -0.39 -29.26 -13.99
N TYR H 156 -1.12 -28.20 -13.66
CA TYR H 156 -2.24 -28.39 -12.74
C TYR H 156 -3.34 -29.22 -13.39
N SER H 157 -3.52 -29.15 -14.70
CA SER H 157 -4.60 -29.93 -15.30
C SER H 157 -4.28 -31.41 -15.27
N SER H 158 -3.01 -31.79 -15.41
CA SER H 158 -2.67 -33.20 -15.24
C SER H 158 -2.90 -33.62 -13.79
N ILE H 159 -2.42 -32.81 -12.83
CA ILE H 159 -2.57 -33.18 -11.42
C ILE H 159 -4.05 -33.36 -11.05
N LEU H 160 -4.88 -32.40 -11.49
CA LEU H 160 -6.33 -32.49 -11.37
C LEU H 160 -6.80 -33.82 -11.94
N TYR H 161 -6.66 -34.07 -13.26
CA TYR H 161 -7.12 -35.33 -13.85
C TYR H 161 -6.82 -36.53 -12.98
N ASP H 162 -5.58 -36.61 -12.48
CA ASP H 162 -5.20 -37.76 -11.67
C ASP H 162 -6.04 -37.83 -10.39
N ASN H 163 -6.33 -36.68 -9.78
CA ASN H 163 -7.29 -36.68 -8.67
C ASN H 163 -8.69 -37.15 -9.13
N LEU H 164 -9.20 -36.62 -10.26
CA LEU H 164 -10.62 -36.84 -10.60
C LEU H 164 -10.90 -38.27 -10.99
N ILE H 165 -9.92 -38.94 -11.61
CA ILE H 165 -10.21 -40.30 -12.06
C ILE H 165 -10.45 -41.19 -10.85
N HIS H 166 -9.81 -40.88 -9.73
CA HIS H 166 -10.05 -41.60 -8.49
C HIS H 166 -11.32 -41.10 -7.78
N ASP H 167 -11.48 -39.77 -7.66
CA ASP H 167 -12.63 -39.17 -6.97
C ASP H 167 -13.96 -39.53 -7.62
N LEU H 168 -13.93 -39.88 -8.91
CA LEU H 168 -15.13 -40.12 -9.72
C LEU H 168 -15.29 -41.59 -10.08
N SER H 169 -14.70 -42.48 -9.29
CA SER H 169 -14.77 -43.90 -9.61
C SER H 169 -16.20 -44.43 -9.64
N ILE H 170 -17.14 -43.80 -8.94
CA ILE H 170 -18.48 -44.39 -8.83
C ILE H 170 -19.23 -44.31 -10.15
N PHE H 171 -18.90 -43.35 -11.01
CA PHE H 171 -19.55 -43.27 -12.31
C PHE H 171 -19.01 -44.29 -13.31
N PHE H 172 -17.91 -44.99 -12.99
CA PHE H 172 -17.25 -45.92 -13.90
C PHE H 172 -17.96 -47.28 -13.86
N TYR H 173 -19.18 -47.29 -14.39
CA TYR H 173 -20.07 -48.43 -14.25
C TYR H 173 -19.56 -49.68 -14.93
N ILE H 174 -18.65 -49.58 -15.88
CA ILE H 174 -18.49 -50.70 -16.79
C ILE H 174 -17.46 -51.70 -16.25
N PRO H 175 -16.28 -51.28 -15.75
CA PRO H 175 -15.51 -52.24 -14.93
C PRO H 175 -16.28 -52.72 -13.72
N ARG H 176 -17.00 -51.81 -13.05
CA ARG H 176 -17.77 -52.18 -11.88
C ARG H 176 -18.79 -53.26 -12.19
N GLU H 177 -19.45 -53.15 -13.33
CA GLU H 177 -20.52 -54.09 -13.63
C GLU H 177 -19.96 -55.40 -14.15
N ILE H 178 -18.86 -55.38 -14.90
CA ILE H 178 -18.24 -56.65 -15.24
C ILE H 178 -17.82 -57.38 -13.96
N GLY H 179 -17.36 -56.63 -12.96
CA GLY H 179 -17.06 -57.23 -11.68
C GLY H 179 -18.27 -57.84 -10.99
N ASN H 180 -19.30 -57.02 -10.77
CA ASN H 180 -20.53 -57.45 -10.11
C ASN H 180 -21.27 -58.51 -10.92
N PHE H 181 -20.89 -58.74 -12.17
CA PHE H 181 -21.44 -59.85 -12.94
C PHE H 181 -20.63 -61.12 -12.73
N ILE H 182 -19.30 -61.06 -12.96
CA ILE H 182 -18.52 -62.30 -12.81
C ILE H 182 -18.55 -62.79 -11.37
N ASN H 183 -18.84 -61.89 -10.42
CA ASN H 183 -18.89 -62.30 -9.03
C ASN H 183 -20.18 -63.06 -8.72
N ASN H 184 -21.31 -62.57 -9.22
CA ASN H 184 -22.56 -63.31 -9.05
C ASN H 184 -22.70 -64.53 -9.96
N ILE H 185 -21.86 -64.66 -11.00
CA ILE H 185 -21.87 -65.94 -11.72
C ILE H 185 -20.94 -66.94 -11.03
N SER H 186 -19.92 -66.48 -10.30
CA SER H 186 -19.27 -67.43 -9.41
C SER H 186 -20.19 -67.87 -8.27
N ASN H 187 -21.27 -67.11 -8.01
CA ASN H 187 -22.25 -67.36 -6.95
C ASN H 187 -23.52 -67.95 -7.53
N PRO H 188 -24.44 -68.44 -6.66
CA PRO H 188 -25.77 -68.81 -7.15
C PRO H 188 -26.66 -67.60 -7.43
N ALA H 194 -30.32 -63.27 -12.10
CA ALA H 194 -28.97 -63.17 -11.56
C ALA H 194 -28.04 -62.34 -12.48
N ASN H 195 -28.37 -62.27 -13.76
CA ASN H 195 -27.53 -61.65 -14.78
C ASN H 195 -28.03 -60.29 -15.23
N GLN H 196 -29.34 -60.17 -15.45
CA GLN H 196 -29.99 -58.91 -15.81
C GLN H 196 -29.58 -57.74 -14.92
N GLU H 197 -29.16 -58.01 -13.67
CA GLU H 197 -28.56 -56.97 -12.84
C GLU H 197 -27.53 -56.17 -13.64
N LEU H 198 -26.79 -56.83 -14.51
CA LEU H 198 -25.83 -56.15 -15.39
C LEU H 198 -26.55 -55.12 -16.25
N LEU H 199 -27.57 -55.56 -16.98
CA LEU H 199 -28.28 -54.67 -17.89
C LEU H 199 -28.90 -53.51 -17.13
N TYR H 200 -29.52 -53.80 -15.99
CA TYR H 200 -30.11 -52.84 -15.09
C TYR H 200 -29.10 -51.77 -14.66
N ASN H 201 -28.12 -52.15 -13.82
CA ASN H 201 -27.10 -51.22 -13.36
C ASN H 201 -26.41 -50.49 -14.50
N MET H 202 -26.23 -51.15 -15.65
CA MET H 202 -25.74 -50.44 -16.81
C MET H 202 -26.61 -49.23 -17.12
N THR H 203 -27.85 -49.46 -17.58
CA THR H 203 -28.74 -48.34 -17.94
C THR H 203 -28.59 -47.18 -16.97
N LEU H 204 -28.52 -47.50 -15.67
CA LEU H 204 -28.33 -46.49 -14.64
C LEU H 204 -27.01 -45.75 -14.80
N GLY H 205 -25.91 -46.49 -15.01
CA GLY H 205 -24.63 -45.82 -15.23
C GLY H 205 -24.67 -44.90 -16.43
N LEU H 206 -25.21 -45.40 -17.56
CA LEU H 206 -25.31 -44.58 -18.76
C LEU H 206 -26.19 -43.36 -18.53
N GLU H 207 -27.26 -43.49 -17.73
CA GLU H 207 -28.10 -42.33 -17.44
C GLU H 207 -27.35 -41.31 -16.59
N ASN H 208 -26.70 -41.78 -15.52
CA ASN H 208 -25.93 -40.92 -14.65
C ASN H 208 -24.85 -40.17 -15.41
N LEU H 209 -24.34 -40.74 -16.50
CA LEU H 209 -23.42 -40.01 -17.38
C LEU H 209 -24.13 -39.11 -18.36
N LEU H 210 -25.41 -39.36 -18.64
CA LEU H 210 -26.18 -38.53 -19.55
C LEU H 210 -27.04 -37.47 -18.86
N ASN H 211 -27.51 -37.71 -17.63
CA ASN H 211 -28.51 -36.84 -16.98
C ASN H 211 -27.91 -35.62 -16.26
N GLY H 212 -26.58 -35.47 -16.25
CA GLY H 212 -25.91 -34.37 -15.59
C GLY H 212 -25.20 -34.73 -14.31
N GLU H 213 -25.48 -35.91 -13.75
CA GLU H 213 -24.89 -36.30 -12.47
C GLU H 213 -23.38 -36.30 -12.56
N PHE H 214 -22.84 -36.87 -13.64
CA PHE H 214 -21.40 -36.92 -13.83
C PHE H 214 -20.80 -35.51 -13.97
N ASP H 215 -21.37 -34.71 -14.88
CA ASP H 215 -20.99 -33.31 -15.01
C ASP H 215 -20.94 -32.58 -13.67
N SER H 216 -22.03 -32.63 -12.89
CA SER H 216 -22.13 -31.86 -11.65
C SER H 216 -21.30 -32.43 -10.52
N ALA H 217 -21.11 -33.76 -10.50
CA ALA H 217 -20.10 -34.34 -9.61
C ALA H 217 -18.73 -33.75 -9.90
N MET H 218 -18.39 -33.65 -11.18
CA MET H 218 -17.10 -33.09 -11.59
C MET H 218 -16.97 -31.62 -11.20
N GLU H 219 -18.02 -30.83 -11.47
CA GLU H 219 -18.03 -29.42 -11.07
C GLU H 219 -17.81 -29.30 -9.56
N HIS H 220 -18.44 -30.17 -8.78
CA HIS H 220 -18.31 -30.15 -7.34
C HIS H 220 -16.86 -30.39 -6.91
N TYR H 221 -16.28 -31.51 -7.35
CA TYR H 221 -14.92 -31.81 -6.93
C TYR H 221 -13.94 -30.73 -7.38
N ALA H 222 -14.14 -30.17 -8.58
CA ALA H 222 -13.22 -29.15 -9.05
C ALA H 222 -13.32 -27.88 -8.23
N MET H 223 -14.54 -27.51 -7.83
CA MET H 223 -14.75 -26.43 -6.88
C MET H 223 -13.98 -26.68 -5.59
N ASP H 224 -14.21 -27.86 -5.00
CA ASP H 224 -13.56 -28.25 -3.74
C ASP H 224 -12.04 -28.11 -3.84
N TYR H 225 -11.46 -28.59 -4.94
CA TYR H 225 -10.01 -28.49 -5.11
C TYR H 225 -9.57 -27.04 -5.30
N MET H 226 -10.33 -26.26 -6.09
CA MET H 226 -10.03 -24.83 -6.24
C MET H 226 -9.89 -24.19 -4.87
N LYS H 227 -10.70 -24.62 -3.91
CA LYS H 227 -10.67 -24.00 -2.58
C LYS H 227 -9.54 -24.56 -1.71
N ASN H 228 -9.62 -25.85 -1.34
CA ASN H 228 -8.72 -26.35 -0.29
C ASN H 228 -7.25 -26.35 -0.74
N LYS H 229 -6.97 -26.55 -2.03
CA LYS H 229 -5.58 -26.60 -2.48
C LYS H 229 -4.86 -25.29 -2.19
N VAL H 230 -5.57 -24.17 -2.31
CA VAL H 230 -5.02 -22.88 -1.91
C VAL H 230 -5.42 -22.63 -0.46
#